data_2EDW
#
_entry.id   2EDW
#
_entity_poly.entity_id   1
_entity_poly.type   'polypeptide(L)'
_entity_poly.pdbx_seq_one_letter_code
;GSSGSSGPARFIEDVKNQEAREGATAVLQCELNSAAPVEWRKGSETLRDGDRYSLRQDGTKCELQIRGLAMADTGEYSCV
CGQERTSAMLTVRALPIKFTESGPSSG
;
_entity_poly.pdbx_strand_id   A
#
# COMPACT_ATOMS: atom_id res chain seq x y z
N GLY A 1 10.36 26.92 23.49
CA GLY A 1 11.33 26.93 24.57
C GLY A 1 11.79 25.53 24.93
N SER A 2 10.98 24.82 25.69
CA SER A 2 11.31 23.46 26.12
C SER A 2 11.01 22.45 25.01
N SER A 3 11.89 21.47 24.85
CA SER A 3 11.72 20.45 23.84
C SER A 3 11.36 21.08 22.49
N GLY A 4 12.03 22.18 22.16
CA GLY A 4 11.78 22.86 20.91
C GLY A 4 12.45 22.17 19.73
N SER A 5 11.70 21.31 19.05
CA SER A 5 12.23 20.58 17.90
C SER A 5 11.21 20.55 16.76
N SER A 6 11.71 20.52 15.53
CA SER A 6 10.85 20.49 14.37
C SER A 6 11.65 20.16 13.11
N GLY A 7 10.97 19.58 12.11
CA GLY A 7 11.64 19.24 10.87
C GLY A 7 11.05 17.99 10.23
N PRO A 8 11.70 16.85 10.44
CA PRO A 8 11.25 15.56 9.89
C PRO A 8 9.98 15.06 10.54
N ALA A 9 9.28 14.17 9.86
CA ALA A 9 8.03 13.61 10.37
C ALA A 9 8.15 12.10 10.59
N ARG A 10 7.47 11.60 11.61
CA ARG A 10 7.50 10.18 11.92
C ARG A 10 6.11 9.56 11.78
N PHE A 11 6.06 8.36 11.22
CA PHE A 11 4.79 7.66 11.03
C PHE A 11 4.20 7.23 12.37
N ILE A 12 3.29 8.05 12.89
CA ILE A 12 2.65 7.76 14.17
C ILE A 12 1.79 6.51 14.07
N GLU A 13 1.23 6.26 12.89
CA GLU A 13 0.39 5.09 12.67
C GLU A 13 0.89 4.28 11.47
N ASP A 14 1.24 3.03 11.72
CA ASP A 14 1.72 2.15 10.66
C ASP A 14 0.56 1.50 9.92
N VAL A 15 0.59 1.59 8.60
CA VAL A 15 -0.46 1.00 7.77
C VAL A 15 -0.76 -0.43 8.18
N LYS A 16 -1.91 -0.94 7.76
CA LYS A 16 -2.31 -2.30 8.09
C LYS A 16 -2.12 -3.23 6.88
N ASN A 17 -1.87 -4.50 7.16
CA ASN A 17 -1.67 -5.49 6.10
C ASN A 17 -2.64 -5.24 4.95
N GLN A 18 -2.20 -5.57 3.74
CA GLN A 18 -3.02 -5.39 2.54
C GLN A 18 -3.45 -6.73 1.97
N GLU A 19 -4.73 -6.88 1.68
CA GLU A 19 -5.26 -8.12 1.12
C GLU A 19 -6.39 -7.83 0.14
N ALA A 20 -6.25 -8.33 -1.09
CA ALA A 20 -7.26 -8.13 -2.12
C ALA A 20 -7.12 -9.16 -3.23
N ARG A 21 -8.25 -9.70 -3.68
CA ARG A 21 -8.26 -10.70 -4.73
C ARG A 21 -7.75 -10.11 -6.04
N GLU A 22 -7.08 -10.95 -6.85
CA GLU A 22 -6.54 -10.50 -8.12
C GLU A 22 -7.52 -9.60 -8.85
N GLY A 23 -6.98 -8.70 -9.68
CA GLY A 23 -7.83 -7.78 -10.42
C GLY A 23 -8.57 -6.81 -9.51
N ALA A 24 -7.97 -6.50 -8.37
CA ALA A 24 -8.58 -5.58 -7.41
C ALA A 24 -7.74 -4.31 -7.27
N THR A 25 -8.14 -3.45 -6.35
CA THR A 25 -7.43 -2.19 -6.11
C THR A 25 -7.06 -2.05 -4.64
N ALA A 26 -5.80 -2.29 -4.31
CA ALA A 26 -5.32 -2.18 -2.95
C ALA A 26 -5.42 -0.74 -2.44
N VAL A 27 -5.32 -0.58 -1.13
CA VAL A 27 -5.42 0.75 -0.52
C VAL A 27 -4.57 0.82 0.75
N LEU A 28 -3.46 1.56 0.67
CA LEU A 28 -2.57 1.72 1.81
C LEU A 28 -2.68 3.12 2.40
N GLN A 29 -3.21 3.21 3.61
CA GLN A 29 -3.37 4.50 4.29
C GLN A 29 -2.52 4.56 5.55
N CYS A 30 -2.03 5.75 5.87
CA CYS A 30 -1.20 5.94 7.06
C CYS A 30 -1.41 7.34 7.65
N GLU A 31 -0.71 7.61 8.74
CA GLU A 31 -0.81 8.91 9.40
C GLU A 31 0.56 9.41 9.85
N LEU A 32 0.74 10.73 9.85
CA LEU A 32 2.00 11.33 10.26
C LEU A 32 1.79 12.31 11.40
N ASN A 33 2.82 12.48 12.23
CA ASN A 33 2.75 13.39 13.37
C ASN A 33 2.65 14.84 12.90
N SER A 34 3.08 15.09 11.67
CA SER A 34 3.05 16.43 11.11
C SER A 34 2.95 16.37 9.57
N ALA A 35 2.31 17.38 9.00
CA ALA A 35 2.14 17.45 7.56
C ALA A 35 3.48 17.25 6.84
N ALA A 36 3.59 16.14 6.12
CA ALA A 36 4.82 15.83 5.38
C ALA A 36 4.54 14.85 4.25
N PRO A 37 5.35 14.94 3.18
CA PRO A 37 5.21 14.07 2.01
C PRO A 37 5.62 12.63 2.31
N VAL A 38 5.46 11.76 1.32
CA VAL A 38 5.81 10.35 1.48
C VAL A 38 6.25 9.73 0.15
N GLU A 39 6.86 8.56 0.22
CA GLU A 39 7.32 7.87 -0.98
C GLU A 39 6.94 6.39 -0.93
N TRP A 40 5.75 6.07 -1.42
CA TRP A 40 5.28 4.69 -1.43
C TRP A 40 6.24 3.78 -2.19
N ARG A 41 6.83 2.83 -1.49
CA ARG A 41 7.77 1.90 -2.10
C ARG A 41 7.12 0.54 -2.34
N LYS A 42 7.90 -0.40 -2.85
CA LYS A 42 7.40 -1.74 -3.12
C LYS A 42 8.55 -2.70 -3.43
N GLY A 43 8.53 -3.87 -2.79
CA GLY A 43 9.56 -4.85 -3.00
C GLY A 43 10.92 -4.22 -3.26
N SER A 44 11.25 -3.20 -2.48
CA SER A 44 12.52 -2.50 -2.63
C SER A 44 12.53 -1.65 -3.90
N GLU A 45 11.48 -0.85 -4.07
CA GLU A 45 11.36 0.02 -5.23
C GLU A 45 10.48 1.22 -4.93
N THR A 46 10.82 2.36 -5.52
CA THR A 46 10.05 3.58 -5.31
C THR A 46 8.92 3.70 -6.32
N LEU A 47 7.72 3.99 -5.82
CA LEU A 47 6.54 4.12 -6.68
C LEU A 47 6.18 5.59 -6.87
N ARG A 48 5.34 5.86 -7.87
CA ARG A 48 4.91 7.22 -8.16
C ARG A 48 3.47 7.25 -8.65
N ASP A 49 2.74 8.29 -8.26
CA ASP A 49 1.34 8.43 -8.66
C ASP A 49 1.22 8.52 -10.18
N GLY A 50 0.33 7.71 -10.75
CA GLY A 50 0.13 7.72 -12.18
C GLY A 50 -1.21 7.14 -12.58
N ASP A 51 -1.18 6.13 -13.46
CA ASP A 51 -2.40 5.48 -13.92
C ASP A 51 -2.79 4.32 -13.01
N ARG A 52 -1.83 3.43 -12.75
CA ARG A 52 -2.06 2.28 -11.90
C ARG A 52 -1.98 2.67 -10.42
N TYR A 53 -1.01 3.51 -10.10
CA TYR A 53 -0.82 3.96 -8.72
C TYR A 53 -1.52 5.29 -8.48
N SER A 54 -2.13 5.43 -7.31
CA SER A 54 -2.84 6.66 -6.95
C SER A 54 -2.49 7.08 -5.53
N LEU A 55 -1.59 8.04 -5.40
CA LEU A 55 -1.18 8.54 -4.09
C LEU A 55 -1.94 9.81 -3.72
N ARG A 56 -2.67 9.77 -2.62
CA ARG A 56 -3.44 10.91 -2.16
C ARG A 56 -3.16 11.21 -0.69
N GLN A 57 -2.84 12.47 -0.41
CA GLN A 57 -2.54 12.89 0.97
C GLN A 57 -3.49 14.00 1.42
N ASP A 58 -3.86 13.97 2.69
CA ASP A 58 -4.75 14.98 3.24
C ASP A 58 -4.21 15.53 4.55
N GLY A 59 -3.19 16.39 4.45
CA GLY A 59 -2.59 16.98 5.63
C GLY A 59 -1.53 16.09 6.25
N THR A 60 -1.95 15.22 7.17
CA THR A 60 -1.04 14.31 7.85
C THR A 60 -1.26 12.88 7.40
N LYS A 61 -2.46 12.60 6.90
CA LYS A 61 -2.81 11.26 6.43
C LYS A 61 -2.40 11.06 4.99
N CYS A 62 -2.12 9.82 4.62
CA CYS A 62 -1.71 9.49 3.25
C CYS A 62 -2.55 8.36 2.69
N GLU A 63 -2.38 8.08 1.40
CA GLU A 63 -3.11 7.02 0.74
C GLU A 63 -2.43 6.59 -0.55
N LEU A 64 -2.54 5.30 -0.88
CA LEU A 64 -1.93 4.77 -2.10
C LEU A 64 -2.74 3.58 -2.64
N GLN A 65 -3.20 3.71 -3.87
CA GLN A 65 -3.99 2.67 -4.51
C GLN A 65 -3.17 1.97 -5.60
N ILE A 66 -3.41 0.67 -5.75
CA ILE A 66 -2.70 -0.11 -6.76
C ILE A 66 -3.67 -0.82 -7.70
N ARG A 67 -3.92 -0.20 -8.85
CA ARG A 67 -4.84 -0.76 -9.83
C ARG A 67 -4.16 -1.85 -10.66
N GLY A 68 -4.76 -3.02 -10.71
CA GLY A 68 -4.19 -4.13 -11.47
C GLY A 68 -3.44 -5.11 -10.58
N LEU A 69 -4.03 -5.42 -9.43
CA LEU A 69 -3.41 -6.36 -8.50
C LEU A 69 -3.26 -7.74 -9.13
N ALA A 70 -2.03 -8.24 -9.16
CA ALA A 70 -1.74 -9.54 -9.74
C ALA A 70 -0.82 -10.35 -8.82
N MET A 71 -0.68 -11.64 -9.14
CA MET A 71 0.18 -12.52 -8.34
C MET A 71 1.55 -11.89 -8.12
N ALA A 72 2.13 -11.36 -9.19
CA ALA A 72 3.44 -10.73 -9.10
C ALA A 72 3.44 -9.58 -8.10
N ASP A 73 2.43 -8.71 -8.21
CA ASP A 73 2.31 -7.57 -7.32
C ASP A 73 2.51 -7.99 -5.87
N THR A 74 2.06 -9.20 -5.54
CA THR A 74 2.18 -9.72 -4.18
C THR A 74 3.59 -9.49 -3.63
N GLY A 75 3.74 -8.46 -2.80
CA GLY A 75 5.03 -8.16 -2.22
C GLY A 75 4.92 -7.35 -0.95
N GLU A 76 5.96 -6.59 -0.64
CA GLU A 76 5.99 -5.76 0.57
C GLU A 76 6.10 -4.28 0.20
N TYR A 77 5.16 -3.49 0.70
CA TYR A 77 5.15 -2.06 0.42
C TYR A 77 5.54 -1.26 1.67
N SER A 78 6.33 -0.22 1.49
CA SER A 78 6.78 0.61 2.60
C SER A 78 6.62 2.10 2.26
N CYS A 79 5.99 2.85 3.16
CA CYS A 79 5.78 4.27 2.95
C CYS A 79 6.79 5.09 3.75
N VAL A 80 7.77 5.65 3.04
CA VAL A 80 8.81 6.46 3.68
C VAL A 80 8.48 7.94 3.60
N CYS A 81 8.73 8.67 4.68
CA CYS A 81 8.45 10.09 4.73
C CYS A 81 9.66 10.86 5.26
N GLY A 82 10.83 10.21 5.25
CA GLY A 82 12.04 10.85 5.73
C GLY A 82 13.05 9.84 6.24
N GLN A 83 13.12 9.69 7.56
CA GLN A 83 14.06 8.77 8.18
C GLN A 83 13.37 7.45 8.53
N GLU A 84 12.09 7.54 8.89
CA GLU A 84 11.32 6.36 9.25
C GLU A 84 10.35 5.98 8.13
N ARG A 85 9.78 4.77 8.23
CA ARG A 85 8.85 4.29 7.23
C ARG A 85 8.05 3.11 7.76
N THR A 86 6.90 2.83 7.13
CA THR A 86 6.05 1.73 7.55
C THR A 86 6.13 0.58 6.55
N SER A 87 5.39 -0.49 6.84
CA SER A 87 5.38 -1.66 5.96
C SER A 87 4.12 -2.49 6.18
N ALA A 88 3.55 -2.99 5.09
CA ALA A 88 2.33 -3.81 5.16
C ALA A 88 2.31 -4.84 4.05
N MET A 89 2.50 -6.10 4.42
CA MET A 89 2.49 -7.20 3.45
C MET A 89 1.21 -7.18 2.62
N LEU A 90 1.37 -7.21 1.31
CA LEU A 90 0.22 -7.20 0.40
C LEU A 90 0.06 -8.55 -0.28
N THR A 91 -0.99 -9.28 0.10
CA THR A 91 -1.26 -10.59 -0.47
C THR A 91 -2.36 -10.50 -1.52
N VAL A 92 -2.06 -11.00 -2.73
CA VAL A 92 -3.02 -10.98 -3.82
C VAL A 92 -3.66 -12.35 -4.01
N ARG A 93 -4.78 -12.58 -3.34
CA ARG A 93 -5.49 -13.86 -3.43
C ARG A 93 -6.01 -14.08 -4.85
N ALA A 94 -5.33 -14.97 -5.59
CA ALA A 94 -5.74 -15.27 -6.95
C ALA A 94 -7.22 -15.61 -7.03
N LEU A 95 -7.90 -14.98 -7.98
CA LEU A 95 -9.34 -15.21 -8.16
C LEU A 95 -9.62 -16.67 -8.52
N PRO A 96 -10.82 -17.14 -8.17
CA PRO A 96 -11.24 -18.52 -8.45
C PRO A 96 -11.46 -18.76 -9.94
N ILE A 97 -10.51 -19.45 -10.57
CA ILE A 97 -10.60 -19.75 -11.99
C ILE A 97 -12.00 -20.25 -12.36
N LYS A 98 -12.57 -19.68 -13.41
CA LYS A 98 -13.90 -20.07 -13.86
C LYS A 98 -13.82 -21.26 -14.80
N PHE A 99 -12.98 -22.23 -14.45
CA PHE A 99 -12.82 -23.43 -15.26
C PHE A 99 -14.16 -24.14 -15.46
N THR A 100 -14.53 -24.36 -16.71
CA THR A 100 -15.78 -25.02 -17.04
C THR A 100 -15.60 -26.53 -17.12
N GLU A 101 -16.19 -27.25 -16.17
CA GLU A 101 -16.09 -28.69 -16.13
C GLU A 101 -16.98 -29.34 -17.20
N SER A 102 -16.48 -30.39 -17.83
CA SER A 102 -17.22 -31.08 -18.87
C SER A 102 -17.69 -32.45 -18.39
N GLY A 103 -19.00 -32.61 -18.27
CA GLY A 103 -19.55 -33.89 -17.83
C GLY A 103 -20.65 -34.40 -18.73
N PRO A 104 -20.25 -35.05 -19.83
CA PRO A 104 -21.20 -35.60 -20.82
C PRO A 104 -21.96 -36.80 -20.26
N SER A 105 -21.69 -37.15 -19.02
CA SER A 105 -22.34 -38.29 -18.37
C SER A 105 -21.86 -39.60 -18.96
N SER A 106 -20.54 -39.72 -19.13
CA SER A 106 -19.95 -40.92 -19.69
C SER A 106 -19.06 -41.61 -18.66
N GLY A 107 -18.28 -40.82 -17.94
CA GLY A 107 -17.40 -41.37 -16.92
C GLY A 107 -16.01 -40.77 -16.98
N GLY A 1 6.64 21.82 20.67
CA GLY A 1 6.24 23.13 21.15
C GLY A 1 7.25 24.20 20.79
N SER A 2 8.12 24.54 21.74
CA SER A 2 9.13 25.57 21.52
C SER A 2 10.53 24.97 21.55
N SER A 3 10.82 24.24 22.63
CA SER A 3 12.13 23.61 22.80
C SER A 3 12.53 22.84 21.53
N GLY A 4 11.53 22.46 20.75
CA GLY A 4 11.79 21.73 19.52
C GLY A 4 11.20 22.40 18.30
N SER A 5 11.40 21.79 17.13
CA SER A 5 10.88 22.34 15.89
C SER A 5 10.29 21.24 15.01
N SER A 6 9.43 21.64 14.08
CA SER A 6 8.78 20.68 13.18
C SER A 6 9.77 19.61 12.74
N GLY A 7 10.88 20.05 12.14
CA GLY A 7 11.89 19.11 11.67
C GLY A 7 11.29 17.95 10.89
N PRO A 8 11.91 16.78 10.99
CA PRO A 8 11.45 15.57 10.31
C PRO A 8 10.15 15.03 10.88
N ALA A 9 9.44 14.24 10.08
CA ALA A 9 8.18 13.66 10.50
C ALA A 9 8.25 12.13 10.56
N ARG A 10 7.67 11.55 11.61
CA ARG A 10 7.69 10.10 11.77
C ARG A 10 6.27 9.54 11.71
N PHE A 11 6.14 8.34 11.15
CA PHE A 11 4.84 7.69 11.02
C PHE A 11 4.32 7.23 12.38
N ILE A 12 3.36 7.97 12.92
CA ILE A 12 2.78 7.65 14.22
C ILE A 12 1.89 6.40 14.12
N GLU A 13 1.33 6.18 12.95
CA GLU A 13 0.46 5.03 12.73
C GLU A 13 0.92 4.22 11.51
N ASP A 14 1.33 2.98 11.74
CA ASP A 14 1.78 2.11 10.66
C ASP A 14 0.60 1.47 9.93
N VAL A 15 0.59 1.59 8.62
CA VAL A 15 -0.48 1.03 7.80
C VAL A 15 -0.77 -0.41 8.21
N LYS A 16 -1.93 -0.92 7.79
CA LYS A 16 -2.33 -2.28 8.11
C LYS A 16 -2.15 -3.19 6.90
N ASN A 17 -1.85 -4.47 7.17
CA ASN A 17 -1.64 -5.44 6.10
C ASN A 17 -2.66 -5.24 4.98
N GLN A 18 -2.26 -5.54 3.76
CA GLN A 18 -3.14 -5.40 2.60
C GLN A 18 -3.57 -6.77 2.07
N GLU A 19 -4.77 -6.82 1.51
CA GLU A 19 -5.29 -8.07 0.97
C GLU A 19 -6.39 -7.80 -0.06
N ALA A 20 -6.30 -8.46 -1.21
CA ALA A 20 -7.27 -8.28 -2.27
C ALA A 20 -7.05 -9.28 -3.40
N ARG A 21 -8.14 -9.86 -3.91
CA ARG A 21 -8.05 -10.83 -4.99
C ARG A 21 -7.53 -10.18 -6.27
N GLU A 22 -6.85 -10.97 -7.10
CA GLU A 22 -6.29 -10.47 -8.34
C GLU A 22 -7.31 -9.61 -9.08
N GLY A 23 -6.81 -8.62 -9.82
CA GLY A 23 -7.70 -7.74 -10.57
C GLY A 23 -8.44 -6.76 -9.67
N ALA A 24 -7.86 -6.48 -8.50
CA ALA A 24 -8.47 -5.56 -7.56
C ALA A 24 -7.60 -4.32 -7.37
N THR A 25 -8.01 -3.45 -6.45
CA THR A 25 -7.28 -2.23 -6.17
C THR A 25 -6.95 -2.10 -4.69
N ALA A 26 -5.70 -2.35 -4.35
CA ALA A 26 -5.25 -2.26 -2.95
C ALA A 26 -5.33 -0.83 -2.44
N VAL A 27 -5.35 -0.68 -1.12
CA VAL A 27 -5.43 0.63 -0.50
C VAL A 27 -4.61 0.70 0.78
N LEU A 28 -3.59 1.54 0.79
CA LEU A 28 -2.72 1.69 1.95
C LEU A 28 -2.84 3.09 2.55
N GLN A 29 -3.31 3.17 3.79
CA GLN A 29 -3.47 4.44 4.47
C GLN A 29 -2.57 4.52 5.69
N CYS A 30 -2.02 5.70 5.94
CA CYS A 30 -1.14 5.91 7.09
C CYS A 30 -1.36 7.28 7.70
N GLU A 31 -0.54 7.62 8.70
CA GLU A 31 -0.66 8.92 9.36
C GLU A 31 0.71 9.42 9.81
N LEU A 32 0.84 10.73 9.94
CA LEU A 32 2.10 11.34 10.36
C LEU A 32 1.88 12.36 11.48
N ASN A 33 2.89 12.54 12.32
CA ASN A 33 2.80 13.48 13.42
C ASN A 33 2.70 14.92 12.92
N SER A 34 3.20 15.14 11.71
CA SER A 34 3.19 16.47 11.10
C SER A 34 3.11 16.38 9.58
N ALA A 35 2.40 17.32 8.97
CA ALA A 35 2.25 17.34 7.52
C ALA A 35 3.59 17.10 6.83
N ALA A 36 3.67 16.02 6.06
CA ALA A 36 4.89 15.67 5.34
C ALA A 36 4.61 14.69 4.22
N PRO A 37 5.41 14.77 3.14
CA PRO A 37 5.26 13.89 1.98
C PRO A 37 5.64 12.45 2.28
N VAL A 38 5.48 11.58 1.29
CA VAL A 38 5.81 10.17 1.46
C VAL A 38 6.20 9.54 0.12
N GLU A 39 6.85 8.37 0.19
CA GLU A 39 7.28 7.67 -1.02
C GLU A 39 6.92 6.20 -0.93
N TRP A 40 5.70 5.87 -1.33
CA TRP A 40 5.23 4.48 -1.30
C TRP A 40 6.14 3.58 -2.13
N ARG A 41 6.79 2.63 -1.46
CA ARG A 41 7.69 1.70 -2.15
C ARG A 41 7.03 0.34 -2.32
N LYS A 42 7.79 -0.60 -2.88
CA LYS A 42 7.28 -1.95 -3.10
C LYS A 42 8.42 -2.92 -3.40
N GLY A 43 8.44 -4.04 -2.70
CA GLY A 43 9.49 -5.03 -2.91
C GLY A 43 10.83 -4.40 -3.22
N SER A 44 11.16 -3.33 -2.51
CA SER A 44 12.42 -2.63 -2.72
C SER A 44 12.38 -1.80 -4.00
N GLU A 45 11.32 -1.02 -4.15
CA GLU A 45 11.16 -0.18 -5.33
C GLU A 45 10.25 1.01 -5.03
N THR A 46 10.67 2.19 -5.48
CA THR A 46 9.91 3.42 -5.26
C THR A 46 8.75 3.52 -6.24
N LEU A 47 7.56 3.81 -5.71
CA LEU A 47 6.37 3.94 -6.54
C LEU A 47 6.06 5.41 -6.81
N ARG A 48 5.17 5.65 -7.77
CA ARG A 48 4.78 7.01 -8.12
C ARG A 48 3.31 7.07 -8.53
N ASP A 49 2.71 8.24 -8.35
CA ASP A 49 1.30 8.43 -8.70
C ASP A 49 1.12 8.53 -10.20
N GLY A 50 0.10 7.83 -10.71
CA GLY A 50 -0.17 7.85 -12.14
C GLY A 50 -1.53 7.26 -12.48
N ASP A 51 -1.57 6.45 -13.53
CA ASP A 51 -2.82 5.82 -13.96
C ASP A 51 -3.18 4.66 -13.04
N ARG A 52 -2.30 3.68 -12.96
CA ARG A 52 -2.52 2.51 -12.12
C ARG A 52 -2.43 2.87 -10.64
N TYR A 53 -1.40 3.64 -10.30
CA TYR A 53 -1.18 4.05 -8.92
C TYR A 53 -1.88 5.37 -8.63
N SER A 54 -2.16 5.62 -7.35
CA SER A 54 -2.82 6.86 -6.95
C SER A 54 -2.42 7.24 -5.52
N LEU A 55 -1.59 8.27 -5.41
CA LEU A 55 -1.13 8.74 -4.10
C LEU A 55 -1.93 9.97 -3.66
N ARG A 56 -2.88 9.75 -2.75
CA ARG A 56 -3.72 10.83 -2.24
C ARG A 56 -3.36 11.16 -0.80
N GLN A 57 -2.87 12.37 -0.57
CA GLN A 57 -2.49 12.81 0.76
C GLN A 57 -3.37 13.96 1.24
N ASP A 58 -3.74 13.93 2.51
CA ASP A 58 -4.58 14.97 3.08
C ASP A 58 -3.96 15.53 4.37
N GLY A 59 -2.95 16.36 4.21
CA GLY A 59 -2.28 16.94 5.36
C GLY A 59 -1.26 16.01 5.98
N THR A 60 -1.70 15.19 6.91
CA THR A 60 -0.82 14.24 7.57
C THR A 60 -1.11 12.81 7.16
N LYS A 61 -2.35 12.57 6.73
CA LYS A 61 -2.76 11.25 6.29
C LYS A 61 -2.38 11.01 4.84
N CYS A 62 -2.01 9.78 4.51
CA CYS A 62 -1.63 9.42 3.15
C CYS A 62 -2.44 8.23 2.65
N GLU A 63 -2.50 8.07 1.33
CA GLU A 63 -3.26 6.99 0.73
C GLU A 63 -2.61 6.54 -0.58
N LEU A 64 -2.48 5.23 -0.76
CA LEU A 64 -1.88 4.67 -1.97
C LEU A 64 -2.74 3.56 -2.55
N GLN A 65 -3.23 3.77 -3.77
CA GLN A 65 -4.07 2.78 -4.43
C GLN A 65 -3.35 2.15 -5.60
N ILE A 66 -3.41 0.82 -5.71
CA ILE A 66 -2.75 0.10 -6.79
C ILE A 66 -3.77 -0.60 -7.67
N ARG A 67 -4.07 0.00 -8.81
CA ARG A 67 -5.03 -0.56 -9.75
C ARG A 67 -4.36 -1.59 -10.67
N GLY A 68 -4.90 -2.80 -10.68
CA GLY A 68 -4.34 -3.85 -11.51
C GLY A 68 -3.48 -4.82 -10.72
N LEU A 69 -3.97 -5.22 -9.55
CA LEU A 69 -3.24 -6.15 -8.70
C LEU A 69 -2.94 -7.45 -9.44
N ALA A 70 -1.86 -8.11 -9.04
CA ALA A 70 -1.45 -9.37 -9.66
C ALA A 70 -0.52 -10.16 -8.75
N MET A 71 -0.33 -11.44 -9.08
CA MET A 71 0.55 -12.29 -8.30
C MET A 71 1.89 -11.61 -8.04
N ALA A 72 2.51 -11.10 -9.10
CA ALA A 72 3.80 -10.43 -8.99
C ALA A 72 3.74 -9.31 -7.94
N ASP A 73 2.66 -8.53 -7.98
CA ASP A 73 2.49 -7.43 -7.04
C ASP A 73 2.60 -7.92 -5.59
N THR A 74 2.27 -9.19 -5.38
CA THR A 74 2.33 -9.78 -4.05
C THR A 74 3.72 -9.62 -3.45
N GLY A 75 3.83 -8.76 -2.45
CA GLY A 75 5.12 -8.53 -1.80
C GLY A 75 4.99 -7.70 -0.54
N GLU A 76 5.84 -6.68 -0.42
CA GLU A 76 5.81 -5.80 0.74
C GLU A 76 5.96 -4.34 0.32
N TYR A 77 5.13 -3.48 0.92
CA TYR A 77 5.16 -2.06 0.60
C TYR A 77 5.59 -1.24 1.82
N SER A 78 6.45 -0.25 1.58
CA SER A 78 6.93 0.61 2.66
C SER A 78 6.75 2.08 2.31
N CYS A 79 6.06 2.80 3.18
CA CYS A 79 5.79 4.22 2.97
C CYS A 79 6.82 5.07 3.72
N VAL A 80 7.83 5.56 2.99
CA VAL A 80 8.87 6.38 3.59
C VAL A 80 8.47 7.87 3.58
N CYS A 81 8.79 8.56 4.66
CA CYS A 81 8.47 9.98 4.77
C CYS A 81 9.74 10.83 4.78
N GLY A 82 10.79 10.30 5.41
CA GLY A 82 12.04 11.03 5.47
C GLY A 82 13.06 10.35 6.37
N GLN A 83 12.70 10.16 7.63
CA GLN A 83 13.59 9.51 8.60
C GLN A 83 13.12 8.11 8.90
N GLU A 84 11.80 7.92 8.95
CA GLU A 84 11.23 6.61 9.24
C GLU A 84 10.18 6.23 8.20
N ARG A 85 9.72 4.99 8.25
CA ARG A 85 8.72 4.49 7.32
C ARG A 85 7.97 3.30 7.90
N THR A 86 6.91 2.89 7.20
CA THR A 86 6.10 1.76 7.65
C THR A 86 6.21 0.60 6.68
N SER A 87 5.48 -0.48 6.98
CA SER A 87 5.50 -1.67 6.13
C SER A 87 4.22 -2.49 6.32
N ALA A 88 3.70 -3.04 5.22
CA ALA A 88 2.49 -3.84 5.26
C ALA A 88 2.47 -4.87 4.13
N MET A 89 2.42 -6.14 4.49
CA MET A 89 2.40 -7.22 3.51
C MET A 89 1.11 -7.18 2.70
N LEU A 90 1.23 -7.37 1.39
CA LEU A 90 0.07 -7.36 0.50
C LEU A 90 -0.11 -8.71 -0.19
N THR A 91 -1.22 -9.37 0.11
CA THR A 91 -1.51 -10.68 -0.48
C THR A 91 -2.53 -10.55 -1.61
N VAL A 92 -2.18 -11.09 -2.77
CA VAL A 92 -3.06 -11.03 -3.93
C VAL A 92 -3.69 -12.41 -4.19
N ARG A 93 -4.89 -12.60 -3.67
CA ARG A 93 -5.60 -13.86 -3.85
C ARG A 93 -5.95 -14.08 -5.32
N ALA A 94 -5.19 -14.94 -5.98
CA ALA A 94 -5.42 -15.26 -7.38
C ALA A 94 -6.90 -15.50 -7.67
N LEU A 95 -7.37 -15.01 -8.80
CA LEU A 95 -8.78 -15.17 -9.18
C LEU A 95 -9.13 -16.65 -9.33
N PRO A 96 -10.41 -16.98 -9.12
CA PRO A 96 -10.91 -18.35 -9.22
C PRO A 96 -10.91 -18.85 -10.66
N ILE A 97 -9.91 -19.65 -11.02
CA ILE A 97 -9.80 -20.20 -12.37
C ILE A 97 -11.07 -20.94 -12.76
N LYS A 98 -11.48 -21.87 -11.92
CA LYS A 98 -12.69 -22.66 -12.17
C LYS A 98 -13.75 -21.81 -12.85
N PHE A 99 -14.19 -20.76 -12.16
CA PHE A 99 -15.22 -19.86 -12.69
C PHE A 99 -14.61 -18.90 -13.71
N THR A 100 -15.05 -19.02 -14.96
CA THR A 100 -14.56 -18.16 -16.03
C THR A 100 -15.28 -16.81 -16.03
N GLU A 101 -15.54 -16.28 -14.84
CA GLU A 101 -16.22 -15.00 -14.72
C GLU A 101 -16.05 -14.43 -13.30
N SER A 102 -16.56 -13.23 -13.09
CA SER A 102 -16.46 -12.57 -11.79
C SER A 102 -17.84 -12.21 -11.26
N GLY A 103 -18.33 -13.02 -10.32
CA GLY A 103 -19.63 -12.77 -9.74
C GLY A 103 -20.05 -13.85 -8.75
N PRO A 104 -20.77 -13.44 -7.70
CA PRO A 104 -21.24 -14.36 -6.66
C PRO A 104 -22.32 -15.32 -7.17
N SER A 105 -23.07 -14.87 -8.17
CA SER A 105 -24.14 -15.69 -8.74
C SER A 105 -23.75 -17.16 -8.74
N SER A 106 -24.50 -17.96 -7.99
CA SER A 106 -24.24 -19.40 -7.89
C SER A 106 -25.39 -20.20 -8.47
N GLY A 107 -26.61 -19.83 -8.08
CA GLY A 107 -27.79 -20.52 -8.56
C GLY A 107 -28.58 -19.70 -9.57
N GLY A 1 8.28 29.03 11.05
CA GLY A 1 8.20 27.79 11.79
C GLY A 1 6.92 27.03 11.53
N SER A 2 7.03 25.72 11.31
CA SER A 2 5.88 24.88 11.04
C SER A 2 5.06 25.44 9.87
N SER A 3 5.76 25.89 8.83
CA SER A 3 5.10 26.45 7.66
C SER A 3 4.76 25.36 6.65
N GLY A 4 5.74 24.49 6.37
CA GLY A 4 5.53 23.41 5.42
C GLY A 4 6.61 22.36 5.50
N SER A 5 6.37 21.33 6.31
CA SER A 5 7.34 20.25 6.47
C SER A 5 8.70 20.80 6.91
N SER A 6 8.67 21.75 7.83
CA SER A 6 9.90 22.36 8.33
C SER A 6 10.88 21.30 8.82
N GLY A 7 10.43 20.49 9.78
CA GLY A 7 11.28 19.44 10.32
C GLY A 7 10.84 18.06 9.88
N PRO A 8 11.52 17.02 10.39
CA PRO A 8 11.22 15.63 10.05
C PRO A 8 9.90 15.16 10.64
N ALA A 9 9.33 14.11 10.06
CA ALA A 9 8.06 13.57 10.53
C ALA A 9 8.13 12.05 10.70
N ARG A 10 7.51 11.55 11.77
CA ARG A 10 7.51 10.12 12.04
C ARG A 10 6.12 9.53 11.89
N PHE A 11 6.03 8.36 11.26
CA PHE A 11 4.76 7.70 11.04
C PHE A 11 4.14 7.27 12.37
N ILE A 12 3.19 8.05 12.86
CA ILE A 12 2.52 7.75 14.11
C ILE A 12 1.70 6.47 14.01
N GLU A 13 1.16 6.22 12.81
CA GLU A 13 0.35 5.02 12.58
C GLU A 13 0.90 4.22 11.41
N ASP A 14 1.01 2.91 11.60
CA ASP A 14 1.53 2.03 10.56
C ASP A 14 0.38 1.40 9.77
N VAL A 15 0.43 1.52 8.45
CA VAL A 15 -0.59 0.96 7.58
C VAL A 15 -0.91 -0.49 7.96
N LYS A 16 -2.09 -0.95 7.57
CA LYS A 16 -2.52 -2.32 7.87
C LYS A 16 -2.18 -3.26 6.72
N ASN A 17 -2.03 -4.54 7.03
CA ASN A 17 -1.72 -5.54 6.01
C ASN A 17 -2.70 -5.47 4.85
N GLN A 18 -2.17 -5.29 3.64
CA GLN A 18 -3.00 -5.21 2.45
C GLN A 18 -3.43 -6.60 1.99
N GLU A 19 -4.71 -6.75 1.66
CA GLU A 19 -5.24 -8.02 1.20
C GLU A 19 -6.42 -7.81 0.26
N ALA A 20 -6.25 -8.23 -0.99
CA ALA A 20 -7.31 -8.09 -2.00
C ALA A 20 -7.17 -9.16 -3.08
N ARG A 21 -8.31 -9.69 -3.52
CA ARG A 21 -8.33 -10.73 -4.54
C ARG A 21 -7.82 -10.17 -5.87
N GLU A 22 -7.20 -11.04 -6.67
CA GLU A 22 -6.66 -10.64 -7.96
C GLU A 22 -7.68 -9.80 -8.73
N GLY A 23 -7.18 -8.84 -9.51
CA GLY A 23 -8.06 -7.98 -10.28
C GLY A 23 -8.80 -6.97 -9.41
N ALA A 24 -8.17 -6.54 -8.33
CA ALA A 24 -8.77 -5.58 -7.42
C ALA A 24 -7.88 -4.35 -7.25
N THR A 25 -8.30 -3.44 -6.38
CA THR A 25 -7.54 -2.22 -6.13
C THR A 25 -7.18 -2.08 -4.65
N ALA A 26 -5.91 -2.26 -4.35
CA ALA A 26 -5.43 -2.16 -2.98
C ALA A 26 -5.44 -0.71 -2.50
N VAL A 27 -5.48 -0.52 -1.18
CA VAL A 27 -5.49 0.81 -0.60
C VAL A 27 -4.63 0.87 0.66
N LEU A 28 -3.51 1.57 0.56
CA LEU A 28 -2.58 1.71 1.68
C LEU A 28 -2.65 3.11 2.27
N GLN A 29 -3.22 3.22 3.46
CA GLN A 29 -3.35 4.51 4.13
C GLN A 29 -2.50 4.55 5.40
N CYS A 30 -1.96 5.72 5.71
CA CYS A 30 -1.12 5.90 6.88
C CYS A 30 -1.32 7.27 7.51
N GLU A 31 -0.58 7.55 8.57
CA GLU A 31 -0.68 8.84 9.25
C GLU A 31 0.70 9.33 9.69
N LEU A 32 0.82 10.64 9.87
CA LEU A 32 2.08 11.24 10.28
C LEU A 32 1.87 12.17 11.48
N ASN A 33 2.93 12.36 12.27
CA ASN A 33 2.86 13.22 13.43
C ASN A 33 2.78 14.70 13.02
N SER A 34 3.18 14.97 11.79
CA SER A 34 3.15 16.34 11.27
C SER A 34 3.00 16.34 9.75
N ALA A 35 2.26 17.31 9.24
CA ALA A 35 2.03 17.43 7.80
C ALA A 35 3.33 17.32 7.03
N ALA A 36 3.48 16.24 6.27
CA ALA A 36 4.69 16.02 5.48
C ALA A 36 4.45 14.98 4.39
N PRO A 37 5.18 15.11 3.28
CA PRO A 37 5.06 14.19 2.14
C PRO A 37 5.61 12.80 2.46
N VAL A 38 5.44 11.88 1.51
CA VAL A 38 5.91 10.51 1.70
C VAL A 38 6.18 9.84 0.35
N GLU A 39 6.67 8.60 0.39
CA GLU A 39 6.96 7.85 -0.82
C GLU A 39 6.60 6.38 -0.65
N TRP A 40 5.77 5.87 -1.56
CA TRP A 40 5.34 4.49 -1.51
C TRP A 40 6.28 3.59 -2.31
N ARG A 41 7.04 2.76 -1.60
CA ARG A 41 7.99 1.86 -2.24
C ARG A 41 7.38 0.46 -2.42
N LYS A 42 8.19 -0.47 -2.90
CA LYS A 42 7.74 -1.84 -3.12
C LYS A 42 8.91 -2.77 -3.37
N GLY A 43 8.95 -3.89 -2.65
CA GLY A 43 10.03 -4.84 -2.81
C GLY A 43 11.35 -4.18 -3.13
N SER A 44 11.65 -3.10 -2.43
CA SER A 44 12.89 -2.37 -2.63
C SER A 44 12.83 -1.56 -3.93
N GLU A 45 11.74 -0.81 -4.10
CA GLU A 45 11.56 0.01 -5.30
C GLU A 45 10.63 1.18 -5.02
N THR A 46 11.04 2.37 -5.44
CA THR A 46 10.25 3.58 -5.24
C THR A 46 9.16 3.70 -6.29
N LEU A 47 7.92 3.95 -5.85
CA LEU A 47 6.80 4.09 -6.77
C LEU A 47 6.43 5.55 -6.95
N ARG A 48 5.50 5.82 -7.85
CA ARG A 48 5.05 7.18 -8.12
C ARG A 48 3.59 7.20 -8.54
N ASP A 49 2.91 8.30 -8.26
CA ASP A 49 1.51 8.46 -8.60
C ASP A 49 1.33 8.56 -10.11
N GLY A 50 0.32 7.85 -10.64
CA GLY A 50 0.06 7.87 -12.07
C GLY A 50 -1.27 7.25 -12.42
N ASP A 51 -1.25 6.32 -13.39
CA ASP A 51 -2.47 5.65 -13.82
C ASP A 51 -2.80 4.48 -12.91
N ARG A 52 -1.86 3.54 -12.79
CA ARG A 52 -2.06 2.37 -11.94
C ARG A 52 -1.99 2.75 -10.46
N TYR A 53 -1.00 3.57 -10.10
CA TYR A 53 -0.83 4.00 -8.73
C TYR A 53 -1.53 5.34 -8.48
N SER A 54 -2.16 5.47 -7.32
CA SER A 54 -2.86 6.70 -6.97
C SER A 54 -2.53 7.13 -5.55
N LEU A 55 -1.60 8.07 -5.42
CA LEU A 55 -1.20 8.56 -4.11
C LEU A 55 -2.03 9.77 -3.69
N ARG A 56 -2.76 9.63 -2.60
CA ARG A 56 -3.60 10.71 -2.09
C ARG A 56 -3.22 11.08 -0.66
N GLN A 57 -3.01 12.37 -0.42
CA GLN A 57 -2.64 12.85 0.90
C GLN A 57 -3.62 13.91 1.40
N ASP A 58 -3.93 13.88 2.68
CA ASP A 58 -4.86 14.82 3.28
C ASP A 58 -4.29 15.40 4.58
N GLY A 59 -3.32 16.30 4.46
CA GLY A 59 -2.72 16.90 5.62
C GLY A 59 -1.60 16.06 6.20
N THR A 60 -1.93 15.16 7.11
CA THR A 60 -0.94 14.29 7.73
C THR A 60 -1.11 12.85 7.28
N LYS A 61 -2.33 12.51 6.86
CA LYS A 61 -2.62 11.16 6.39
C LYS A 61 -2.28 11.00 4.91
N CYS A 62 -1.81 9.81 4.54
CA CYS A 62 -1.44 9.54 3.16
C CYS A 62 -2.25 8.36 2.61
N GLU A 63 -2.09 8.09 1.31
CA GLU A 63 -2.80 6.99 0.67
C GLU A 63 -2.09 6.56 -0.61
N LEU A 64 -2.28 5.31 -0.99
CA LEU A 64 -1.66 4.77 -2.20
C LEU A 64 -2.44 3.57 -2.72
N GLN A 65 -3.10 3.75 -3.86
CA GLN A 65 -3.88 2.67 -4.46
C GLN A 65 -3.10 1.99 -5.57
N ILE A 66 -3.38 0.71 -5.80
CA ILE A 66 -2.70 -0.07 -6.82
C ILE A 66 -3.69 -0.74 -7.76
N ARG A 67 -3.89 -0.14 -8.93
CA ARG A 67 -4.82 -0.69 -9.91
C ARG A 67 -4.15 -1.76 -10.77
N GLY A 68 -4.74 -2.95 -10.77
CA GLY A 68 -4.17 -4.04 -11.54
C GLY A 68 -3.44 -5.05 -10.68
N LEU A 69 -4.06 -5.47 -9.58
CA LEU A 69 -3.45 -6.42 -8.67
C LEU A 69 -3.29 -7.78 -9.34
N ALA A 70 -2.20 -8.47 -9.03
CA ALA A 70 -1.94 -9.79 -9.59
C ALA A 70 -0.92 -10.55 -8.75
N MET A 71 -0.93 -11.87 -8.87
CA MET A 71 -0.02 -12.72 -8.12
C MET A 71 1.36 -12.08 -8.03
N ALA A 72 1.79 -11.46 -9.13
CA ALA A 72 3.10 -10.82 -9.18
C ALA A 72 3.15 -9.63 -8.22
N ASP A 73 2.11 -8.81 -8.23
CA ASP A 73 2.04 -7.65 -7.35
C ASP A 73 2.30 -8.04 -5.90
N THR A 74 1.86 -9.23 -5.53
CA THR A 74 2.04 -9.72 -4.17
C THR A 74 3.48 -9.53 -3.70
N GLY A 75 3.67 -8.57 -2.80
CA GLY A 75 5.01 -8.30 -2.28
C GLY A 75 4.97 -7.52 -0.98
N GLU A 76 5.84 -6.53 -0.87
CA GLU A 76 5.91 -5.71 0.33
C GLU A 76 6.02 -4.22 -0.01
N TYR A 77 5.17 -3.41 0.59
CA TYR A 77 5.16 -1.98 0.34
C TYR A 77 5.57 -1.20 1.58
N SER A 78 6.40 -0.18 1.39
CA SER A 78 6.88 0.64 2.49
C SER A 78 6.73 2.12 2.18
N CYS A 79 6.05 2.84 3.06
CA CYS A 79 5.82 4.27 2.88
C CYS A 79 6.85 5.09 3.65
N VAL A 80 7.85 5.60 2.94
CA VAL A 80 8.90 6.40 3.55
C VAL A 80 8.54 7.88 3.56
N CYS A 81 8.72 8.53 4.70
CA CYS A 81 8.42 9.95 4.83
C CYS A 81 9.70 10.78 4.91
N GLY A 82 10.81 10.12 5.24
CA GLY A 82 12.08 10.81 5.34
C GLY A 82 13.03 10.13 6.30
N GLN A 83 12.71 10.18 7.59
CA GLN A 83 13.54 9.56 8.61
C GLN A 83 13.06 8.15 8.94
N GLU A 84 11.74 8.00 9.03
CA GLU A 84 11.14 6.70 9.35
C GLU A 84 10.20 6.26 8.23
N ARG A 85 9.79 4.99 8.28
CA ARG A 85 8.88 4.44 7.28
C ARG A 85 8.13 3.23 7.83
N THR A 86 7.06 2.85 7.14
CA THR A 86 6.26 1.70 7.57
C THR A 86 6.32 0.58 6.52
N SER A 87 5.54 -0.47 6.77
CA SER A 87 5.50 -1.61 5.86
C SER A 87 4.23 -2.43 6.06
N ALA A 88 3.74 -3.01 4.97
CA ALA A 88 2.52 -3.82 5.03
C ALA A 88 2.51 -4.87 3.92
N MET A 89 2.66 -6.14 4.31
CA MET A 89 2.67 -7.23 3.35
C MET A 89 1.35 -7.31 2.60
N LEU A 90 1.40 -7.06 1.29
CA LEU A 90 0.20 -7.10 0.45
C LEU A 90 0.01 -8.48 -0.16
N THR A 91 -1.06 -9.15 0.23
CA THR A 91 -1.37 -10.48 -0.28
C THR A 91 -2.49 -10.43 -1.31
N VAL A 92 -2.24 -11.00 -2.49
CA VAL A 92 -3.23 -11.03 -3.55
C VAL A 92 -3.84 -12.43 -3.69
N ARG A 93 -5.07 -12.57 -3.20
CA ARG A 93 -5.77 -13.85 -3.28
C ARG A 93 -6.24 -14.13 -4.70
N ALA A 94 -5.56 -15.05 -5.38
CA ALA A 94 -5.91 -15.41 -6.74
C ALA A 94 -7.43 -15.54 -6.90
N LEU A 95 -7.94 -15.09 -8.05
CA LEU A 95 -9.36 -15.16 -8.32
C LEU A 95 -9.83 -16.61 -8.44
N PRO A 96 -11.13 -16.84 -8.19
CA PRO A 96 -11.73 -18.17 -8.26
C PRO A 96 -11.80 -18.70 -9.69
N ILE A 97 -10.86 -19.57 -10.04
CA ILE A 97 -10.83 -20.14 -11.38
C ILE A 97 -12.20 -20.71 -11.77
N LYS A 98 -12.88 -21.31 -10.81
CA LYS A 98 -14.19 -21.89 -11.05
C LYS A 98 -15.23 -21.29 -10.11
N PHE A 99 -16.49 -21.64 -10.34
CA PHE A 99 -17.58 -21.14 -9.50
C PHE A 99 -18.35 -22.28 -8.86
N THR A 100 -18.37 -22.30 -7.53
CA THR A 100 -19.07 -23.34 -6.78
C THR A 100 -19.43 -22.87 -5.38
N GLU A 101 -20.72 -22.88 -5.07
CA GLU A 101 -21.20 -22.46 -3.77
C GLU A 101 -22.49 -23.19 -3.40
N SER A 102 -22.50 -23.81 -2.22
CA SER A 102 -23.66 -24.55 -1.75
C SER A 102 -24.03 -24.14 -0.32
N GLY A 103 -25.26 -23.70 -0.15
CA GLY A 103 -25.72 -23.28 1.17
C GLY A 103 -25.65 -24.38 2.19
N PRO A 104 -26.79 -24.71 2.81
CA PRO A 104 -26.88 -25.76 3.83
C PRO A 104 -26.70 -27.15 3.23
N SER A 105 -26.81 -28.17 4.08
CA SER A 105 -26.66 -29.55 3.64
C SER A 105 -27.98 -30.31 3.77
N SER A 106 -28.46 -30.85 2.65
CA SER A 106 -29.71 -31.60 2.64
C SER A 106 -29.83 -32.49 3.88
N GLY A 107 -30.89 -32.28 4.65
CA GLY A 107 -31.10 -33.06 5.84
C GLY A 107 -31.03 -32.23 7.11
N GLY A 1 13.37 26.53 9.44
CA GLY A 1 13.98 26.98 10.67
C GLY A 1 12.99 27.04 11.82
N SER A 2 12.72 25.90 12.43
CA SER A 2 11.78 25.83 13.54
C SER A 2 10.64 26.82 13.36
N SER A 3 10.14 26.92 12.13
CA SER A 3 9.06 27.85 11.81
C SER A 3 7.84 27.10 11.29
N GLY A 4 7.53 25.97 11.90
CA GLY A 4 6.40 25.17 11.48
C GLY A 4 6.67 23.68 11.55
N SER A 5 7.26 23.14 10.49
CA SER A 5 7.57 21.71 10.43
C SER A 5 8.71 21.36 11.40
N SER A 6 8.36 20.67 12.47
CA SER A 6 9.35 20.27 13.47
C SER A 6 10.26 19.18 12.93
N GLY A 7 11.37 19.60 12.31
CA GLY A 7 12.30 18.65 11.75
C GLY A 7 11.64 17.56 10.94
N PRO A 8 12.19 16.35 10.98
CA PRO A 8 11.65 15.20 10.25
C PRO A 8 10.33 14.72 10.82
N ALA A 9 9.57 13.99 10.01
CA ALA A 9 8.27 13.47 10.44
C ALA A 9 8.36 11.98 10.75
N ARG A 10 7.48 11.51 11.63
CA ARG A 10 7.47 10.10 12.01
C ARG A 10 6.06 9.53 11.88
N PHE A 11 5.95 8.36 11.26
CA PHE A 11 4.66 7.70 11.08
C PHE A 11 4.06 7.30 12.42
N ILE A 12 3.12 8.10 12.91
CA ILE A 12 2.47 7.84 14.18
C ILE A 12 1.60 6.57 14.10
N GLU A 13 1.03 6.34 12.92
CA GLU A 13 0.18 5.17 12.71
C GLU A 13 0.66 4.36 11.51
N ASP A 14 0.97 3.10 11.75
CA ASP A 14 1.45 2.21 10.68
C ASP A 14 0.27 1.59 9.94
N VAL A 15 0.38 1.55 8.61
CA VAL A 15 -0.67 0.98 7.77
C VAL A 15 -0.95 -0.46 8.14
N LYS A 16 -2.16 -0.93 7.84
CA LYS A 16 -2.54 -2.30 8.13
C LYS A 16 -2.36 -3.20 6.92
N ASN A 17 -2.02 -4.47 7.15
CA ASN A 17 -1.82 -5.42 6.08
C ASN A 17 -2.79 -5.16 4.94
N GLN A 18 -2.36 -5.48 3.71
CA GLN A 18 -3.19 -5.27 2.53
C GLN A 18 -3.60 -6.61 1.93
N GLU A 19 -4.90 -6.88 1.91
CA GLU A 19 -5.42 -8.12 1.35
C GLU A 19 -6.50 -7.84 0.32
N ALA A 20 -6.43 -8.54 -0.81
CA ALA A 20 -7.40 -8.37 -1.88
C ALA A 20 -7.16 -9.37 -3.00
N ARG A 21 -8.24 -9.74 -3.71
CA ARG A 21 -8.14 -10.69 -4.80
C ARG A 21 -7.45 -10.06 -6.01
N GLU A 22 -7.18 -10.88 -7.02
CA GLU A 22 -6.52 -10.40 -8.24
C GLU A 22 -7.43 -9.44 -9.00
N GLY A 23 -6.83 -8.63 -9.86
CA GLY A 23 -7.59 -7.68 -10.65
C GLY A 23 -8.32 -6.67 -9.79
N ALA A 24 -7.91 -6.57 -8.52
CA ALA A 24 -8.52 -5.63 -7.59
C ALA A 24 -7.65 -4.40 -7.39
N THR A 25 -8.07 -3.53 -6.48
CA THR A 25 -7.32 -2.31 -6.19
C THR A 25 -7.01 -2.19 -4.69
N ALA A 26 -5.75 -2.41 -4.34
CA ALA A 26 -5.32 -2.33 -2.94
C ALA A 26 -5.34 -0.88 -2.45
N VAL A 27 -5.42 -0.72 -1.13
CA VAL A 27 -5.44 0.61 -0.54
C VAL A 27 -4.61 0.64 0.74
N LEU A 28 -3.55 1.44 0.74
CA LEU A 28 -2.69 1.56 1.90
C LEU A 28 -2.73 2.98 2.47
N GLN A 29 -3.34 3.13 3.64
CA GLN A 29 -3.45 4.43 4.28
C GLN A 29 -2.58 4.50 5.52
N CYS A 30 -2.02 5.68 5.79
CA CYS A 30 -1.16 5.88 6.95
C CYS A 30 -1.36 7.27 7.55
N GLU A 31 -0.58 7.58 8.57
CA GLU A 31 -0.67 8.88 9.24
C GLU A 31 0.70 9.36 9.68
N LEU A 32 0.83 10.66 9.89
CA LEU A 32 2.09 11.26 10.31
C LEU A 32 1.88 12.19 11.51
N ASN A 33 2.94 12.38 12.29
CA ASN A 33 2.88 13.25 13.46
C ASN A 33 2.83 14.71 13.05
N SER A 34 3.26 14.99 11.82
CA SER A 34 3.27 16.35 11.30
C SER A 34 3.10 16.37 9.79
N ALA A 35 2.40 17.37 9.29
CA ALA A 35 2.16 17.50 7.85
C ALA A 35 3.47 17.39 7.07
N ALA A 36 3.61 16.32 6.31
CA ALA A 36 4.81 16.09 5.50
C ALA A 36 4.55 15.07 4.41
N PRO A 37 5.32 15.17 3.31
CA PRO A 37 5.19 14.27 2.16
C PRO A 37 5.69 12.86 2.49
N VAL A 38 5.49 11.94 1.54
CA VAL A 38 5.91 10.56 1.74
C VAL A 38 6.20 9.89 0.40
N GLU A 39 6.60 8.62 0.44
CA GLU A 39 6.91 7.86 -0.76
C GLU A 39 6.53 6.39 -0.60
N TRP A 40 5.73 5.89 -1.53
CA TRP A 40 5.28 4.50 -1.49
C TRP A 40 6.23 3.61 -2.29
N ARG A 41 6.96 2.74 -1.59
CA ARG A 41 7.89 1.84 -2.24
C ARG A 41 7.30 0.44 -2.40
N LYS A 42 8.09 -0.49 -2.89
CA LYS A 42 7.64 -1.87 -3.09
C LYS A 42 8.80 -2.78 -3.45
N GLY A 43 9.04 -3.79 -2.62
CA GLY A 43 10.12 -4.72 -2.88
C GLY A 43 11.41 -4.02 -3.27
N SER A 44 11.73 -2.94 -2.55
CA SER A 44 12.94 -2.17 -2.83
C SER A 44 12.80 -1.39 -4.13
N GLU A 45 11.66 -0.74 -4.30
CA GLU A 45 11.40 0.06 -5.50
C GLU A 45 10.52 1.25 -5.18
N THR A 46 10.90 2.42 -5.69
CA THR A 46 10.15 3.64 -5.45
C THR A 46 9.03 3.80 -6.48
N LEU A 47 7.80 3.94 -6.00
CA LEU A 47 6.65 4.10 -6.87
C LEU A 47 6.28 5.57 -7.02
N ARG A 48 5.38 5.87 -7.97
CA ARG A 48 4.94 7.24 -8.20
C ARG A 48 3.48 7.26 -8.65
N ASP A 49 2.77 8.33 -8.28
CA ASP A 49 1.37 8.48 -8.65
C ASP A 49 1.22 8.56 -10.17
N GLY A 50 0.23 7.84 -10.70
CA GLY A 50 0.00 7.85 -12.13
C GLY A 50 -1.32 7.21 -12.50
N ASP A 51 -1.27 6.26 -13.45
CA ASP A 51 -2.48 5.57 -13.89
C ASP A 51 -2.81 4.41 -12.96
N ARG A 52 -1.86 3.50 -12.79
CA ARG A 52 -2.05 2.34 -11.93
C ARG A 52 -1.97 2.74 -10.45
N TYR A 53 -0.98 3.56 -10.12
CA TYR A 53 -0.80 4.01 -8.75
C TYR A 53 -1.54 5.31 -8.50
N SER A 54 -2.15 5.43 -7.33
CA SER A 54 -2.90 6.63 -6.97
C SER A 54 -2.58 7.06 -5.54
N LEU A 55 -1.67 8.03 -5.42
CA LEU A 55 -1.28 8.54 -4.11
C LEU A 55 -2.08 9.77 -3.74
N ARG A 56 -2.74 9.72 -2.59
CA ARG A 56 -3.55 10.84 -2.12
C ARG A 56 -3.21 11.18 -0.67
N GLN A 57 -2.79 12.43 -0.45
CA GLN A 57 -2.44 12.88 0.89
C GLN A 57 -3.40 13.97 1.37
N ASP A 58 -3.77 13.91 2.65
CA ASP A 58 -4.68 14.88 3.23
C ASP A 58 -4.12 15.45 4.54
N GLY A 59 -3.12 16.31 4.42
CA GLY A 59 -2.50 16.89 5.60
C GLY A 59 -1.42 16.01 6.20
N THR A 60 -1.82 15.14 7.13
CA THR A 60 -0.88 14.24 7.78
C THR A 60 -1.11 12.79 7.35
N LYS A 61 -2.32 12.52 6.87
CA LYS A 61 -2.67 11.18 6.42
C LYS A 61 -2.27 10.97 4.96
N CYS A 62 -2.04 9.72 4.59
CA CYS A 62 -1.66 9.38 3.23
C CYS A 62 -2.46 8.18 2.71
N GLU A 63 -2.37 7.93 1.40
CA GLU A 63 -3.09 6.83 0.80
C GLU A 63 -2.48 6.46 -0.55
N LEU A 64 -2.33 5.16 -0.80
CA LEU A 64 -1.76 4.68 -2.05
C LEU A 64 -2.56 3.51 -2.61
N GLN A 65 -3.18 3.71 -3.76
CA GLN A 65 -3.97 2.66 -4.39
C GLN A 65 -3.20 2.00 -5.52
N ILE A 66 -3.36 0.68 -5.66
CA ILE A 66 -2.67 -0.08 -6.70
C ILE A 66 -3.67 -0.71 -7.65
N ARG A 67 -3.86 -0.08 -8.81
CA ARG A 67 -4.80 -0.59 -9.81
C ARG A 67 -4.11 -1.62 -10.71
N GLY A 68 -4.65 -2.84 -10.72
CA GLY A 68 -4.09 -3.89 -11.54
C GLY A 68 -3.34 -4.93 -10.72
N LEU A 69 -3.97 -5.39 -9.65
CA LEU A 69 -3.36 -6.39 -8.77
C LEU A 69 -3.12 -7.70 -9.53
N ALA A 70 -2.11 -8.45 -9.10
CA ALA A 70 -1.77 -9.71 -9.73
C ALA A 70 -0.90 -10.56 -8.82
N MET A 71 -1.08 -11.88 -8.88
CA MET A 71 -0.30 -12.80 -8.05
C MET A 71 1.14 -12.34 -7.95
N ALA A 72 1.64 -11.69 -9.01
CA ALA A 72 3.01 -11.20 -9.02
C ALA A 72 3.17 -9.98 -8.13
N ASP A 73 2.19 -9.09 -8.17
CA ASP A 73 2.23 -7.87 -7.35
C ASP A 73 2.41 -8.22 -5.88
N THR A 74 2.06 -9.44 -5.51
CA THR A 74 2.18 -9.90 -4.13
C THR A 74 3.59 -9.68 -3.61
N GLY A 75 3.76 -8.66 -2.76
CA GLY A 75 5.07 -8.36 -2.21
C GLY A 75 4.98 -7.58 -0.91
N GLU A 76 5.82 -6.55 -0.79
CA GLU A 76 5.83 -5.72 0.41
C GLU A 76 5.98 -4.24 0.05
N TYR A 77 5.14 -3.40 0.62
CA TYR A 77 5.17 -1.97 0.36
C TYR A 77 5.56 -1.20 1.61
N SER A 78 6.32 -0.12 1.44
CA SER A 78 6.75 0.71 2.55
C SER A 78 6.59 2.19 2.23
N CYS A 79 5.94 2.92 3.13
CA CYS A 79 5.71 4.35 2.95
C CYS A 79 6.75 5.17 3.72
N VAL A 80 7.75 5.66 3.00
CA VAL A 80 8.80 6.46 3.62
C VAL A 80 8.41 7.94 3.65
N CYS A 81 8.88 8.64 4.68
CA CYS A 81 8.58 10.06 4.84
C CYS A 81 9.85 10.84 5.17
N GLY A 82 11.01 10.22 4.96
CA GLY A 82 12.27 10.87 5.24
C GLY A 82 13.21 9.98 6.03
N GLN A 83 13.03 9.94 7.36
CA GLN A 83 13.87 9.12 8.21
C GLN A 83 13.18 7.81 8.57
N GLU A 84 11.91 7.89 8.93
CA GLU A 84 11.14 6.70 9.29
C GLU A 84 10.25 6.26 8.13
N ARG A 85 9.71 5.05 8.24
CA ARG A 85 8.84 4.50 7.19
C ARG A 85 8.06 3.30 7.72
N THR A 86 6.90 3.06 7.12
CA THR A 86 6.06 1.93 7.52
C THR A 86 6.11 0.81 6.49
N SER A 87 5.40 -0.28 6.78
CA SER A 87 5.36 -1.42 5.89
C SER A 87 4.14 -2.29 6.16
N ALA A 88 3.61 -2.91 5.10
CA ALA A 88 2.44 -3.77 5.24
C ALA A 88 2.37 -4.77 4.09
N MET A 89 2.60 -6.04 4.40
CA MET A 89 2.56 -7.10 3.40
C MET A 89 1.28 -7.04 2.60
N LEU A 90 1.38 -7.28 1.30
CA LEU A 90 0.22 -7.25 0.41
C LEU A 90 0.00 -8.62 -0.24
N THR A 91 -1.05 -9.31 0.17
CA THR A 91 -1.38 -10.61 -0.38
C THR A 91 -2.46 -10.51 -1.45
N VAL A 92 -2.17 -11.08 -2.63
CA VAL A 92 -3.12 -11.05 -3.73
C VAL A 92 -3.72 -12.44 -3.97
N ARG A 93 -4.98 -12.60 -3.57
CA ARG A 93 -5.67 -13.87 -3.76
C ARG A 93 -6.12 -14.05 -5.20
N ALA A 94 -5.50 -15.00 -5.90
CA ALA A 94 -5.84 -15.27 -7.29
C ALA A 94 -7.35 -15.46 -7.46
N LEU A 95 -7.90 -14.89 -8.53
CA LEU A 95 -9.32 -15.00 -8.81
C LEU A 95 -9.64 -16.29 -9.55
N PRO A 96 -10.91 -16.72 -9.48
CA PRO A 96 -11.37 -17.95 -10.13
C PRO A 96 -11.41 -17.81 -11.65
N ILE A 97 -10.44 -18.41 -12.32
CA ILE A 97 -10.36 -18.35 -13.78
C ILE A 97 -11.42 -19.24 -14.41
N LYS A 98 -12.21 -18.66 -15.32
CA LYS A 98 -13.25 -19.41 -16.01
C LYS A 98 -12.70 -20.68 -16.63
N PHE A 99 -13.50 -21.74 -16.58
CA PHE A 99 -13.09 -23.03 -17.14
C PHE A 99 -14.31 -23.88 -17.50
N THR A 100 -14.16 -24.72 -18.52
CA THR A 100 -15.24 -25.58 -18.96
C THR A 100 -14.70 -26.76 -19.77
N GLU A 101 -15.17 -27.96 -19.44
CA GLU A 101 -14.75 -29.17 -20.12
C GLU A 101 -15.85 -30.22 -20.13
N SER A 102 -15.62 -31.31 -20.86
CA SER A 102 -16.60 -32.38 -20.95
C SER A 102 -16.02 -33.69 -20.40
N GLY A 103 -16.88 -34.48 -19.77
CA GLY A 103 -16.43 -35.75 -19.21
C GLY A 103 -16.83 -35.92 -17.76
N PRO A 104 -16.28 -36.95 -17.11
CA PRO A 104 -16.57 -37.24 -15.70
C PRO A 104 -15.99 -36.19 -14.75
N SER A 105 -16.54 -36.13 -13.54
CA SER A 105 -16.07 -35.17 -12.54
C SER A 105 -15.30 -35.88 -11.43
N SER A 106 -15.90 -36.93 -10.88
CA SER A 106 -15.27 -37.70 -9.81
C SER A 106 -14.99 -36.80 -8.60
N GLY A 107 -15.95 -35.96 -8.26
CA GLY A 107 -15.79 -35.06 -7.13
C GLY A 107 -17.11 -34.77 -6.44
N GLY A 1 24.26 23.15 15.84
CA GLY A 1 22.92 23.08 15.31
C GLY A 1 21.87 23.41 16.34
N SER A 2 20.94 22.49 16.55
CA SER A 2 19.87 22.69 17.52
C SER A 2 19.02 23.91 17.15
N SER A 3 18.73 24.05 15.87
CA SER A 3 17.92 25.16 15.38
C SER A 3 16.45 24.78 15.28
N GLY A 4 15.63 25.40 16.14
CA GLY A 4 14.21 25.11 16.13
C GLY A 4 13.90 23.69 16.60
N SER A 5 12.65 23.28 16.43
CA SER A 5 12.23 21.95 16.85
C SER A 5 11.47 21.25 15.72
N SER A 6 10.48 21.94 15.16
CA SER A 6 9.68 21.38 14.08
C SER A 6 10.53 21.16 12.83
N GLY A 7 10.60 19.91 12.39
CA GLY A 7 11.38 19.58 11.21
C GLY A 7 10.89 18.33 10.52
N PRO A 8 11.51 17.19 10.83
CA PRO A 8 11.15 15.89 10.24
C PRO A 8 9.80 15.40 10.73
N ALA A 9 9.22 14.45 9.99
CA ALA A 9 7.92 13.89 10.36
C ALA A 9 7.98 12.36 10.40
N ARG A 10 7.55 11.80 11.52
CA ARG A 10 7.55 10.34 11.68
C ARG A 10 6.14 9.78 11.55
N PHE A 11 6.06 8.48 11.26
CA PHE A 11 4.77 7.81 11.10
C PHE A 11 4.19 7.41 12.45
N ILE A 12 3.27 8.22 12.96
CA ILE A 12 2.64 7.93 14.26
C ILE A 12 1.77 6.68 14.19
N GLU A 13 1.18 6.45 13.01
CA GLU A 13 0.32 5.29 12.82
C GLU A 13 0.84 4.42 11.68
N ASP A 14 0.97 3.12 11.95
CA ASP A 14 1.45 2.18 10.95
C ASP A 14 0.29 1.56 10.18
N VAL A 15 0.43 1.55 8.85
CA VAL A 15 -0.62 0.99 7.99
C VAL A 15 -0.93 -0.45 8.37
N LYS A 16 -2.08 -0.95 7.93
CA LYS A 16 -2.49 -2.32 8.22
C LYS A 16 -2.26 -3.22 7.01
N ASN A 17 -1.97 -4.49 7.27
CA ASN A 17 -1.73 -5.45 6.20
C ASN A 17 -2.73 -5.25 5.06
N GLN A 18 -2.28 -5.51 3.83
CA GLN A 18 -3.13 -5.36 2.67
C GLN A 18 -3.50 -6.72 2.09
N GLU A 19 -4.73 -6.83 1.60
CA GLU A 19 -5.23 -8.07 1.01
C GLU A 19 -6.41 -7.82 0.09
N ALA A 20 -6.30 -8.29 -1.15
CA ALA A 20 -7.36 -8.12 -2.13
C ALA A 20 -7.26 -9.15 -3.24
N ARG A 21 -8.41 -9.59 -3.75
CA ARG A 21 -8.44 -10.58 -4.82
C ARG A 21 -7.87 -10.01 -6.11
N GLU A 22 -7.28 -10.88 -6.93
CA GLU A 22 -6.68 -10.46 -8.19
C GLU A 22 -7.63 -9.52 -8.95
N GLY A 23 -7.06 -8.65 -9.76
CA GLY A 23 -7.86 -7.71 -10.53
C GLY A 23 -8.53 -6.68 -9.66
N ALA A 24 -7.90 -6.35 -8.54
CA ALA A 24 -8.45 -5.37 -7.61
C ALA A 24 -7.48 -4.23 -7.39
N THR A 25 -7.86 -3.27 -6.55
CA THR A 25 -7.02 -2.13 -6.24
C THR A 25 -6.76 -2.00 -4.75
N ALA A 26 -5.53 -2.30 -4.33
CA ALA A 26 -5.16 -2.23 -2.93
C ALA A 26 -5.23 -0.79 -2.41
N VAL A 27 -5.25 -0.64 -1.09
CA VAL A 27 -5.32 0.68 -0.48
C VAL A 27 -4.51 0.73 0.81
N LEU A 28 -3.46 1.55 0.82
CA LEU A 28 -2.61 1.69 1.99
C LEU A 28 -2.71 3.09 2.57
N GLN A 29 -3.26 3.19 3.79
CA GLN A 29 -3.41 4.47 4.46
C GLN A 29 -2.53 4.55 5.70
N CYS A 30 -1.98 5.73 5.96
CA CYS A 30 -1.12 5.93 7.13
C CYS A 30 -1.31 7.33 7.71
N GLU A 31 -0.56 7.63 8.75
CA GLU A 31 -0.65 8.94 9.40
C GLU A 31 0.73 9.45 9.79
N LEU A 32 0.87 10.76 9.90
CA LEU A 32 2.13 11.38 10.26
C LEU A 32 1.95 12.37 11.41
N ASN A 33 2.99 12.55 12.21
CA ASN A 33 2.95 13.47 13.34
C ASN A 33 2.75 14.91 12.86
N SER A 34 3.15 15.17 11.62
CA SER A 34 3.02 16.50 11.04
C SER A 34 2.93 16.43 9.52
N ALA A 35 2.09 17.27 8.94
CA ALA A 35 1.92 17.30 7.49
C ALA A 35 3.25 17.11 6.77
N ALA A 36 3.35 16.04 5.99
CA ALA A 36 4.58 15.75 5.25
C ALA A 36 4.32 14.74 4.14
N PRO A 37 5.12 14.82 3.07
CA PRO A 37 4.99 13.93 1.91
C PRO A 37 5.42 12.50 2.25
N VAL A 38 5.31 11.61 1.26
CA VAL A 38 5.70 10.22 1.45
C VAL A 38 6.09 9.57 0.12
N GLU A 39 6.76 8.44 0.20
CA GLU A 39 7.19 7.71 -1.00
C GLU A 39 6.91 6.22 -0.86
N TRP A 40 5.72 5.82 -1.31
CA TRP A 40 5.32 4.42 -1.24
C TRP A 40 6.27 3.54 -2.07
N ARG A 41 7.03 2.70 -1.37
CA ARG A 41 7.98 1.81 -2.05
C ARG A 41 7.42 0.39 -2.14
N LYS A 42 8.21 -0.51 -2.70
CA LYS A 42 7.80 -1.91 -2.85
C LYS A 42 8.99 -2.79 -3.22
N GLY A 43 9.12 -3.92 -2.53
CA GLY A 43 10.22 -4.83 -2.81
C GLY A 43 11.47 -4.11 -3.27
N SER A 44 11.91 -3.13 -2.48
CA SER A 44 13.09 -2.36 -2.82
C SER A 44 12.89 -1.58 -4.11
N GLU A 45 11.80 -0.83 -4.18
CA GLU A 45 11.50 -0.04 -5.37
C GLU A 45 10.58 1.12 -5.02
N THR A 46 10.89 2.30 -5.56
CA THR A 46 10.09 3.49 -5.30
C THR A 46 8.91 3.58 -6.27
N LEU A 47 7.73 3.84 -5.73
CA LEU A 47 6.53 3.95 -6.55
C LEU A 47 6.18 5.41 -6.80
N ARG A 48 5.33 5.65 -7.80
CA ARG A 48 4.92 7.01 -8.15
C ARG A 48 3.44 7.04 -8.54
N ASP A 49 2.81 8.19 -8.34
CA ASP A 49 1.40 8.35 -8.68
C ASP A 49 1.22 8.41 -10.20
N GLY A 50 0.14 7.79 -10.68
CA GLY A 50 -0.14 7.78 -12.11
C GLY A 50 -1.49 7.20 -12.44
N ASP A 51 -1.57 6.47 -13.53
CA ASP A 51 -2.83 5.85 -13.96
C ASP A 51 -3.16 4.64 -13.09
N ARG A 52 -2.20 3.72 -12.98
CA ARG A 52 -2.39 2.52 -12.18
C ARG A 52 -2.24 2.82 -10.69
N TYR A 53 -1.23 3.62 -10.36
CA TYR A 53 -0.97 3.98 -8.96
C TYR A 53 -1.66 5.31 -8.61
N SER A 54 -1.90 5.50 -7.32
CA SER A 54 -2.55 6.72 -6.85
C SER A 54 -2.09 7.08 -5.44
N LEU A 55 -1.23 8.09 -5.35
CA LEU A 55 -0.71 8.53 -4.06
C LEU A 55 -1.42 9.79 -3.59
N ARG A 56 -2.41 9.62 -2.71
CA ARG A 56 -3.16 10.75 -2.17
C ARG A 56 -2.64 11.15 -0.80
N GLN A 57 -3.21 12.21 -0.24
CA GLN A 57 -2.81 12.70 1.07
C GLN A 57 -3.76 13.78 1.57
N ASP A 58 -4.06 13.75 2.86
CA ASP A 58 -4.96 14.73 3.46
C ASP A 58 -4.36 15.31 4.73
N GLY A 59 -3.40 16.22 4.56
CA GLY A 59 -2.77 16.84 5.70
C GLY A 59 -1.61 16.01 6.24
N THR A 60 -1.90 15.14 7.19
CA THR A 60 -0.87 14.29 7.78
C THR A 60 -1.03 12.84 7.34
N LYS A 61 -2.25 12.47 6.96
CA LYS A 61 -2.54 11.12 6.51
C LYS A 61 -2.19 10.96 5.03
N CYS A 62 -1.92 9.72 4.63
CA CYS A 62 -1.57 9.42 3.24
C CYS A 62 -2.43 8.28 2.70
N GLU A 63 -2.26 7.99 1.41
CA GLU A 63 -3.01 6.92 0.78
C GLU A 63 -2.35 6.50 -0.53
N LEU A 64 -2.30 5.19 -0.76
CA LEU A 64 -1.69 4.66 -1.98
C LEU A 64 -2.53 3.51 -2.54
N GLN A 65 -3.01 3.69 -3.77
CA GLN A 65 -3.82 2.67 -4.42
C GLN A 65 -3.07 2.03 -5.59
N ILE A 66 -3.19 0.72 -5.72
CA ILE A 66 -2.53 0.00 -6.79
C ILE A 66 -3.54 -0.70 -7.70
N ARG A 67 -3.87 -0.05 -8.81
CA ARG A 67 -4.83 -0.60 -9.76
C ARG A 67 -4.16 -1.65 -10.65
N GLY A 68 -4.77 -2.84 -10.69
CA GLY A 68 -4.21 -3.91 -11.51
C GLY A 68 -3.43 -4.91 -10.69
N LEU A 69 -4.02 -5.37 -9.59
CA LEU A 69 -3.37 -6.34 -8.71
C LEU A 69 -3.17 -7.67 -9.43
N ALA A 70 -2.10 -8.37 -9.08
CA ALA A 70 -1.80 -9.67 -9.68
C ALA A 70 -0.79 -10.44 -8.85
N MET A 71 -0.73 -11.75 -9.06
CA MET A 71 0.19 -12.61 -8.33
C MET A 71 1.55 -11.94 -8.17
N ALA A 72 2.00 -11.27 -9.23
CA ALA A 72 3.29 -10.59 -9.22
C ALA A 72 3.28 -9.44 -8.22
N ASP A 73 2.22 -8.65 -8.24
CA ASP A 73 2.09 -7.50 -7.33
C ASP A 73 2.30 -7.95 -5.88
N THR A 74 1.87 -9.16 -5.57
CA THR A 74 2.01 -9.70 -4.22
C THR A 74 3.43 -9.51 -3.70
N GLY A 75 3.59 -8.56 -2.78
CA GLY A 75 4.91 -8.30 -2.22
C GLY A 75 4.84 -7.49 -0.93
N GLU A 76 5.83 -6.65 -0.71
CA GLU A 76 5.88 -5.82 0.49
C GLU A 76 6.06 -4.34 0.13
N TYR A 77 5.22 -3.49 0.71
CA TYR A 77 5.29 -2.06 0.45
C TYR A 77 5.70 -1.29 1.69
N SER A 78 6.53 -0.28 1.52
CA SER A 78 6.99 0.54 2.63
C SER A 78 6.85 2.02 2.32
N CYS A 79 6.04 2.70 3.11
CA CYS A 79 5.81 4.14 2.91
C CYS A 79 6.86 4.95 3.66
N VAL A 80 7.81 5.51 2.92
CA VAL A 80 8.87 6.32 3.51
C VAL A 80 8.53 7.80 3.46
N CYS A 81 8.64 8.48 4.60
CA CYS A 81 8.35 9.89 4.68
C CYS A 81 9.63 10.72 4.69
N GLY A 82 10.73 10.10 5.11
CA GLY A 82 12.00 10.79 5.15
C GLY A 82 13.00 10.11 6.07
N GLN A 83 12.70 10.11 7.36
CA GLN A 83 13.58 9.48 8.34
C GLN A 83 13.10 8.08 8.69
N GLU A 84 11.79 7.92 8.81
CA GLU A 84 11.20 6.63 9.14
C GLU A 84 10.19 6.20 8.09
N ARG A 85 9.72 4.96 8.20
CA ARG A 85 8.74 4.43 7.25
C ARG A 85 8.01 3.23 7.83
N THR A 86 6.94 2.81 7.16
CA THR A 86 6.16 1.66 7.62
C THR A 86 6.20 0.53 6.60
N SER A 87 5.45 -0.53 6.87
CA SER A 87 5.41 -1.69 5.99
C SER A 87 4.14 -2.51 6.22
N ALA A 88 3.65 -3.14 5.16
CA ALA A 88 2.44 -3.95 5.24
C ALA A 88 2.37 -4.95 4.10
N MET A 89 2.53 -6.23 4.42
CA MET A 89 2.49 -7.28 3.40
C MET A 89 1.17 -7.26 2.65
N LEU A 90 1.25 -7.35 1.33
CA LEU A 90 0.06 -7.33 0.48
C LEU A 90 -0.13 -8.67 -0.22
N THR A 91 -1.24 -9.34 0.08
CA THR A 91 -1.55 -10.63 -0.52
C THR A 91 -2.61 -10.49 -1.60
N VAL A 92 -2.31 -11.03 -2.79
CA VAL A 92 -3.25 -10.97 -3.90
C VAL A 92 -3.90 -12.33 -4.15
N ARG A 93 -5.03 -12.56 -3.48
CA ARG A 93 -5.75 -13.82 -3.64
C ARG A 93 -6.18 -14.04 -5.08
N ALA A 94 -5.56 -15.01 -5.74
CA ALA A 94 -5.88 -15.32 -7.13
C ALA A 94 -7.35 -15.69 -7.29
N LEU A 95 -8.03 -15.01 -8.21
CA LEU A 95 -9.44 -15.27 -8.46
C LEU A 95 -9.67 -16.69 -8.94
N PRO A 96 -10.77 -17.30 -8.47
CA PRO A 96 -11.12 -18.68 -8.83
C PRO A 96 -11.56 -18.79 -10.28
N ILE A 97 -10.69 -19.38 -11.12
CA ILE A 97 -11.00 -19.55 -12.53
C ILE A 97 -11.87 -20.77 -12.76
N LYS A 98 -11.44 -21.91 -12.23
CA LYS A 98 -12.18 -23.16 -12.37
C LYS A 98 -13.02 -23.44 -11.13
N PHE A 99 -12.47 -23.10 -9.96
CA PHE A 99 -13.17 -23.31 -8.70
C PHE A 99 -14.61 -22.80 -8.77
N THR A 100 -15.54 -23.61 -8.27
CA THR A 100 -16.95 -23.25 -8.28
C THR A 100 -17.59 -23.47 -6.92
N GLU A 101 -18.22 -22.43 -6.39
CA GLU A 101 -18.87 -22.51 -5.08
C GLU A 101 -19.94 -23.60 -5.08
N SER A 102 -19.69 -24.65 -4.32
CA SER A 102 -20.63 -25.77 -4.22
C SER A 102 -20.50 -26.48 -2.87
N GLY A 103 -21.50 -27.29 -2.54
CA GLY A 103 -21.49 -28.02 -1.28
C GLY A 103 -21.36 -29.50 -1.47
N PRO A 104 -21.54 -30.27 -0.39
CA PRO A 104 -21.45 -31.73 -0.41
C PRO A 104 -22.61 -32.37 -1.17
N SER A 105 -22.49 -33.66 -1.43
CA SER A 105 -23.53 -34.39 -2.15
C SER A 105 -24.65 -34.83 -1.21
N SER A 106 -25.68 -34.00 -1.10
CA SER A 106 -26.81 -34.29 -0.23
C SER A 106 -28.02 -34.72 -1.05
N GLY A 107 -28.45 -35.97 -0.86
CA GLY A 107 -29.61 -36.48 -1.58
C GLY A 107 -30.65 -37.07 -0.65
N GLY A 1 15.30 16.26 21.08
CA GLY A 1 14.41 16.52 22.20
C GLY A 1 13.40 17.61 21.90
N SER A 2 13.89 18.81 21.61
CA SER A 2 13.01 19.95 21.31
C SER A 2 12.40 19.79 19.92
N SER A 3 11.17 20.29 19.77
CA SER A 3 10.47 20.21 18.49
C SER A 3 9.22 21.08 18.51
N GLY A 4 8.59 21.23 17.35
CA GLY A 4 7.39 22.04 17.25
C GLY A 4 7.44 22.98 16.06
N SER A 5 8.53 23.72 15.92
CA SER A 5 8.69 24.66 14.83
C SER A 5 9.27 23.99 13.59
N SER A 6 10.37 23.27 13.78
CA SER A 6 11.03 22.57 12.68
C SER A 6 11.45 21.16 13.10
N GLY A 7 11.14 20.18 12.27
CA GLY A 7 11.49 18.80 12.56
C GLY A 7 10.90 17.82 11.57
N PRO A 8 11.51 16.63 11.48
CA PRO A 8 11.06 15.58 10.56
C PRO A 8 9.73 14.98 10.99
N ALA A 9 9.04 14.36 10.03
CA ALA A 9 7.74 13.74 10.29
C ALA A 9 7.89 12.23 10.50
N ARG A 10 7.27 11.72 11.55
CA ARG A 10 7.34 10.29 11.86
C ARG A 10 5.96 9.64 11.70
N PHE A 11 5.95 8.39 11.27
CA PHE A 11 4.70 7.66 11.08
C PHE A 11 4.14 7.18 12.42
N ILE A 12 3.26 7.99 13.00
CA ILE A 12 2.64 7.67 14.27
C ILE A 12 1.78 6.42 14.16
N GLU A 13 1.18 6.22 12.98
CA GLU A 13 0.33 5.06 12.74
C GLU A 13 0.81 4.27 11.54
N ASP A 14 1.13 2.99 11.77
CA ASP A 14 1.60 2.13 10.69
C ASP A 14 0.43 1.52 9.93
N VAL A 15 0.51 1.57 8.60
CA VAL A 15 -0.54 1.03 7.75
C VAL A 15 -0.89 -0.40 8.14
N LYS A 16 -2.07 -0.86 7.74
CA LYS A 16 -2.50 -2.22 8.05
C LYS A 16 -2.25 -3.15 6.87
N ASN A 17 -1.97 -4.41 7.16
CA ASN A 17 -1.72 -5.41 6.12
C ASN A 17 -2.73 -5.27 4.98
N GLN A 18 -2.25 -5.41 3.76
CA GLN A 18 -3.10 -5.30 2.58
C GLN A 18 -3.50 -6.68 2.06
N GLU A 19 -4.72 -6.79 1.56
CA GLU A 19 -5.21 -8.06 1.04
C GLU A 19 -6.36 -7.83 0.06
N ALA A 20 -6.27 -8.45 -1.11
CA ALA A 20 -7.30 -8.31 -2.14
C ALA A 20 -7.08 -9.32 -3.26
N ARG A 21 -8.18 -9.92 -3.73
CA ARG A 21 -8.11 -10.91 -4.80
C ARG A 21 -7.57 -10.27 -6.08
N GLU A 22 -6.94 -11.09 -6.92
CA GLU A 22 -6.37 -10.62 -8.17
C GLU A 22 -7.37 -9.73 -8.91
N GLY A 23 -6.85 -8.81 -9.72
CA GLY A 23 -7.71 -7.90 -10.47
C GLY A 23 -8.46 -6.94 -9.58
N ALA A 24 -7.87 -6.61 -8.43
CA ALA A 24 -8.49 -5.70 -7.48
C ALA A 24 -7.64 -4.44 -7.31
N THR A 25 -8.06 -3.58 -6.38
CA THR A 25 -7.33 -2.34 -6.12
C THR A 25 -7.01 -2.20 -4.64
N ALA A 26 -5.74 -2.38 -4.29
CA ALA A 26 -5.31 -2.26 -2.91
C ALA A 26 -5.32 -0.81 -2.43
N VAL A 27 -5.41 -0.63 -1.12
CA VAL A 27 -5.44 0.71 -0.54
C VAL A 27 -4.62 0.79 0.74
N LEU A 28 -3.58 1.61 0.72
CA LEU A 28 -2.71 1.76 1.89
C LEU A 28 -2.82 3.17 2.47
N GLN A 29 -3.25 3.25 3.72
CA GLN A 29 -3.41 4.53 4.39
C GLN A 29 -2.53 4.61 5.63
N CYS A 30 -1.94 5.77 5.87
CA CYS A 30 -1.07 5.97 7.02
C CYS A 30 -1.26 7.37 7.61
N GLU A 31 -0.51 7.67 8.66
CA GLU A 31 -0.59 8.97 9.32
C GLU A 31 0.78 9.43 9.79
N LEU A 32 0.92 10.73 10.00
CA LEU A 32 2.18 11.31 10.46
C LEU A 32 1.96 12.29 11.61
N ASN A 33 2.91 12.35 12.53
CA ASN A 33 2.82 13.25 13.67
C ASN A 33 2.90 14.71 13.23
N SER A 34 3.35 14.92 11.99
CA SER A 34 3.48 16.27 11.45
C SER A 34 3.27 16.27 9.94
N ALA A 35 2.54 17.26 9.44
CA ALA A 35 2.27 17.38 8.02
C ALA A 35 3.55 17.31 7.20
N ALA A 36 3.68 16.24 6.42
CA ALA A 36 4.87 16.05 5.59
C ALA A 36 4.60 15.04 4.48
N PRO A 37 5.34 15.16 3.37
CA PRO A 37 5.21 14.27 2.22
C PRO A 37 5.72 12.85 2.52
N VAL A 38 5.52 11.95 1.57
CA VAL A 38 5.96 10.57 1.73
C VAL A 38 6.13 9.89 0.37
N GLU A 39 6.59 8.65 0.40
CA GLU A 39 6.81 7.89 -0.83
C GLU A 39 6.44 6.42 -0.62
N TRP A 40 5.61 5.89 -1.52
CA TRP A 40 5.18 4.50 -1.45
C TRP A 40 6.09 3.60 -2.27
N ARG A 41 6.87 2.76 -1.59
CA ARG A 41 7.79 1.86 -2.26
C ARG A 41 7.17 0.46 -2.40
N LYS A 42 7.93 -0.45 -2.99
CA LYS A 42 7.46 -1.82 -3.19
C LYS A 42 8.62 -2.76 -3.49
N GLY A 43 8.62 -3.92 -2.83
CA GLY A 43 9.69 -4.89 -3.04
C GLY A 43 11.03 -4.23 -3.30
N SER A 44 11.30 -3.15 -2.57
CA SER A 44 12.57 -2.43 -2.72
C SER A 44 12.55 -1.60 -4.01
N GLU A 45 11.47 -0.85 -4.21
CA GLU A 45 11.34 -0.02 -5.40
C GLU A 45 10.47 1.21 -5.10
N THR A 46 10.74 2.30 -5.79
CA THR A 46 9.98 3.54 -5.61
C THR A 46 8.81 3.62 -6.58
N LEU A 47 7.62 3.79 -6.04
CA LEU A 47 6.41 3.88 -6.87
C LEU A 47 6.11 5.33 -7.23
N ARG A 48 5.23 5.52 -8.20
CA ARG A 48 4.85 6.86 -8.64
C ARG A 48 3.37 6.93 -8.97
N ASP A 49 2.76 8.08 -8.70
CA ASP A 49 1.33 8.27 -8.96
C ASP A 49 1.06 8.33 -10.46
N GLY A 50 0.01 7.64 -10.89
CA GLY A 50 -0.34 7.63 -12.30
C GLY A 50 -1.71 7.03 -12.55
N ASP A 51 -1.84 6.28 -13.64
CA ASP A 51 -3.11 5.64 -13.99
C ASP A 51 -3.41 4.47 -13.06
N ARG A 52 -2.47 3.52 -13.00
CA ARG A 52 -2.64 2.35 -12.14
C ARG A 52 -2.44 2.71 -10.68
N TYR A 53 -1.40 3.48 -10.40
CA TYR A 53 -1.09 3.90 -9.03
C TYR A 53 -1.73 5.25 -8.72
N SER A 54 -1.99 5.49 -7.44
CA SER A 54 -2.59 6.73 -7.00
C SER A 54 -2.11 7.12 -5.62
N LEU A 55 -1.22 8.12 -5.56
CA LEU A 55 -0.67 8.59 -4.30
C LEU A 55 -1.38 9.85 -3.83
N ARG A 56 -2.27 9.70 -2.85
CA ARG A 56 -3.01 10.84 -2.32
C ARG A 56 -2.52 11.20 -0.92
N GLN A 57 -3.01 12.33 -0.39
CA GLN A 57 -2.62 12.78 0.93
C GLN A 57 -3.46 13.98 1.36
N ASP A 58 -3.78 14.04 2.66
CA ASP A 58 -4.57 15.13 3.20
C ASP A 58 -3.96 15.66 4.50
N GLY A 59 -2.97 16.53 4.37
CA GLY A 59 -2.31 17.09 5.53
C GLY A 59 -1.25 16.17 6.11
N THR A 60 -1.66 15.32 7.05
CA THR A 60 -0.73 14.39 7.67
C THR A 60 -1.00 12.96 7.24
N LYS A 61 -2.23 12.70 6.81
CA LYS A 61 -2.63 11.37 6.36
C LYS A 61 -2.21 11.14 4.91
N CYS A 62 -1.98 9.88 4.55
CA CYS A 62 -1.58 9.53 3.20
C CYS A 62 -2.46 8.42 2.64
N GLU A 63 -2.31 8.15 1.35
CA GLU A 63 -3.09 7.10 0.69
C GLU A 63 -2.42 6.65 -0.61
N LEU A 64 -2.40 5.34 -0.83
CA LEU A 64 -1.78 4.78 -2.03
C LEU A 64 -2.58 3.59 -2.54
N GLN A 65 -3.01 3.67 -3.79
CA GLN A 65 -3.79 2.59 -4.40
C GLN A 65 -3.01 1.92 -5.53
N ILE A 66 -3.28 0.64 -5.77
CA ILE A 66 -2.60 -0.09 -6.83
C ILE A 66 -3.60 -0.80 -7.73
N ARG A 67 -3.99 -0.12 -8.82
CA ARG A 67 -4.94 -0.68 -9.76
C ARG A 67 -4.27 -1.71 -10.67
N GLY A 68 -4.85 -2.91 -10.72
CA GLY A 68 -4.30 -3.96 -11.55
C GLY A 68 -3.49 -4.97 -10.75
N LEU A 69 -4.01 -5.35 -9.59
CA LEU A 69 -3.34 -6.31 -8.72
C LEU A 69 -3.10 -7.63 -9.45
N ALA A 70 -2.02 -8.31 -9.09
CA ALA A 70 -1.69 -9.59 -9.70
C ALA A 70 -0.71 -10.38 -8.84
N MET A 71 -0.65 -11.69 -9.06
CA MET A 71 0.25 -12.55 -8.30
C MET A 71 1.60 -11.87 -8.08
N ALA A 72 2.18 -11.37 -9.17
CA ALA A 72 3.47 -10.69 -9.10
C ALA A 72 3.44 -9.56 -8.07
N ASP A 73 2.41 -8.74 -8.13
CA ASP A 73 2.28 -7.62 -7.19
C ASP A 73 2.52 -8.08 -5.76
N THR A 74 2.03 -9.27 -5.44
CA THR A 74 2.19 -9.83 -4.10
C THR A 74 3.62 -9.66 -3.61
N GLY A 75 3.81 -8.75 -2.66
CA GLY A 75 5.13 -8.51 -2.11
C GLY A 75 5.09 -7.72 -0.81
N GLU A 76 5.82 -6.61 -0.78
CA GLU A 76 5.86 -5.76 0.41
C GLU A 76 5.97 -4.29 0.03
N TYR A 77 5.12 -3.46 0.63
CA TYR A 77 5.11 -2.03 0.36
C TYR A 77 5.48 -1.23 1.60
N SER A 78 6.34 -0.23 1.42
CA SER A 78 6.78 0.60 2.53
C SER A 78 6.64 2.08 2.19
N CYS A 79 5.97 2.82 3.07
CA CYS A 79 5.75 4.24 2.86
C CYS A 79 6.75 5.07 3.66
N VAL A 80 7.77 5.60 2.97
CA VAL A 80 8.79 6.41 3.62
C VAL A 80 8.37 7.87 3.69
N CYS A 81 8.87 8.58 4.69
CA CYS A 81 8.56 9.99 4.87
C CYS A 81 9.83 10.83 4.99
N GLY A 82 10.81 10.29 5.73
CA GLY A 82 12.06 11.00 5.92
C GLY A 82 13.06 10.20 6.73
N GLN A 83 12.77 10.02 8.02
CA GLN A 83 13.66 9.28 8.90
C GLN A 83 13.10 7.89 9.17
N GLU A 84 11.78 7.79 9.30
CA GLU A 84 11.13 6.52 9.56
C GLU A 84 10.15 6.16 8.44
N ARG A 85 9.77 4.89 8.38
CA ARG A 85 8.84 4.43 7.35
C ARG A 85 8.01 3.26 7.86
N THR A 86 6.90 2.98 7.18
CA THR A 86 6.02 1.89 7.57
C THR A 86 6.04 0.77 6.53
N SER A 87 5.48 -0.38 6.89
CA SER A 87 5.42 -1.52 5.98
C SER A 87 4.16 -2.33 6.20
N ALA A 88 3.69 -2.98 5.14
CA ALA A 88 2.48 -3.80 5.21
C ALA A 88 2.44 -4.82 4.07
N MET A 89 2.57 -6.09 4.43
CA MET A 89 2.55 -7.16 3.45
C MET A 89 1.24 -7.16 2.67
N LEU A 90 1.34 -7.31 1.35
CA LEU A 90 0.17 -7.31 0.49
C LEU A 90 -0.02 -8.68 -0.17
N THR A 91 -1.14 -9.33 0.14
CA THR A 91 -1.42 -10.64 -0.43
C THR A 91 -2.49 -10.55 -1.52
N VAL A 92 -2.16 -11.05 -2.71
CA VAL A 92 -3.09 -11.04 -3.83
C VAL A 92 -3.71 -12.41 -4.07
N ARG A 93 -4.87 -12.65 -3.46
CA ARG A 93 -5.56 -13.92 -3.61
C ARG A 93 -5.96 -14.16 -5.06
N ALA A 94 -5.26 -15.09 -5.71
CA ALA A 94 -5.55 -15.41 -7.11
C ALA A 94 -7.03 -15.70 -7.32
N LEU A 95 -7.59 -15.14 -8.38
CA LEU A 95 -9.00 -15.35 -8.69
C LEU A 95 -9.35 -16.83 -8.67
N PRO A 96 -10.64 -17.12 -8.42
CA PRO A 96 -11.14 -18.51 -8.37
C PRO A 96 -11.16 -19.16 -9.75
N ILE A 97 -10.19 -20.05 -9.99
CA ILE A 97 -10.11 -20.74 -11.28
C ILE A 97 -11.37 -21.54 -11.55
N LYS A 98 -11.66 -22.49 -10.67
CA LYS A 98 -12.85 -23.33 -10.82
C LYS A 98 -14.01 -22.78 -10.00
N PHE A 99 -15.16 -23.43 -10.11
CA PHE A 99 -16.35 -23.00 -9.37
C PHE A 99 -16.32 -23.52 -7.94
N THR A 100 -16.54 -22.63 -6.98
CA THR A 100 -16.53 -23.00 -5.57
C THR A 100 -17.50 -24.15 -5.29
N GLU A 101 -17.00 -25.19 -4.65
CA GLU A 101 -17.82 -26.36 -4.33
C GLU A 101 -17.55 -26.82 -2.90
N SER A 102 -18.62 -27.20 -2.20
CA SER A 102 -18.52 -27.67 -0.83
C SER A 102 -18.99 -29.12 -0.70
N GLY A 103 -18.07 -30.02 -0.41
CA GLY A 103 -18.42 -31.42 -0.28
C GLY A 103 -17.21 -32.30 0.00
N PRO A 104 -17.35 -33.60 -0.25
CA PRO A 104 -16.27 -34.57 -0.03
C PRO A 104 -15.13 -34.41 -1.02
N SER A 105 -14.08 -33.69 -0.61
CA SER A 105 -12.93 -33.45 -1.46
C SER A 105 -11.74 -34.33 -1.03
N SER A 106 -10.70 -34.34 -1.85
CA SER A 106 -9.51 -35.13 -1.56
C SER A 106 -8.31 -34.23 -1.30
N GLY A 107 -8.10 -33.90 -0.02
CA GLY A 107 -6.99 -33.04 0.35
C GLY A 107 -7.01 -32.67 1.82
N GLY A 1 24.25 28.44 19.08
CA GLY A 1 24.25 29.32 17.92
C GLY A 1 23.59 28.68 16.71
N SER A 2 22.50 27.96 16.94
CA SER A 2 21.78 27.30 15.86
C SER A 2 21.34 28.30 14.79
N SER A 3 21.65 28.01 13.54
CA SER A 3 21.29 28.88 12.44
C SER A 3 19.90 28.54 11.90
N GLY A 4 19.67 27.26 11.64
CA GLY A 4 18.38 26.83 11.14
C GLY A 4 17.77 25.72 11.98
N SER A 5 16.45 25.57 11.87
CA SER A 5 15.75 24.55 12.63
C SER A 5 15.39 23.35 11.75
N SER A 6 15.39 22.16 12.34
CA SER A 6 15.08 20.94 11.61
C SER A 6 14.19 20.02 12.44
N GLY A 7 13.22 19.39 11.78
CA GLY A 7 12.33 18.49 12.47
C GLY A 7 11.55 17.60 11.52
N PRO A 8 12.07 16.39 11.28
CA PRO A 8 11.44 15.42 10.39
C PRO A 8 10.15 14.85 10.97
N ALA A 9 9.34 14.23 10.10
CA ALA A 9 8.08 13.64 10.53
C ALA A 9 8.20 12.14 10.69
N ARG A 10 7.56 11.61 11.73
CA ARG A 10 7.59 10.17 12.00
C ARG A 10 6.20 9.56 11.91
N PHE A 11 6.11 8.38 11.31
CA PHE A 11 4.84 7.68 11.16
C PHE A 11 4.26 7.30 12.52
N ILE A 12 3.25 8.03 12.96
CA ILE A 12 2.60 7.75 14.23
C ILE A 12 1.79 6.46 14.18
N GLU A 13 1.24 6.15 13.01
CA GLU A 13 0.45 4.95 12.83
C GLU A 13 0.92 4.16 11.61
N ASP A 14 1.18 2.87 11.80
CA ASP A 14 1.64 2.01 10.72
C ASP A 14 0.47 1.40 9.98
N VAL A 15 0.53 1.44 8.65
CA VAL A 15 -0.54 0.89 7.81
C VAL A 15 -0.82 -0.56 8.16
N LYS A 16 -1.98 -1.05 7.75
CA LYS A 16 -2.37 -2.43 8.02
C LYS A 16 -2.11 -3.31 6.80
N ASN A 17 -1.81 -4.58 7.05
CA ASN A 17 -1.54 -5.53 5.96
C ASN A 17 -2.59 -5.41 4.86
N GLN A 18 -2.14 -5.37 3.61
CA GLN A 18 -3.03 -5.25 2.48
C GLN A 18 -3.46 -6.64 1.98
N GLU A 19 -4.74 -6.78 1.64
CA GLU A 19 -5.26 -8.04 1.15
C GLU A 19 -6.45 -7.81 0.22
N ALA A 20 -6.41 -8.45 -0.95
CA ALA A 20 -7.49 -8.31 -1.93
C ALA A 20 -7.37 -9.38 -3.02
N ARG A 21 -8.50 -9.71 -3.63
CA ARG A 21 -8.52 -10.71 -4.69
C ARG A 21 -7.98 -10.13 -5.99
N GLU A 22 -7.33 -10.98 -6.78
CA GLU A 22 -6.77 -10.56 -8.05
C GLU A 22 -7.75 -9.69 -8.83
N GLY A 23 -7.23 -8.65 -9.47
CA GLY A 23 -8.08 -7.75 -10.24
C GLY A 23 -8.78 -6.73 -9.36
N ALA A 24 -8.12 -6.34 -8.27
CA ALA A 24 -8.69 -5.36 -7.35
C ALA A 24 -7.79 -4.14 -7.23
N THR A 25 -8.15 -3.22 -6.34
CA THR A 25 -7.38 -2.00 -6.14
C THR A 25 -6.97 -1.85 -4.67
N ALA A 26 -5.72 -2.21 -4.38
CA ALA A 26 -5.21 -2.12 -3.01
C ALA A 26 -5.34 -0.69 -2.47
N VAL A 27 -5.38 -0.57 -1.15
CA VAL A 27 -5.49 0.73 -0.52
C VAL A 27 -4.70 0.78 0.79
N LEU A 28 -3.60 1.53 0.77
CA LEU A 28 -2.75 1.65 1.96
C LEU A 28 -2.87 3.04 2.56
N GLN A 29 -3.41 3.11 3.78
CA GLN A 29 -3.57 4.38 4.47
C GLN A 29 -2.67 4.46 5.69
N CYS A 30 -2.17 5.65 5.98
CA CYS A 30 -1.29 5.87 7.12
C CYS A 30 -1.50 7.25 7.74
N GLU A 31 -0.72 7.57 8.75
CA GLU A 31 -0.82 8.87 9.43
C GLU A 31 0.54 9.35 9.89
N LEU A 32 0.72 10.67 9.92
CA LEU A 32 1.97 11.27 10.35
C LEU A 32 1.76 12.21 11.54
N ASN A 33 2.81 12.39 12.33
CA ASN A 33 2.73 13.27 13.49
C ASN A 33 2.61 14.73 13.07
N SER A 34 3.03 15.02 11.85
CA SER A 34 2.97 16.38 11.32
C SER A 34 2.84 16.38 9.81
N ALA A 35 2.19 17.41 9.26
CA ALA A 35 2.00 17.51 7.82
C ALA A 35 3.33 17.38 7.08
N ALA A 36 3.45 16.31 6.29
CA ALA A 36 4.66 16.07 5.53
C ALA A 36 4.43 15.04 4.43
N PRO A 37 5.20 15.14 3.34
CA PRO A 37 5.08 14.24 2.20
C PRO A 37 5.57 12.83 2.53
N VAL A 38 5.36 11.90 1.60
CA VAL A 38 5.78 10.52 1.79
C VAL A 38 6.06 9.84 0.46
N GLU A 39 6.56 8.62 0.52
CA GLU A 39 6.89 7.85 -0.69
C GLU A 39 6.54 6.38 -0.52
N TRP A 40 5.75 5.86 -1.44
CA TRP A 40 5.33 4.46 -1.39
C TRP A 40 6.27 3.59 -2.22
N ARG A 41 7.05 2.75 -1.55
CA ARG A 41 7.99 1.87 -2.23
C ARG A 41 7.43 0.45 -2.32
N LYS A 42 8.24 -0.46 -2.84
CA LYS A 42 7.83 -1.86 -2.98
C LYS A 42 9.01 -2.74 -3.36
N GLY A 43 9.21 -3.81 -2.61
CA GLY A 43 10.31 -4.72 -2.89
C GLY A 43 11.57 -4.00 -3.28
N SER A 44 11.95 -3.00 -2.48
CA SER A 44 13.15 -2.21 -2.76
C SER A 44 13.01 -1.44 -4.07
N GLU A 45 11.93 -0.67 -4.18
CA GLU A 45 11.67 0.11 -5.38
C GLU A 45 10.73 1.28 -5.07
N THR A 46 11.03 2.44 -5.65
CA THR A 46 10.21 3.63 -5.44
C THR A 46 9.07 3.69 -6.44
N LEU A 47 7.85 3.85 -5.93
CA LEU A 47 6.67 3.94 -6.79
C LEU A 47 6.33 5.38 -7.11
N ARG A 48 5.52 5.58 -8.15
CA ARG A 48 5.12 6.92 -8.56
C ARG A 48 3.62 6.96 -8.91
N ASP A 49 2.98 8.07 -8.58
CA ASP A 49 1.56 8.24 -8.86
C ASP A 49 1.30 8.32 -10.37
N GLY A 50 0.38 7.48 -10.85
CA GLY A 50 0.06 7.48 -12.26
C GLY A 50 -1.31 6.91 -12.54
N ASP A 51 -1.44 6.17 -13.63
CA ASP A 51 -2.71 5.57 -14.02
C ASP A 51 -3.05 4.38 -13.10
N ARG A 52 -2.09 3.48 -12.94
CA ARG A 52 -2.29 2.30 -12.10
C ARG A 52 -2.09 2.66 -10.63
N TYR A 53 -1.09 3.49 -10.35
CA TYR A 53 -0.79 3.90 -8.98
C TYR A 53 -1.43 5.24 -8.67
N SER A 54 -1.82 5.43 -7.41
CA SER A 54 -2.45 6.67 -6.98
C SER A 54 -1.98 7.06 -5.59
N LEU A 55 -1.12 8.06 -5.52
CA LEU A 55 -0.59 8.54 -4.24
C LEU A 55 -1.29 9.83 -3.81
N ARG A 56 -2.24 9.69 -2.90
CA ARG A 56 -2.98 10.84 -2.39
C ARG A 56 -2.52 11.22 -0.99
N GLN A 57 -3.06 12.31 -0.46
CA GLN A 57 -2.71 12.78 0.88
C GLN A 57 -3.65 13.88 1.34
N ASP A 58 -3.98 13.87 2.63
CA ASP A 58 -4.87 14.86 3.21
C ASP A 58 -4.29 15.46 4.48
N GLY A 59 -3.31 16.35 4.32
CA GLY A 59 -2.68 16.96 5.47
C GLY A 59 -1.58 16.10 6.07
N THR A 60 -1.96 15.22 6.99
CA THR A 60 -1.01 14.33 7.64
C THR A 60 -1.22 12.88 7.22
N LYS A 61 -2.44 12.57 6.81
CA LYS A 61 -2.78 11.22 6.38
C LYS A 61 -2.40 11.00 4.91
N CYS A 62 -2.04 9.77 4.57
CA CYS A 62 -1.67 9.43 3.21
C CYS A 62 -2.52 8.29 2.66
N GLU A 63 -2.38 8.01 1.37
CA GLU A 63 -3.14 6.94 0.73
C GLU A 63 -2.50 6.54 -0.59
N LEU A 64 -2.31 5.24 -0.78
CA LEU A 64 -1.71 4.72 -2.00
C LEU A 64 -2.54 3.57 -2.56
N GLN A 65 -3.04 3.75 -3.77
CA GLN A 65 -3.85 2.72 -4.42
C GLN A 65 -3.07 2.05 -5.55
N ILE A 66 -3.22 0.73 -5.67
CA ILE A 66 -2.54 -0.03 -6.71
C ILE A 66 -3.53 -0.77 -7.59
N ARG A 67 -3.70 -0.28 -8.82
CA ARG A 67 -4.62 -0.90 -9.77
C ARG A 67 -3.95 -2.08 -10.48
N GLY A 68 -4.70 -3.17 -10.64
CA GLY A 68 -4.16 -4.34 -11.31
C GLY A 68 -3.48 -5.29 -10.34
N LEU A 69 -4.15 -5.57 -9.24
CA LEU A 69 -3.59 -6.47 -8.22
C LEU A 69 -3.44 -7.89 -8.78
N ALA A 70 -2.21 -8.27 -9.08
CA ALA A 70 -1.93 -9.60 -9.61
C ALA A 70 -0.94 -10.35 -8.74
N MET A 71 -0.73 -11.63 -9.04
CA MET A 71 0.20 -12.45 -8.28
C MET A 71 1.57 -11.79 -8.22
N ALA A 72 1.94 -11.09 -9.28
CA ALA A 72 3.23 -10.41 -9.35
C ALA A 72 3.28 -9.24 -8.36
N ASP A 73 2.20 -8.48 -8.30
CA ASP A 73 2.13 -7.34 -7.39
C ASP A 73 2.32 -7.76 -5.94
N THR A 74 1.88 -8.99 -5.64
CA THR A 74 2.00 -9.52 -4.28
C THR A 74 3.42 -9.34 -3.75
N GLY A 75 3.59 -8.34 -2.88
CA GLY A 75 4.90 -8.08 -2.31
C GLY A 75 4.82 -7.28 -1.03
N GLU A 76 5.92 -6.60 -0.69
CA GLU A 76 5.97 -5.79 0.52
C GLU A 76 6.16 -4.32 0.18
N TYR A 77 5.23 -3.50 0.67
CA TYR A 77 5.28 -2.06 0.41
C TYR A 77 5.68 -1.30 1.68
N SER A 78 6.47 -0.24 1.49
CA SER A 78 6.93 0.58 2.61
C SER A 78 6.76 2.06 2.31
N CYS A 79 6.06 2.76 3.21
CA CYS A 79 5.82 4.18 3.04
C CYS A 79 6.86 5.01 3.80
N VAL A 80 7.78 5.63 3.06
CA VAL A 80 8.83 6.44 3.66
C VAL A 80 8.43 7.91 3.69
N CYS A 81 8.66 8.55 4.83
CA CYS A 81 8.33 9.96 4.99
C CYS A 81 9.58 10.78 5.30
N GLY A 82 10.74 10.27 4.89
CA GLY A 82 11.98 10.97 5.13
C GLY A 82 13.02 10.09 5.79
N GLN A 83 12.88 9.87 7.09
CA GLN A 83 13.81 9.04 7.84
C GLN A 83 13.17 7.71 8.22
N GLU A 84 11.93 7.76 8.69
CA GLU A 84 11.21 6.56 9.08
C GLU A 84 10.23 6.13 8.00
N ARG A 85 9.65 4.94 8.16
CA ARG A 85 8.71 4.41 7.20
C ARG A 85 7.95 3.22 7.77
N THR A 86 6.86 2.84 7.11
CA THR A 86 6.05 1.71 7.56
C THR A 86 6.11 0.56 6.57
N SER A 87 5.32 -0.48 6.84
CA SER A 87 5.30 -1.65 5.96
C SER A 87 4.00 -2.44 6.15
N ALA A 88 3.51 -3.04 5.06
CA ALA A 88 2.29 -3.82 5.11
C ALA A 88 2.26 -4.86 4.01
N MET A 89 2.45 -6.12 4.39
CA MET A 89 2.44 -7.21 3.42
C MET A 89 1.16 -7.22 2.61
N LEU A 90 1.30 -7.13 1.29
CA LEU A 90 0.15 -7.13 0.39
C LEU A 90 -0.04 -8.49 -0.27
N THR A 91 -1.13 -9.17 0.08
CA THR A 91 -1.42 -10.48 -0.48
C THR A 91 -2.54 -10.40 -1.50
N VAL A 92 -2.28 -10.89 -2.71
CA VAL A 92 -3.27 -10.88 -3.77
C VAL A 92 -3.87 -12.26 -3.99
N ARG A 93 -5.02 -12.50 -3.38
CA ARG A 93 -5.69 -13.79 -3.50
C ARG A 93 -6.11 -14.06 -4.93
N ALA A 94 -5.46 -15.02 -5.56
CA ALA A 94 -5.76 -15.38 -6.94
C ALA A 94 -7.20 -15.84 -7.09
N LEU A 95 -7.92 -15.21 -8.01
CA LEU A 95 -9.32 -15.55 -8.25
C LEU A 95 -9.47 -17.03 -8.60
N PRO A 96 -10.66 -17.59 -8.34
CA PRO A 96 -10.97 -18.99 -8.60
C PRO A 96 -11.05 -19.28 -10.11
N ILE A 97 -9.98 -19.81 -10.67
CA ILE A 97 -9.94 -20.14 -12.08
C ILE A 97 -11.00 -21.17 -12.44
N LYS A 98 -10.89 -22.36 -11.87
CA LYS A 98 -11.83 -23.43 -12.12
C LYS A 98 -11.85 -24.43 -10.96
N PHE A 99 -13.05 -24.86 -10.58
CA PHE A 99 -13.20 -25.82 -9.49
C PHE A 99 -12.08 -26.84 -9.50
N THR A 100 -11.18 -26.76 -8.53
CA THR A 100 -10.06 -27.69 -8.43
C THR A 100 -10.23 -28.63 -7.26
N GLU A 101 -10.50 -29.91 -7.56
CA GLU A 101 -10.68 -30.92 -6.53
C GLU A 101 -10.83 -32.30 -7.14
N SER A 102 -10.36 -33.32 -6.42
CA SER A 102 -10.43 -34.69 -6.90
C SER A 102 -11.82 -35.01 -7.44
N GLY A 103 -12.83 -34.87 -6.58
CA GLY A 103 -14.19 -35.15 -6.99
C GLY A 103 -14.79 -36.35 -6.28
N PRO A 104 -15.77 -37.00 -6.91
CA PRO A 104 -16.44 -38.16 -6.35
C PRO A 104 -15.53 -39.39 -6.31
N SER A 105 -14.98 -39.67 -5.13
CA SER A 105 -14.09 -40.81 -4.96
C SER A 105 -14.84 -42.12 -5.14
N SER A 106 -14.36 -42.96 -6.04
CA SER A 106 -14.99 -44.24 -6.32
C SER A 106 -14.71 -45.23 -5.18
N GLY A 107 -15.75 -45.93 -4.75
CA GLY A 107 -15.60 -46.90 -3.68
C GLY A 107 -16.86 -47.73 -3.46
N GLY A 1 17.72 21.38 22.84
CA GLY A 1 16.57 20.70 23.38
C GLY A 1 15.52 20.38 22.33
N SER A 2 14.68 19.40 22.61
CA SER A 2 13.63 19.00 21.68
C SER A 2 12.27 19.03 22.35
N SER A 3 11.52 20.11 22.11
CA SER A 3 10.18 20.26 22.69
C SER A 3 9.13 20.42 21.61
N GLY A 4 8.12 19.56 21.65
CA GLY A 4 7.06 19.62 20.65
C GLY A 4 7.47 19.05 19.31
N SER A 5 6.50 18.75 18.46
CA SER A 5 6.77 18.19 17.15
C SER A 5 7.31 19.25 16.21
N SER A 6 8.45 18.97 15.59
CA SER A 6 9.08 19.90 14.67
C SER A 6 10.16 19.21 13.83
N GLY A 7 10.38 19.70 12.62
CA GLY A 7 11.37 19.12 11.75
C GLY A 7 10.84 17.93 10.98
N PRO A 8 11.46 16.76 11.20
CA PRO A 8 11.07 15.52 10.53
C PRO A 8 9.71 15.01 11.00
N ALA A 9 9.08 14.16 10.19
CA ALA A 9 7.78 13.61 10.54
C ALA A 9 7.88 12.11 10.78
N ARG A 10 7.20 11.64 11.82
CA ARG A 10 7.21 10.22 12.17
C ARG A 10 5.83 9.61 11.99
N PHE A 11 5.80 8.37 11.50
CA PHE A 11 4.54 7.67 11.28
C PHE A 11 3.91 7.24 12.60
N ILE A 12 2.98 8.05 13.09
CA ILE A 12 2.30 7.77 14.35
C ILE A 12 1.45 6.50 14.24
N GLU A 13 0.91 6.26 13.05
CA GLU A 13 0.09 5.07 12.82
C GLU A 13 0.59 4.29 11.60
N ASP A 14 1.03 3.07 11.84
CA ASP A 14 1.53 2.21 10.77
C ASP A 14 0.38 1.55 10.01
N VAL A 15 0.46 1.57 8.69
CA VAL A 15 -0.58 0.98 7.86
C VAL A 15 -0.84 -0.47 8.25
N LYS A 16 -1.99 -0.98 7.85
CA LYS A 16 -2.35 -2.37 8.15
C LYS A 16 -2.15 -3.27 6.95
N ASN A 17 -1.77 -4.52 7.20
CA ASN A 17 -1.55 -5.48 6.13
C ASN A 17 -2.60 -5.33 5.04
N GLN A 18 -2.17 -5.47 3.79
CA GLN A 18 -3.08 -5.35 2.64
C GLN A 18 -3.51 -6.73 2.15
N GLU A 19 -4.74 -6.81 1.65
CA GLU A 19 -5.28 -8.07 1.16
C GLU A 19 -6.45 -7.83 0.21
N ALA A 20 -6.35 -8.39 -0.99
CA ALA A 20 -7.42 -8.23 -1.98
C ALA A 20 -7.31 -9.31 -3.06
N ARG A 21 -8.45 -9.71 -3.59
CA ARG A 21 -8.50 -10.74 -4.63
C ARG A 21 -7.99 -10.18 -5.96
N GLU A 22 -7.38 -11.06 -6.76
CA GLU A 22 -6.85 -10.65 -8.06
C GLU A 22 -7.84 -9.76 -8.80
N GLY A 23 -7.32 -8.79 -9.54
CA GLY A 23 -8.17 -7.88 -10.29
C GLY A 23 -8.81 -6.82 -9.40
N ALA A 24 -8.12 -6.45 -8.33
CA ALA A 24 -8.63 -5.45 -7.41
C ALA A 24 -7.65 -4.30 -7.25
N THR A 25 -8.01 -3.32 -6.42
CA THR A 25 -7.17 -2.15 -6.19
C THR A 25 -6.85 -1.99 -4.70
N ALA A 26 -5.60 -2.31 -4.34
CA ALA A 26 -5.17 -2.19 -2.95
C ALA A 26 -5.28 -0.75 -2.47
N VAL A 27 -5.32 -0.58 -1.14
CA VAL A 27 -5.43 0.74 -0.55
C VAL A 27 -4.64 0.82 0.75
N LEU A 28 -3.51 1.52 0.72
CA LEU A 28 -2.66 1.67 1.90
C LEU A 28 -2.80 3.07 2.49
N GLN A 29 -3.35 3.13 3.70
CA GLN A 29 -3.54 4.40 4.38
C GLN A 29 -2.67 4.49 5.64
N CYS A 30 -2.06 5.65 5.86
CA CYS A 30 -1.20 5.86 7.01
C CYS A 30 -1.41 7.25 7.60
N GLU A 31 -0.71 7.54 8.68
CA GLU A 31 -0.81 8.84 9.34
C GLU A 31 0.55 9.32 9.83
N LEU A 32 0.74 10.63 9.86
CA LEU A 32 2.00 11.22 10.31
C LEU A 32 1.77 12.15 11.49
N ASN A 33 2.81 12.33 12.31
CA ASN A 33 2.72 13.19 13.48
C ASN A 33 2.67 14.66 13.06
N SER A 34 3.11 14.94 11.84
CA SER A 34 3.11 16.30 11.32
C SER A 34 3.02 16.31 9.80
N ALA A 35 2.36 17.32 9.26
CA ALA A 35 2.19 17.44 7.81
C ALA A 35 3.52 17.25 7.10
N ALA A 36 3.61 16.19 6.30
CA ALA A 36 4.83 15.90 5.55
C ALA A 36 4.55 14.90 4.44
N PRO A 37 5.32 15.01 3.33
CA PRO A 37 5.18 14.13 2.17
C PRO A 37 5.65 12.70 2.47
N VAL A 38 5.47 11.82 1.50
CA VAL A 38 5.88 10.42 1.65
C VAL A 38 6.25 9.80 0.31
N GLU A 39 6.63 8.53 0.33
CA GLU A 39 7.00 7.82 -0.88
C GLU A 39 6.84 6.31 -0.71
N TRP A 40 5.80 5.76 -1.32
CA TRP A 40 5.53 4.33 -1.24
C TRP A 40 6.51 3.54 -2.09
N ARG A 41 7.11 2.50 -1.51
CA ARG A 41 8.06 1.67 -2.23
C ARG A 41 7.55 0.24 -2.34
N LYS A 42 8.32 -0.62 -3.00
CA LYS A 42 7.96 -2.01 -3.19
C LYS A 42 9.18 -2.87 -3.43
N GLY A 43 9.58 -3.64 -2.43
CA GLY A 43 10.74 -4.50 -2.54
C GLY A 43 11.95 -3.78 -3.12
N SER A 44 12.42 -2.75 -2.41
CA SER A 44 13.56 -1.97 -2.86
C SER A 44 13.25 -1.25 -4.17
N GLU A 45 12.10 -0.60 -4.22
CA GLU A 45 11.69 0.13 -5.42
C GLU A 45 10.75 1.28 -5.06
N THR A 46 11.02 2.45 -5.63
CA THR A 46 10.20 3.63 -5.37
C THR A 46 9.05 3.73 -6.36
N LEU A 47 7.84 3.91 -5.83
CA LEU A 47 6.65 4.02 -6.66
C LEU A 47 6.23 5.47 -6.83
N ARG A 48 5.43 5.73 -7.85
CA ARG A 48 4.96 7.09 -8.13
C ARG A 48 3.50 7.08 -8.57
N ASP A 49 2.79 8.16 -8.29
CA ASP A 49 1.38 8.27 -8.66
C ASP A 49 1.22 8.42 -10.17
N GLY A 50 0.22 7.76 -10.71
CA GLY A 50 -0.02 7.82 -12.15
C GLY A 50 -1.33 7.17 -12.54
N ASP A 51 -1.27 6.27 -13.52
CA ASP A 51 -2.47 5.58 -14.00
C ASP A 51 -2.88 4.48 -13.03
N ARG A 52 -2.07 3.42 -12.98
CA ARG A 52 -2.35 2.29 -12.08
C ARG A 52 -2.15 2.68 -10.63
N TYR A 53 -1.16 3.53 -10.38
CA TYR A 53 -0.86 3.98 -9.02
C TYR A 53 -1.58 5.30 -8.72
N SER A 54 -1.90 5.50 -7.45
CA SER A 54 -2.59 6.72 -7.02
C SER A 54 -2.19 7.09 -5.59
N LEU A 55 -1.43 8.17 -5.46
CA LEU A 55 -0.99 8.64 -4.15
C LEU A 55 -1.77 9.89 -3.73
N ARG A 56 -2.66 9.72 -2.75
CA ARG A 56 -3.46 10.83 -2.26
C ARG A 56 -3.16 11.11 -0.79
N GLN A 57 -2.91 12.38 -0.47
CA GLN A 57 -2.60 12.78 0.89
C GLN A 57 -3.52 13.90 1.35
N ASP A 58 -3.83 13.93 2.64
CA ASP A 58 -4.69 14.96 3.21
C ASP A 58 -4.09 15.52 4.50
N GLY A 59 -3.10 16.40 4.35
CA GLY A 59 -2.46 16.99 5.50
C GLY A 59 -1.41 16.09 6.12
N THR A 60 -1.84 15.20 7.00
CA THR A 60 -0.92 14.26 7.66
C THR A 60 -1.19 12.83 7.23
N LYS A 61 -2.41 12.58 6.74
CA LYS A 61 -2.80 11.24 6.30
C LYS A 61 -2.41 11.02 4.84
N CYS A 62 -2.04 9.79 4.51
CA CYS A 62 -1.65 9.45 3.16
C CYS A 62 -2.49 8.29 2.63
N GLU A 63 -2.38 8.03 1.32
CA GLU A 63 -3.13 6.95 0.70
C GLU A 63 -2.48 6.54 -0.63
N LEU A 64 -2.27 5.24 -0.80
CA LEU A 64 -1.66 4.72 -2.02
C LEU A 64 -2.46 3.54 -2.57
N GLN A 65 -3.01 3.70 -3.77
CA GLN A 65 -3.78 2.64 -4.40
C GLN A 65 -3.01 1.99 -5.53
N ILE A 66 -3.22 0.69 -5.74
CA ILE A 66 -2.55 -0.05 -6.79
C ILE A 66 -3.54 -0.78 -7.67
N ARG A 67 -3.86 -0.19 -8.82
CA ARG A 67 -4.80 -0.79 -9.76
C ARG A 67 -4.13 -1.90 -10.58
N GLY A 68 -4.79 -3.04 -10.66
CA GLY A 68 -4.25 -4.16 -11.41
C GLY A 68 -3.52 -5.16 -10.52
N LEU A 69 -4.17 -5.53 -9.42
CA LEU A 69 -3.59 -6.49 -8.48
C LEU A 69 -3.47 -7.87 -9.11
N ALA A 70 -2.28 -8.47 -8.98
CA ALA A 70 -2.04 -9.79 -9.54
C ALA A 70 -1.01 -10.56 -8.70
N MET A 71 -0.88 -11.85 -8.97
CA MET A 71 0.06 -12.69 -8.24
C MET A 71 1.44 -12.03 -8.18
N ALA A 72 1.78 -11.27 -9.21
CA ALA A 72 3.06 -10.59 -9.27
C ALA A 72 3.10 -9.41 -8.31
N ASP A 73 2.03 -8.62 -8.29
CA ASP A 73 1.94 -7.46 -7.42
C ASP A 73 2.21 -7.86 -5.97
N THR A 74 1.83 -9.07 -5.61
CA THR A 74 2.03 -9.56 -4.25
C THR A 74 3.47 -9.37 -3.81
N GLY A 75 3.68 -8.51 -2.82
CA GLY A 75 5.02 -8.25 -2.32
C GLY A 75 5.01 -7.52 -0.99
N GLU A 76 5.85 -6.49 -0.88
CA GLU A 76 5.94 -5.71 0.35
C GLU A 76 6.12 -4.23 0.04
N TYR A 77 5.18 -3.41 0.50
CA TYR A 77 5.23 -1.97 0.27
C TYR A 77 5.68 -1.23 1.54
N SER A 78 6.34 -0.10 1.34
CA SER A 78 6.83 0.71 2.45
C SER A 78 6.63 2.19 2.19
N CYS A 79 5.96 2.87 3.12
CA CYS A 79 5.70 4.29 2.98
C CYS A 79 6.76 5.12 3.71
N VAL A 80 7.72 5.63 2.95
CA VAL A 80 8.80 6.43 3.52
C VAL A 80 8.41 7.91 3.59
N CYS A 81 8.88 8.59 4.62
CA CYS A 81 8.58 10.00 4.82
C CYS A 81 9.86 10.79 5.12
N GLY A 82 11.01 10.19 4.85
CA GLY A 82 12.27 10.84 5.10
C GLY A 82 13.24 9.96 5.87
N GLN A 83 13.05 9.87 7.18
CA GLN A 83 13.92 9.05 8.02
C GLN A 83 13.24 7.73 8.40
N GLU A 84 11.97 7.82 8.79
CA GLU A 84 11.21 6.65 9.18
C GLU A 84 10.28 6.20 8.04
N ARG A 85 9.80 4.96 8.14
CA ARG A 85 8.91 4.42 7.13
C ARG A 85 8.16 3.20 7.65
N THR A 86 7.00 2.92 7.09
CA THR A 86 6.18 1.79 7.50
C THR A 86 6.17 0.70 6.44
N SER A 87 5.40 -0.35 6.68
CA SER A 87 5.31 -1.47 5.75
C SER A 87 4.04 -2.28 5.99
N ALA A 88 3.55 -2.92 4.94
CA ALA A 88 2.35 -3.74 5.04
C ALA A 88 2.29 -4.78 3.93
N MET A 89 2.54 -6.04 4.28
CA MET A 89 2.52 -7.12 3.30
C MET A 89 1.18 -7.16 2.57
N LEU A 90 1.24 -7.16 1.24
CA LEU A 90 0.03 -7.19 0.41
C LEU A 90 -0.14 -8.55 -0.24
N THR A 91 -1.21 -9.24 0.14
CA THR A 91 -1.50 -10.56 -0.40
C THR A 91 -2.60 -10.50 -1.46
N VAL A 92 -2.30 -11.02 -2.64
CA VAL A 92 -3.26 -11.02 -3.73
C VAL A 92 -3.85 -12.41 -3.95
N ARG A 93 -5.01 -12.66 -3.35
CA ARG A 93 -5.67 -13.95 -3.47
C ARG A 93 -6.17 -14.18 -4.90
N ALA A 94 -5.57 -15.14 -5.58
CA ALA A 94 -5.94 -15.45 -6.96
C ALA A 94 -7.44 -15.73 -7.06
N LEU A 95 -8.05 -15.27 -8.15
CA LEU A 95 -9.48 -15.46 -8.37
C LEU A 95 -9.76 -16.89 -8.82
N PRO A 96 -10.93 -17.41 -8.43
CA PRO A 96 -11.36 -18.77 -8.77
C PRO A 96 -11.68 -18.91 -10.26
N ILE A 97 -10.78 -19.53 -11.00
CA ILE A 97 -10.97 -19.73 -12.43
C ILE A 97 -12.13 -20.69 -12.71
N LYS A 98 -11.96 -21.94 -12.27
CA LYS A 98 -12.99 -22.96 -12.46
C LYS A 98 -14.01 -22.92 -11.33
N PHE A 99 -15.25 -22.60 -11.67
CA PHE A 99 -16.32 -22.53 -10.69
C PHE A 99 -17.10 -23.84 -10.61
N THR A 100 -16.61 -24.75 -9.78
CA THR A 100 -17.25 -26.05 -9.61
C THR A 100 -18.65 -25.91 -9.03
N GLU A 101 -19.59 -26.67 -9.58
CA GLU A 101 -20.97 -26.63 -9.12
C GLU A 101 -21.37 -27.95 -8.48
N SER A 102 -22.43 -27.93 -7.68
CA SER A 102 -22.92 -29.12 -7.00
C SER A 102 -23.38 -30.17 -8.00
N GLY A 103 -22.83 -31.37 -7.89
CA GLY A 103 -23.18 -32.45 -8.80
C GLY A 103 -22.19 -32.62 -9.92
N PRO A 104 -21.00 -33.12 -9.60
CA PRO A 104 -19.93 -33.34 -10.58
C PRO A 104 -20.26 -34.48 -11.55
N SER A 105 -20.66 -35.61 -10.99
CA SER A 105 -21.01 -36.78 -11.80
C SER A 105 -22.48 -36.75 -12.19
N SER A 106 -22.75 -36.63 -13.48
CA SER A 106 -24.11 -36.60 -13.98
C SER A 106 -25.00 -37.58 -13.22
N GLY A 107 -26.16 -37.10 -12.79
CA GLY A 107 -27.09 -37.94 -12.05
C GLY A 107 -28.00 -37.14 -11.15
N GLY A 1 9.65 27.98 11.79
CA GLY A 1 10.15 29.01 12.67
C GLY A 1 11.66 29.01 12.76
N SER A 2 12.23 30.15 13.14
CA SER A 2 13.67 30.29 13.26
C SER A 2 14.19 29.51 14.46
N SER A 3 13.64 29.79 15.63
CA SER A 3 14.04 29.12 16.85
C SER A 3 13.75 27.61 16.77
N GLY A 4 14.81 26.82 16.66
CA GLY A 4 14.64 25.38 16.58
C GLY A 4 15.07 24.83 15.23
N SER A 5 14.45 23.72 14.83
CA SER A 5 14.77 23.08 13.56
C SER A 5 13.56 22.35 13.00
N SER A 6 13.50 22.26 11.67
CA SER A 6 12.39 21.58 11.00
C SER A 6 12.89 20.36 10.23
N GLY A 7 12.53 19.18 10.72
CA GLY A 7 12.94 17.94 10.08
C GLY A 7 11.77 17.14 9.56
N PRO A 8 12.04 15.90 9.13
CA PRO A 8 11.01 15.01 8.59
C PRO A 8 10.04 14.52 9.67
N ALA A 9 8.85 14.09 9.25
CA ALA A 9 7.84 13.59 10.17
C ALA A 9 7.95 12.08 10.35
N ARG A 10 7.54 11.60 11.52
CA ARG A 10 7.59 10.17 11.81
C ARG A 10 6.19 9.57 11.78
N PHE A 11 6.06 8.44 11.07
CA PHE A 11 4.77 7.77 10.96
C PHE A 11 4.28 7.29 12.33
N ILE A 12 3.32 8.02 12.88
CA ILE A 12 2.76 7.68 14.19
C ILE A 12 1.88 6.44 14.10
N GLU A 13 1.26 6.23 12.94
CA GLU A 13 0.39 5.09 12.73
C GLU A 13 0.85 4.28 11.52
N ASP A 14 1.22 3.02 11.74
CA ASP A 14 1.67 2.15 10.67
C ASP A 14 0.49 1.54 9.93
N VAL A 15 0.56 1.54 8.61
CA VAL A 15 -0.51 0.99 7.78
C VAL A 15 -0.82 -0.45 8.17
N LYS A 16 -1.98 -0.94 7.75
CA LYS A 16 -2.39 -2.30 8.05
C LYS A 16 -2.17 -3.21 6.85
N ASN A 17 -1.96 -4.50 7.13
CA ASN A 17 -1.74 -5.47 6.07
C ASN A 17 -2.77 -5.32 4.95
N GLN A 18 -2.36 -5.62 3.72
CA GLN A 18 -3.24 -5.52 2.57
C GLN A 18 -3.60 -6.89 2.03
N GLU A 19 -4.88 -7.09 1.70
CA GLU A 19 -5.34 -8.36 1.18
C GLU A 19 -6.54 -8.16 0.25
N ALA A 20 -6.42 -8.61 -0.99
CA ALA A 20 -7.49 -8.48 -1.97
C ALA A 20 -7.34 -9.49 -3.10
N ARG A 21 -8.46 -9.93 -3.65
CA ARG A 21 -8.45 -10.90 -4.74
C ARG A 21 -7.92 -10.26 -6.02
N GLU A 22 -7.18 -11.05 -6.79
CA GLU A 22 -6.61 -10.57 -8.05
C GLU A 22 -7.61 -9.68 -8.79
N GLY A 23 -7.08 -8.78 -9.62
CA GLY A 23 -7.93 -7.88 -10.37
C GLY A 23 -8.63 -6.86 -9.48
N ALA A 24 -8.07 -6.63 -8.31
CA ALA A 24 -8.63 -5.67 -7.36
C ALA A 24 -7.74 -4.45 -7.20
N THR A 25 -8.15 -3.54 -6.32
CA THR A 25 -7.38 -2.33 -6.06
C THR A 25 -7.02 -2.20 -4.59
N ALA A 26 -5.75 -2.39 -4.27
CA ALA A 26 -5.28 -2.29 -2.89
C ALA A 26 -5.26 -0.84 -2.42
N VAL A 27 -5.36 -0.65 -1.11
CA VAL A 27 -5.34 0.69 -0.54
C VAL A 27 -4.49 0.74 0.73
N LEU A 28 -3.47 1.58 0.71
CA LEU A 28 -2.58 1.73 1.86
C LEU A 28 -2.69 3.12 2.47
N GLN A 29 -3.24 3.18 3.68
CA GLN A 29 -3.40 4.45 4.38
C GLN A 29 -2.54 4.51 5.63
N CYS A 30 -1.99 5.69 5.91
CA CYS A 30 -1.14 5.86 7.08
C CYS A 30 -1.34 7.25 7.70
N GLU A 31 -0.59 7.54 8.75
CA GLU A 31 -0.69 8.83 9.43
C GLU A 31 0.69 9.32 9.85
N LEU A 32 0.82 10.64 10.00
CA LEU A 32 2.08 11.25 10.39
C LEU A 32 1.87 12.24 11.54
N ASN A 33 2.88 12.36 12.41
CA ASN A 33 2.80 13.27 13.54
C ASN A 33 2.77 14.72 13.07
N SER A 34 3.11 14.94 11.80
CA SER A 34 3.12 16.28 11.23
C SER A 34 3.10 16.22 9.71
N ALA A 35 2.44 17.19 9.09
CA ALA A 35 2.35 17.25 7.64
C ALA A 35 3.70 16.99 6.99
N ALA A 36 3.78 15.93 6.20
CA ALA A 36 5.01 15.57 5.52
C ALA A 36 4.75 14.65 4.32
N PRO A 37 5.60 14.75 3.29
CA PRO A 37 5.47 13.93 2.08
C PRO A 37 5.78 12.46 2.33
N VAL A 38 5.62 11.64 1.30
CA VAL A 38 5.89 10.22 1.40
C VAL A 38 6.32 9.63 0.07
N GLU A 39 6.95 8.47 0.11
CA GLU A 39 7.42 7.80 -1.10
C GLU A 39 7.02 6.33 -1.10
N TRP A 40 5.77 6.07 -1.46
CA TRP A 40 5.26 4.70 -1.51
C TRP A 40 6.20 3.79 -2.28
N ARG A 41 6.84 2.86 -1.58
CA ARG A 41 7.77 1.94 -2.20
C ARG A 41 7.11 0.58 -2.46
N LYS A 42 7.89 -0.38 -2.91
CA LYS A 42 7.38 -1.71 -3.20
C LYS A 42 8.52 -2.69 -3.49
N GLY A 43 8.53 -3.82 -2.81
CA GLY A 43 9.57 -4.81 -3.02
C GLY A 43 10.93 -4.18 -3.27
N SER A 44 11.24 -3.13 -2.54
CA SER A 44 12.51 -2.43 -2.70
C SER A 44 12.51 -1.58 -3.95
N GLU A 45 11.42 -0.84 -4.17
CA GLU A 45 11.30 0.02 -5.34
C GLU A 45 10.38 1.21 -5.04
N THR A 46 10.83 2.40 -5.41
CA THR A 46 10.06 3.61 -5.18
C THR A 46 8.95 3.75 -6.21
N LEU A 47 7.74 4.03 -5.74
CA LEU A 47 6.59 4.20 -6.63
C LEU A 47 6.22 5.68 -6.77
N ARG A 48 5.33 5.97 -7.72
CA ARG A 48 4.90 7.33 -7.96
C ARG A 48 3.45 7.36 -8.44
N ASP A 49 2.75 8.43 -8.11
CA ASP A 49 1.35 8.59 -8.50
C ASP A 49 1.22 8.73 -10.02
N GLY A 50 0.24 8.04 -10.58
CA GLY A 50 0.02 8.10 -12.02
C GLY A 50 -1.27 7.43 -12.45
N ASP A 51 -1.14 6.40 -13.28
CA ASP A 51 -2.30 5.66 -13.76
C ASP A 51 -2.57 4.43 -12.89
N ARG A 52 -1.62 3.52 -12.86
CA ARG A 52 -1.76 2.30 -12.06
C ARG A 52 -1.67 2.61 -10.57
N TYR A 53 -1.02 3.71 -10.24
CA TYR A 53 -0.86 4.11 -8.85
C TYR A 53 -1.59 5.43 -8.59
N SER A 54 -2.20 5.53 -7.41
CA SER A 54 -2.94 6.73 -7.03
C SER A 54 -2.60 7.16 -5.61
N LEU A 55 -1.73 8.15 -5.50
CA LEU A 55 -1.30 8.65 -4.19
C LEU A 55 -2.08 9.91 -3.83
N ARG A 56 -2.77 9.86 -2.68
CA ARG A 56 -3.56 10.99 -2.22
C ARG A 56 -3.25 11.31 -0.76
N GLN A 57 -2.75 12.51 -0.51
CA GLN A 57 -2.41 12.93 0.84
C GLN A 57 -3.37 14.02 1.34
N ASP A 58 -3.68 13.97 2.62
CA ASP A 58 -4.58 14.95 3.22
C ASP A 58 -4.01 15.49 4.53
N GLY A 59 -3.00 16.35 4.42
CA GLY A 59 -2.38 16.93 5.60
C GLY A 59 -1.34 16.01 6.22
N THR A 60 -1.80 15.11 7.09
CA THR A 60 -0.90 14.17 7.75
C THR A 60 -1.19 12.74 7.32
N LYS A 61 -2.41 12.50 6.85
CA LYS A 61 -2.81 11.17 6.39
C LYS A 61 -2.43 10.96 4.93
N CYS A 62 -2.02 9.74 4.60
CA CYS A 62 -1.63 9.40 3.24
C CYS A 62 -2.49 8.27 2.68
N GLU A 63 -2.38 8.04 1.38
CA GLU A 63 -3.16 6.99 0.73
C GLU A 63 -2.54 6.61 -0.62
N LEU A 64 -2.39 5.32 -0.86
CA LEU A 64 -1.82 4.82 -2.11
C LEU A 64 -2.61 3.64 -2.64
N GLN A 65 -3.20 3.81 -3.82
CA GLN A 65 -4.00 2.75 -4.44
C GLN A 65 -3.21 2.09 -5.57
N ILE A 66 -3.42 0.79 -5.74
CA ILE A 66 -2.73 0.04 -6.78
C ILE A 66 -3.73 -0.66 -7.70
N ARG A 67 -3.66 -0.33 -8.99
CA ARG A 67 -4.57 -0.92 -9.98
C ARG A 67 -3.86 -2.03 -10.75
N GLY A 68 -4.40 -3.25 -10.65
CA GLY A 68 -3.82 -4.37 -11.35
C GLY A 68 -3.18 -5.37 -10.41
N LEU A 69 -3.86 -5.66 -9.30
CA LEU A 69 -3.35 -6.60 -8.31
C LEU A 69 -3.17 -7.99 -8.92
N ALA A 70 -1.92 -8.42 -9.05
CA ALA A 70 -1.61 -9.73 -9.61
C ALA A 70 -0.55 -10.44 -8.78
N MET A 71 -0.50 -11.76 -8.92
CA MET A 71 0.46 -12.56 -8.18
C MET A 71 1.81 -11.86 -8.10
N ALA A 72 2.13 -11.07 -9.13
CA ALA A 72 3.39 -10.34 -9.15
C ALA A 72 3.40 -9.23 -8.11
N ASP A 73 2.32 -8.47 -8.06
CA ASP A 73 2.21 -7.37 -7.11
C ASP A 73 2.46 -7.85 -5.68
N THR A 74 2.03 -9.07 -5.40
CA THR A 74 2.20 -9.66 -4.08
C THR A 74 3.63 -9.46 -3.57
N GLY A 75 3.79 -8.52 -2.65
CA GLY A 75 5.11 -8.25 -2.09
C GLY A 75 5.06 -7.52 -0.77
N GLU A 76 5.82 -6.44 -0.66
CA GLU A 76 5.85 -5.65 0.56
C GLU A 76 6.09 -4.17 0.25
N TYR A 77 5.07 -3.35 0.51
CA TYR A 77 5.16 -1.92 0.25
C TYR A 77 5.56 -1.17 1.52
N SER A 78 6.33 -0.10 1.35
CA SER A 78 6.78 0.71 2.47
C SER A 78 6.63 2.20 2.17
N CYS A 79 5.94 2.92 3.05
CA CYS A 79 5.73 4.34 2.87
C CYS A 79 6.77 5.15 3.64
N VAL A 80 7.78 5.63 2.93
CA VAL A 80 8.84 6.42 3.56
C VAL A 80 8.54 7.90 3.47
N CYS A 81 8.80 8.62 4.56
CA CYS A 81 8.57 10.06 4.62
C CYS A 81 9.88 10.82 4.65
N GLY A 82 10.75 10.47 5.59
CA GLY A 82 12.03 11.14 5.71
C GLY A 82 13.08 10.27 6.35
N GLN A 83 12.89 9.92 7.62
CA GLN A 83 13.83 9.08 8.34
C GLN A 83 13.22 7.72 8.67
N GLU A 84 11.91 7.71 8.89
CA GLU A 84 11.20 6.47 9.21
C GLU A 84 10.19 6.14 8.13
N ARG A 85 9.57 4.97 8.26
CA ARG A 85 8.57 4.52 7.28
C ARG A 85 7.78 3.33 7.82
N THR A 86 6.74 2.94 7.09
CA THR A 86 5.91 1.81 7.50
C THR A 86 5.95 0.70 6.44
N SER A 87 5.17 -0.35 6.69
CA SER A 87 5.12 -1.48 5.76
C SER A 87 3.88 -2.33 6.00
N ALA A 88 3.33 -2.87 4.93
CA ALA A 88 2.13 -3.71 5.02
C ALA A 88 2.10 -4.75 3.91
N MET A 89 2.38 -5.99 4.26
CA MET A 89 2.38 -7.08 3.29
C MET A 89 1.07 -7.12 2.52
N LEU A 90 1.17 -7.14 1.19
CA LEU A 90 -0.01 -7.17 0.34
C LEU A 90 -0.17 -8.53 -0.32
N THR A 91 -1.18 -9.29 0.10
CA THR A 91 -1.43 -10.61 -0.44
C THR A 91 -2.49 -10.56 -1.54
N VAL A 92 -2.14 -11.05 -2.72
CA VAL A 92 -3.06 -11.06 -3.86
C VAL A 92 -3.64 -12.45 -4.09
N ARG A 93 -4.82 -12.69 -3.52
CA ARG A 93 -5.48 -13.99 -3.66
C ARG A 93 -5.93 -14.22 -5.11
N ALA A 94 -5.29 -15.17 -5.78
CA ALA A 94 -5.62 -15.48 -7.16
C ALA A 94 -7.08 -15.91 -7.29
N LEU A 95 -7.83 -15.20 -8.13
CA LEU A 95 -9.24 -15.51 -8.34
C LEU A 95 -9.45 -17.01 -8.49
N PRO A 96 -10.65 -17.48 -8.14
CA PRO A 96 -11.01 -18.90 -8.22
C PRO A 96 -11.15 -19.37 -9.67
N ILE A 97 -10.11 -20.05 -10.15
CA ILE A 97 -10.12 -20.56 -11.52
C ILE A 97 -11.39 -21.36 -11.81
N LYS A 98 -12.00 -21.10 -12.96
CA LYS A 98 -13.23 -21.78 -13.35
C LYS A 98 -12.94 -22.85 -14.41
N PHE A 99 -11.74 -23.41 -14.36
CA PHE A 99 -11.33 -24.44 -15.30
C PHE A 99 -11.18 -25.79 -14.61
N THR A 100 -12.23 -26.60 -14.66
CA THR A 100 -12.22 -27.92 -14.03
C THR A 100 -12.06 -29.02 -15.08
N GLU A 101 -10.81 -29.41 -15.33
CA GLU A 101 -10.52 -30.47 -16.30
C GLU A 101 -10.29 -31.80 -15.60
N SER A 102 -10.90 -32.85 -16.14
CA SER A 102 -10.77 -34.19 -15.56
C SER A 102 -9.35 -34.72 -15.77
N GLY A 103 -8.91 -34.72 -17.02
CA GLY A 103 -7.57 -35.21 -17.33
C GLY A 103 -7.55 -36.07 -18.58
N PRO A 104 -7.62 -37.39 -18.39
CA PRO A 104 -7.61 -38.35 -19.50
C PRO A 104 -8.89 -38.29 -20.34
N SER A 105 -8.91 -39.07 -21.42
CA SER A 105 -10.07 -39.10 -22.30
C SER A 105 -11.00 -40.25 -21.93
N SER A 106 -12.30 -40.04 -22.13
CA SER A 106 -13.29 -41.06 -21.81
C SER A 106 -13.92 -41.61 -23.08
N GLY A 107 -13.86 -42.93 -23.25
CA GLY A 107 -14.43 -43.56 -24.42
C GLY A 107 -13.39 -44.20 -25.31
N GLY A 1 6.06 32.64 3.88
CA GLY A 1 7.26 32.16 4.55
C GLY A 1 7.11 30.75 5.05
N SER A 2 7.40 30.54 6.33
CA SER A 2 7.31 29.21 6.92
C SER A 2 7.30 29.30 8.45
N SER A 3 6.79 28.26 9.10
CA SER A 3 6.72 28.22 10.55
C SER A 3 8.07 27.83 11.15
N GLY A 4 8.71 26.82 10.56
CA GLY A 4 10.00 26.37 11.06
C GLY A 4 9.92 25.03 11.75
N SER A 5 9.38 24.03 11.04
CA SER A 5 9.25 22.69 11.59
C SER A 5 10.50 22.30 12.39
N SER A 6 10.29 21.77 13.59
CA SER A 6 11.40 21.35 14.43
C SER A 6 12.26 20.30 13.73
N GLY A 7 11.62 19.24 13.26
CA GLY A 7 12.35 18.18 12.57
C GLY A 7 11.48 17.45 11.57
N PRO A 8 11.96 16.27 11.13
CA PRO A 8 11.24 15.45 10.16
C PRO A 8 9.98 14.83 10.75
N ALA A 9 9.10 14.35 9.87
CA ALA A 9 7.85 13.74 10.31
C ALA A 9 8.02 12.23 10.50
N ARG A 10 7.38 11.69 11.53
CA ARG A 10 7.46 10.27 11.83
C ARG A 10 6.08 9.61 11.73
N PHE A 11 6.04 8.40 11.20
CA PHE A 11 4.79 7.67 11.05
C PHE A 11 4.26 7.24 12.41
N ILE A 12 3.24 7.96 12.89
CA ILE A 12 2.64 7.66 14.18
C ILE A 12 1.81 6.37 14.12
N GLU A 13 1.30 6.07 12.93
CA GLU A 13 0.50 4.87 12.74
C GLU A 13 0.96 4.09 11.51
N ASP A 14 1.31 2.83 11.71
CA ASP A 14 1.77 1.99 10.62
C ASP A 14 0.59 1.37 9.87
N VAL A 15 0.60 1.50 8.55
CA VAL A 15 -0.47 0.97 7.72
C VAL A 15 -0.79 -0.48 8.10
N LYS A 16 -1.98 -0.93 7.72
CA LYS A 16 -2.41 -2.29 8.03
C LYS A 16 -2.12 -3.22 6.86
N ASN A 17 -1.99 -4.51 7.16
CA ASN A 17 -1.70 -5.51 6.13
C ASN A 17 -2.68 -5.39 4.97
N GLN A 18 -2.15 -5.28 3.76
CA GLN A 18 -2.98 -5.17 2.57
C GLN A 18 -3.36 -6.54 2.02
N GLU A 19 -4.62 -6.70 1.65
CA GLU A 19 -5.10 -7.97 1.11
C GLU A 19 -6.33 -7.74 0.23
N ALA A 20 -6.24 -8.25 -1.01
CA ALA A 20 -7.34 -8.10 -1.96
C ALA A 20 -7.29 -9.19 -3.03
N ARG A 21 -8.44 -9.51 -3.59
CA ARG A 21 -8.52 -10.55 -4.62
C ARG A 21 -8.01 -10.02 -5.96
N GLU A 22 -7.40 -10.91 -6.75
CA GLU A 22 -6.86 -10.53 -8.05
C GLU A 22 -7.88 -9.73 -8.85
N GLY A 23 -7.43 -8.62 -9.43
CA GLY A 23 -8.32 -7.79 -10.21
C GLY A 23 -8.99 -6.71 -9.38
N ALA A 24 -8.32 -6.28 -8.32
CA ALA A 24 -8.86 -5.25 -7.44
C ALA A 24 -7.87 -4.11 -7.25
N THR A 25 -8.26 -3.12 -6.46
CA THR A 25 -7.40 -1.97 -6.20
C THR A 25 -7.12 -1.81 -4.70
N ALA A 26 -5.91 -2.17 -4.29
CA ALA A 26 -5.53 -2.07 -2.88
C ALA A 26 -5.49 -0.61 -2.42
N VAL A 27 -5.59 -0.40 -1.11
CA VAL A 27 -5.57 0.93 -0.55
C VAL A 27 -4.75 0.98 0.74
N LEU A 28 -3.56 1.56 0.66
CA LEU A 28 -2.69 1.66 1.82
C LEU A 28 -2.75 3.06 2.43
N GLN A 29 -3.29 3.15 3.63
CA GLN A 29 -3.41 4.43 4.32
C GLN A 29 -2.54 4.46 5.57
N CYS A 30 -1.97 5.63 5.86
CA CYS A 30 -1.11 5.79 7.03
C CYS A 30 -1.35 7.14 7.70
N GLU A 31 -0.60 7.41 8.77
CA GLU A 31 -0.73 8.66 9.50
C GLU A 31 0.63 9.21 9.91
N LEU A 32 0.74 10.53 9.94
CA LEU A 32 2.00 11.18 10.31
C LEU A 32 1.80 12.12 11.49
N ASN A 33 2.86 12.33 12.25
CA ASN A 33 2.81 13.20 13.42
C ASN A 33 2.59 14.66 13.01
N SER A 34 2.98 14.97 11.77
CA SER A 34 2.83 16.33 11.25
C SER A 34 2.70 16.32 9.73
N ALA A 35 2.00 17.32 9.19
CA ALA A 35 1.80 17.42 7.75
C ALA A 35 3.13 17.32 7.01
N ALA A 36 3.28 16.27 6.21
CA ALA A 36 4.49 16.06 5.44
C ALA A 36 4.27 15.02 4.34
N PRO A 37 5.07 15.13 3.26
CA PRO A 37 4.97 14.21 2.12
C PRO A 37 5.47 12.81 2.46
N VAL A 38 5.29 11.89 1.53
CA VAL A 38 5.73 10.51 1.73
C VAL A 38 5.98 9.81 0.40
N GLU A 39 6.54 8.60 0.47
CA GLU A 39 6.84 7.83 -0.73
C GLU A 39 6.49 6.36 -0.53
N TRP A 40 5.76 5.79 -1.49
CA TRP A 40 5.35 4.40 -1.41
C TRP A 40 6.29 3.52 -2.24
N ARG A 41 7.08 2.71 -1.54
CA ARG A 41 8.03 1.82 -2.21
C ARG A 41 7.42 0.43 -2.42
N LYS A 42 8.24 -0.50 -2.91
CA LYS A 42 7.77 -1.86 -3.16
C LYS A 42 8.96 -2.80 -3.41
N GLY A 43 9.02 -3.88 -2.65
CA GLY A 43 10.11 -4.83 -2.81
C GLY A 43 11.43 -4.16 -3.13
N SER A 44 11.72 -3.06 -2.43
CA SER A 44 12.96 -2.33 -2.63
C SER A 44 12.89 -1.52 -3.93
N GLU A 45 11.78 -0.81 -4.13
CA GLU A 45 11.59 0.00 -5.32
C GLU A 45 10.66 1.18 -5.04
N THR A 46 11.08 2.37 -5.48
CA THR A 46 10.28 3.57 -5.27
C THR A 46 9.18 3.70 -6.31
N LEU A 47 7.93 3.73 -5.86
CA LEU A 47 6.80 3.84 -6.76
C LEU A 47 6.46 5.30 -7.03
N ARG A 48 5.68 5.55 -8.08
CA ARG A 48 5.29 6.90 -8.45
C ARG A 48 3.81 6.95 -8.81
N ASP A 49 3.17 8.08 -8.50
CA ASP A 49 1.75 8.27 -8.79
C ASP A 49 1.52 8.37 -10.30
N GLY A 50 0.57 7.58 -10.81
CA GLY A 50 0.27 7.60 -12.22
C GLY A 50 -1.10 7.03 -12.53
N ASP A 51 -1.20 6.26 -13.61
CA ASP A 51 -2.46 5.66 -14.00
C ASP A 51 -2.82 4.49 -13.08
N ARG A 52 -1.90 3.53 -12.96
CA ARG A 52 -2.14 2.37 -12.11
C ARG A 52 -1.98 2.74 -10.64
N TYR A 53 -0.96 3.53 -10.33
CA TYR A 53 -0.70 3.95 -8.96
C TYR A 53 -1.35 5.30 -8.68
N SER A 54 -1.73 5.52 -7.43
CA SER A 54 -2.36 6.78 -7.02
C SER A 54 -1.97 7.15 -5.60
N LEU A 55 -1.07 8.13 -5.47
CA LEU A 55 -0.62 8.58 -4.16
C LEU A 55 -1.36 9.83 -3.72
N ARG A 56 -2.29 9.66 -2.78
CA ARG A 56 -3.07 10.77 -2.27
C ARG A 56 -2.62 11.17 -0.87
N GLN A 57 -3.25 12.20 -0.32
CA GLN A 57 -2.90 12.68 1.02
C GLN A 57 -3.86 13.79 1.46
N ASP A 58 -4.18 13.79 2.75
CA ASP A 58 -5.08 14.79 3.31
C ASP A 58 -4.53 15.37 4.61
N GLY A 59 -3.49 16.19 4.48
CA GLY A 59 -2.89 16.79 5.66
C GLY A 59 -1.77 15.94 6.23
N THR A 60 -2.12 15.08 7.19
CA THR A 60 -1.15 14.20 7.82
C THR A 60 -1.32 12.75 7.37
N LYS A 61 -2.53 12.42 6.92
CA LYS A 61 -2.84 11.07 6.47
C LYS A 61 -2.43 10.89 5.00
N CYS A 62 -2.05 9.68 4.64
CA CYS A 62 -1.66 9.37 3.28
C CYS A 62 -2.50 8.24 2.69
N GLU A 63 -2.32 7.98 1.41
CA GLU A 63 -3.07 6.92 0.73
C GLU A 63 -2.40 6.54 -0.58
N LEU A 64 -2.35 5.25 -0.87
CA LEU A 64 -1.73 4.74 -2.09
C LEU A 64 -2.53 3.59 -2.67
N GLN A 65 -3.09 3.80 -3.87
CA GLN A 65 -3.88 2.76 -4.52
C GLN A 65 -3.06 2.06 -5.61
N ILE A 66 -3.28 0.75 -5.75
CA ILE A 66 -2.57 -0.03 -6.74
C ILE A 66 -3.53 -0.72 -7.70
N ARG A 67 -3.77 -0.11 -8.84
CA ARG A 67 -4.67 -0.66 -9.84
C ARG A 67 -4.02 -1.81 -10.59
N GLY A 68 -4.65 -2.98 -10.56
CA GLY A 68 -4.11 -4.14 -11.24
C GLY A 68 -3.43 -5.10 -10.29
N LEU A 69 -4.17 -5.57 -9.29
CA LEU A 69 -3.64 -6.50 -8.31
C LEU A 69 -3.48 -7.89 -8.91
N ALA A 70 -2.24 -8.35 -9.02
CA ALA A 70 -1.96 -9.68 -9.57
C ALA A 70 -0.92 -10.40 -8.73
N MET A 71 -0.85 -11.73 -8.91
CA MET A 71 0.10 -12.55 -8.17
C MET A 71 1.46 -11.86 -8.09
N ALA A 72 1.89 -11.25 -9.19
CA ALA A 72 3.16 -10.56 -9.24
C ALA A 72 3.21 -9.40 -8.24
N ASP A 73 2.12 -8.64 -8.19
CA ASP A 73 2.03 -7.51 -7.27
C ASP A 73 2.24 -7.95 -5.83
N THR A 74 1.87 -9.20 -5.54
CA THR A 74 2.03 -9.74 -4.19
C THR A 74 3.45 -9.57 -3.68
N GLY A 75 3.64 -8.61 -2.78
CA GLY A 75 4.96 -8.36 -2.23
C GLY A 75 4.91 -7.58 -0.93
N GLU A 76 5.81 -6.62 -0.79
CA GLU A 76 5.87 -5.80 0.42
C GLU A 76 6.01 -4.32 0.07
N TYR A 77 5.19 -3.49 0.70
CA TYR A 77 5.21 -2.05 0.45
C TYR A 77 5.64 -1.29 1.70
N SER A 78 6.46 -0.25 1.51
CA SER A 78 6.94 0.56 2.62
C SER A 78 6.79 2.04 2.31
N CYS A 79 6.13 2.77 3.20
CA CYS A 79 5.92 4.20 3.03
C CYS A 79 6.99 5.00 3.76
N VAL A 80 7.83 5.68 3.00
CA VAL A 80 8.90 6.49 3.58
C VAL A 80 8.54 7.96 3.58
N CYS A 81 8.75 8.62 4.72
CA CYS A 81 8.45 10.04 4.85
C CYS A 81 9.70 10.83 5.22
N GLY A 82 10.86 10.33 4.82
CA GLY A 82 12.11 11.00 5.12
C GLY A 82 13.09 10.10 5.85
N GLN A 83 12.92 10.00 7.17
CA GLN A 83 13.80 9.17 7.99
C GLN A 83 13.11 7.86 8.36
N GLU A 84 11.88 7.97 8.84
CA GLU A 84 11.11 6.79 9.24
C GLU A 84 10.25 6.28 8.09
N ARG A 85 9.69 5.09 8.25
CA ARG A 85 8.84 4.49 7.23
C ARG A 85 8.08 3.29 7.78
N THR A 86 7.00 2.92 7.10
CA THR A 86 6.19 1.79 7.53
C THR A 86 6.28 0.64 6.54
N SER A 87 5.57 -0.44 6.82
CA SER A 87 5.58 -1.62 5.95
C SER A 87 4.31 -2.44 6.14
N ALA A 88 3.87 -3.08 5.07
CA ALA A 88 2.66 -3.91 5.11
C ALA A 88 2.60 -4.85 3.92
N MET A 89 2.77 -6.14 4.18
CA MET A 89 2.75 -7.15 3.12
C MET A 89 1.39 -7.17 2.43
N LEU A 90 1.40 -7.06 1.10
CA LEU A 90 0.17 -7.07 0.32
C LEU A 90 -0.08 -8.44 -0.30
N THR A 91 -1.14 -9.10 0.15
CA THR A 91 -1.49 -10.42 -0.36
C THR A 91 -2.59 -10.32 -1.42
N VAL A 92 -2.31 -10.86 -2.60
CA VAL A 92 -3.28 -10.84 -3.70
C VAL A 92 -3.91 -12.21 -3.91
N ARG A 93 -5.00 -12.47 -3.19
CA ARG A 93 -5.69 -13.75 -3.29
C ARG A 93 -6.12 -14.02 -4.73
N ALA A 94 -5.45 -14.97 -5.37
CA ALA A 94 -5.76 -15.33 -6.75
C ALA A 94 -7.21 -15.78 -6.88
N LEU A 95 -7.92 -15.19 -7.85
CA LEU A 95 -9.32 -15.53 -8.08
C LEU A 95 -9.47 -17.01 -8.41
N PRO A 96 -10.65 -17.57 -8.10
CA PRO A 96 -10.96 -18.98 -8.36
C PRO A 96 -11.10 -19.28 -9.85
N ILE A 97 -10.00 -19.74 -10.45
CA ILE A 97 -10.00 -20.07 -11.88
C ILE A 97 -11.35 -20.62 -12.32
N LYS A 98 -11.78 -21.69 -11.66
CA LYS A 98 -13.06 -22.32 -11.99
C LYS A 98 -13.99 -22.30 -10.78
N PHE A 99 -15.29 -22.32 -11.04
CA PHE A 99 -16.30 -22.30 -9.98
C PHE A 99 -16.92 -23.68 -9.80
N THR A 100 -17.35 -23.96 -8.58
CA THR A 100 -17.98 -25.24 -8.26
C THR A 100 -19.42 -25.06 -7.82
N GLU A 101 -20.33 -25.81 -8.45
CA GLU A 101 -21.74 -25.73 -8.12
C GLU A 101 -22.14 -26.85 -7.14
N SER A 102 -23.37 -26.79 -6.67
CA SER A 102 -23.87 -27.77 -5.72
C SER A 102 -23.75 -29.19 -6.29
N GLY A 103 -24.40 -29.41 -7.43
CA GLY A 103 -24.36 -30.71 -8.07
C GLY A 103 -25.47 -30.90 -9.08
N PRO A 104 -25.18 -31.62 -10.16
CA PRO A 104 -26.15 -31.89 -11.23
C PRO A 104 -27.25 -32.85 -10.78
N SER A 105 -28.44 -32.69 -11.36
CA SER A 105 -29.58 -33.54 -11.02
C SER A 105 -29.73 -34.67 -12.02
N SER A 106 -29.73 -35.90 -11.53
CA SER A 106 -29.88 -37.08 -12.38
C SER A 106 -28.70 -37.17 -13.36
N GLY A 107 -27.50 -36.91 -12.86
CA GLY A 107 -26.33 -36.97 -13.71
C GLY A 107 -25.12 -37.56 -12.98
N GLY A 1 4.89 19.82 25.43
CA GLY A 1 4.23 20.88 24.68
C GLY A 1 3.41 20.34 23.53
N SER A 2 2.58 21.20 22.94
CA SER A 2 1.74 20.80 21.82
C SER A 2 2.57 20.69 20.54
N SER A 3 1.98 20.07 19.52
CA SER A 3 2.65 19.90 18.24
C SER A 3 3.44 21.14 17.86
N GLY A 4 4.74 20.97 17.61
CA GLY A 4 5.59 22.08 17.25
C GLY A 4 7.07 21.72 17.30
N SER A 5 7.44 20.68 16.58
CA SER A 5 8.83 20.23 16.55
C SER A 5 9.47 20.55 15.20
N SER A 6 10.67 21.11 15.23
CA SER A 6 11.39 21.47 14.02
C SER A 6 12.24 20.30 13.53
N GLY A 7 11.72 19.56 12.56
CA GLY A 7 12.45 18.43 12.02
C GLY A 7 11.58 17.53 11.16
N PRO A 8 12.07 16.31 10.88
CA PRO A 8 11.35 15.33 10.06
C PRO A 8 10.11 14.78 10.78
N ALA A 9 9.18 14.23 10.00
CA ALA A 9 7.97 13.66 10.56
C ALA A 9 8.11 12.16 10.77
N ARG A 10 7.48 11.65 11.84
CA ARG A 10 7.54 10.23 12.15
C ARG A 10 6.16 9.60 12.04
N PHE A 11 6.07 8.52 11.27
CA PHE A 11 4.80 7.81 11.08
C PHE A 11 4.24 7.35 12.42
N ILE A 12 3.25 8.09 12.92
CA ILE A 12 2.62 7.76 14.19
C ILE A 12 1.80 6.46 14.08
N GLU A 13 1.26 6.23 12.89
CA GLU A 13 0.45 5.04 12.66
C GLU A 13 0.98 4.26 11.46
N ASP A 14 1.13 2.95 11.63
CA ASP A 14 1.61 2.10 10.54
C ASP A 14 0.46 1.47 9.77
N VAL A 15 0.47 1.65 8.46
CA VAL A 15 -0.58 1.12 7.60
C VAL A 15 -0.90 -0.34 7.98
N LYS A 16 -2.10 -0.78 7.59
CA LYS A 16 -2.53 -2.14 7.88
C LYS A 16 -2.29 -3.06 6.68
N ASN A 17 -2.01 -4.32 6.96
CA ASN A 17 -1.77 -5.30 5.91
C ASN A 17 -2.77 -5.14 4.77
N GLN A 18 -2.39 -5.61 3.58
CA GLN A 18 -3.25 -5.51 2.41
C GLN A 18 -3.65 -6.89 1.90
N GLU A 19 -4.93 -7.20 1.96
CA GLU A 19 -5.44 -8.49 1.52
C GLU A 19 -6.54 -8.32 0.47
N ALA A 20 -6.20 -8.54 -0.79
CA ALA A 20 -7.16 -8.41 -1.87
C ALA A 20 -6.94 -9.49 -2.93
N ARG A 21 -8.01 -9.83 -3.65
CA ARG A 21 -7.94 -10.86 -4.68
C ARG A 21 -7.50 -10.26 -6.01
N GLU A 22 -6.94 -11.09 -6.88
CA GLU A 22 -6.47 -10.64 -8.19
C GLU A 22 -7.58 -9.88 -8.92
N GLY A 23 -7.21 -8.72 -9.48
CA GLY A 23 -8.18 -7.92 -10.21
C GLY A 23 -8.86 -6.90 -9.33
N ALA A 24 -8.17 -6.47 -8.28
CA ALA A 24 -8.71 -5.47 -7.35
C ALA A 24 -7.77 -4.28 -7.21
N THR A 25 -8.16 -3.32 -6.39
CA THR A 25 -7.36 -2.12 -6.17
C THR A 25 -6.97 -1.98 -4.70
N ALA A 26 -5.72 -2.27 -4.39
CA ALA A 26 -5.23 -2.16 -3.02
C ALA A 26 -5.28 -0.73 -2.52
N VAL A 27 -5.36 -0.57 -1.20
CA VAL A 27 -5.41 0.76 -0.60
C VAL A 27 -4.57 0.81 0.68
N LEU A 28 -3.51 1.61 0.64
CA LEU A 28 -2.62 1.76 1.80
C LEU A 28 -2.69 3.18 2.35
N GLN A 29 -3.20 3.31 3.57
CA GLN A 29 -3.31 4.61 4.21
C GLN A 29 -2.45 4.66 5.47
N CYS A 30 -1.84 5.83 5.71
CA CYS A 30 -0.99 6.02 6.89
C CYS A 30 -1.20 7.40 7.50
N GLU A 31 -0.61 7.62 8.67
CA GLU A 31 -0.73 8.90 9.35
C GLU A 31 0.64 9.40 9.82
N LEU A 32 0.76 10.71 9.97
CA LEU A 32 2.01 11.32 10.41
C LEU A 32 1.77 12.30 11.54
N ASN A 33 2.75 12.43 12.44
CA ASN A 33 2.64 13.34 13.57
C ASN A 33 2.56 14.79 13.10
N SER A 34 3.02 15.03 11.87
CA SER A 34 3.00 16.37 11.30
C SER A 34 3.01 16.31 9.77
N ALA A 35 2.26 17.21 9.15
CA ALA A 35 2.18 17.28 7.70
C ALA A 35 3.54 17.02 7.06
N ALA A 36 3.69 15.85 6.43
CA ALA A 36 4.93 15.48 5.79
C ALA A 36 4.69 14.59 4.57
N PRO A 37 5.57 14.69 3.57
CA PRO A 37 5.46 13.90 2.34
C PRO A 37 5.74 12.42 2.57
N VAL A 38 5.59 11.62 1.53
CA VAL A 38 5.84 10.18 1.63
C VAL A 38 6.21 9.60 0.26
N GLU A 39 6.85 8.43 0.29
CA GLU A 39 7.27 7.77 -0.94
C GLU A 39 6.93 6.28 -0.90
N TRP A 40 5.70 5.95 -1.28
CA TRP A 40 5.25 4.56 -1.28
C TRP A 40 6.22 3.68 -2.07
N ARG A 41 6.81 2.70 -1.40
CA ARG A 41 7.75 1.79 -2.03
C ARG A 41 7.12 0.41 -2.22
N LYS A 42 7.91 -0.52 -2.77
CA LYS A 42 7.44 -1.87 -3.01
C LYS A 42 8.60 -2.80 -3.35
N GLY A 43 8.64 -3.95 -2.68
CA GLY A 43 9.71 -4.90 -2.92
C GLY A 43 11.03 -4.24 -3.27
N SER A 44 11.44 -3.31 -2.42
CA SER A 44 12.70 -2.59 -2.64
C SER A 44 12.61 -1.74 -3.90
N GLU A 45 11.58 -0.90 -3.99
CA GLU A 45 11.39 -0.04 -5.14
C GLU A 45 10.49 1.14 -4.79
N THR A 46 10.65 2.23 -5.54
CA THR A 46 9.85 3.43 -5.32
C THR A 46 8.65 3.48 -6.25
N LEU A 47 7.48 3.82 -5.69
CA LEU A 47 6.26 3.90 -6.46
C LEU A 47 5.93 5.35 -6.81
N ARG A 48 5.04 5.53 -7.78
CA ARG A 48 4.65 6.87 -8.22
C ARG A 48 3.19 6.88 -8.67
N ASP A 49 2.59 8.07 -8.68
CA ASP A 49 1.20 8.21 -9.10
C ASP A 49 1.09 8.22 -10.62
N GLY A 50 -0.02 7.70 -11.13
CA GLY A 50 -0.23 7.66 -12.56
C GLY A 50 -1.64 7.23 -12.93
N ASP A 51 -1.75 6.29 -13.86
CA ASP A 51 -3.05 5.80 -14.30
C ASP A 51 -3.52 4.65 -13.43
N ARG A 52 -2.62 3.72 -13.14
CA ARG A 52 -2.94 2.56 -12.31
C ARG A 52 -2.73 2.87 -10.83
N TYR A 53 -1.69 3.63 -10.54
CA TYR A 53 -1.38 4.01 -9.16
C TYR A 53 -2.02 5.34 -8.80
N SER A 54 -2.19 5.58 -7.50
CA SER A 54 -2.79 6.82 -7.02
C SER A 54 -2.26 7.18 -5.64
N LEU A 55 -1.38 8.17 -5.58
CA LEU A 55 -0.80 8.61 -4.32
C LEU A 55 -1.45 9.91 -3.85
N ARG A 56 -2.33 9.80 -2.86
CA ARG A 56 -3.02 10.98 -2.33
C ARG A 56 -2.54 11.28 -0.91
N GLN A 57 -3.02 12.38 -0.35
CA GLN A 57 -2.64 12.79 1.00
C GLN A 57 -3.49 13.95 1.48
N ASP A 58 -3.92 13.89 2.74
CA ASP A 58 -4.75 14.93 3.32
C ASP A 58 -4.10 15.51 4.58
N GLY A 59 -3.07 16.33 4.38
CA GLY A 59 -2.37 16.93 5.49
C GLY A 59 -1.30 16.03 6.06
N THR A 60 -1.69 15.13 6.97
CA THR A 60 -0.75 14.21 7.59
C THR A 60 -1.01 12.78 7.14
N LYS A 61 -2.25 12.51 6.72
CA LYS A 61 -2.63 11.18 6.26
C LYS A 61 -2.28 10.99 4.80
N CYS A 62 -1.81 9.79 4.45
CA CYS A 62 -1.44 9.47 3.08
C CYS A 62 -2.31 8.35 2.52
N GLU A 63 -2.18 8.09 1.22
CA GLU A 63 -2.96 7.05 0.56
C GLU A 63 -2.31 6.63 -0.75
N LEU A 64 -2.27 5.32 -0.99
CA LEU A 64 -1.67 4.79 -2.21
C LEU A 64 -2.50 3.63 -2.75
N GLN A 65 -3.11 3.83 -3.91
CA GLN A 65 -3.93 2.80 -4.54
C GLN A 65 -3.19 2.15 -5.70
N ILE A 66 -3.37 0.84 -5.85
CA ILE A 66 -2.72 0.09 -6.91
C ILE A 66 -3.74 -0.63 -7.79
N ARG A 67 -4.08 -0.02 -8.91
CA ARG A 67 -5.05 -0.60 -9.84
C ARG A 67 -4.40 -1.69 -10.69
N GLY A 68 -5.07 -2.85 -10.77
CA GLY A 68 -4.53 -3.95 -11.54
C GLY A 68 -3.67 -4.88 -10.71
N LEU A 69 -4.19 -5.32 -9.58
CA LEU A 69 -3.45 -6.22 -8.69
C LEU A 69 -3.17 -7.54 -9.39
N ALA A 70 -2.05 -8.17 -9.02
CA ALA A 70 -1.66 -9.44 -9.61
C ALA A 70 -0.69 -10.19 -8.69
N MET A 71 -0.41 -11.44 -9.03
CA MET A 71 0.49 -12.27 -8.23
C MET A 71 1.83 -11.56 -8.04
N ALA A 72 2.41 -11.10 -9.13
CA ALA A 72 3.70 -10.40 -9.08
C ALA A 72 3.67 -9.30 -8.03
N ASP A 73 2.59 -8.53 -8.00
CA ASP A 73 2.45 -7.44 -7.05
C ASP A 73 2.62 -7.94 -5.62
N THR A 74 2.30 -9.22 -5.41
CA THR A 74 2.40 -9.82 -4.09
C THR A 74 3.82 -9.68 -3.53
N GLY A 75 3.99 -8.74 -2.61
CA GLY A 75 5.30 -8.52 -2.01
C GLY A 75 5.22 -7.74 -0.71
N GLU A 76 6.00 -6.67 -0.61
CA GLU A 76 6.01 -5.85 0.59
C GLU A 76 6.07 -4.36 0.23
N TYR A 77 5.17 -3.59 0.81
CA TYR A 77 5.12 -2.15 0.55
C TYR A 77 5.50 -1.36 1.80
N SER A 78 6.30 -0.32 1.60
CA SER A 78 6.75 0.52 2.71
C SER A 78 6.63 2.00 2.34
N CYS A 79 6.02 2.78 3.24
CA CYS A 79 5.84 4.21 3.02
C CYS A 79 6.90 5.01 3.77
N VAL A 80 7.84 5.59 3.03
CA VAL A 80 8.90 6.38 3.64
C VAL A 80 8.58 7.88 3.57
N CYS A 81 8.87 8.59 4.66
CA CYS A 81 8.61 10.02 4.72
C CYS A 81 9.92 10.81 4.75
N GLY A 82 10.87 10.33 5.55
CA GLY A 82 12.15 11.00 5.65
C GLY A 82 13.16 10.23 6.47
N GLN A 83 12.86 10.06 7.75
CA GLN A 83 13.75 9.32 8.65
C GLN A 83 13.17 7.94 8.97
N GLU A 84 11.85 7.88 9.16
CA GLU A 84 11.19 6.62 9.47
C GLU A 84 10.23 6.22 8.36
N ARG A 85 9.73 5.00 8.43
CA ARG A 85 8.80 4.49 7.43
C ARG A 85 8.01 3.30 7.97
N THR A 86 6.96 2.92 7.26
CA THR A 86 6.12 1.80 7.66
C THR A 86 6.21 0.65 6.65
N SER A 87 5.45 -0.41 6.90
CA SER A 87 5.42 -1.56 6.02
C SER A 87 4.13 -2.35 6.17
N ALA A 88 3.69 -2.97 5.09
CA ALA A 88 2.46 -3.75 5.09
C ALA A 88 2.42 -4.73 3.93
N MET A 89 2.61 -6.01 4.22
CA MET A 89 2.60 -7.04 3.19
C MET A 89 1.28 -7.02 2.42
N LEU A 90 1.36 -7.17 1.10
CA LEU A 90 0.18 -7.17 0.25
C LEU A 90 -0.03 -8.54 -0.40
N THR A 91 -0.98 -9.30 0.13
CA THR A 91 -1.27 -10.63 -0.40
C THR A 91 -2.34 -10.56 -1.48
N VAL A 92 -1.98 -10.95 -2.69
CA VAL A 92 -2.91 -10.94 -3.81
C VAL A 92 -3.53 -12.31 -4.02
N ARG A 93 -4.63 -12.58 -3.31
CA ARG A 93 -5.32 -13.86 -3.43
C ARG A 93 -5.77 -14.11 -4.87
N ALA A 94 -5.05 -14.99 -5.56
CA ALA A 94 -5.37 -15.32 -6.94
C ALA A 94 -6.85 -15.69 -7.08
N LEU A 95 -7.47 -15.22 -8.16
CA LEU A 95 -8.87 -15.50 -8.41
C LEU A 95 -9.14 -17.00 -8.39
N PRO A 96 -10.33 -17.39 -7.88
CA PRO A 96 -10.74 -18.79 -7.80
C PRO A 96 -11.02 -19.40 -9.17
N ILE A 97 -10.06 -20.16 -9.68
CA ILE A 97 -10.20 -20.79 -10.99
C ILE A 97 -11.61 -21.35 -11.17
N LYS A 98 -12.05 -22.17 -10.21
CA LYS A 98 -13.38 -22.78 -10.26
C LYS A 98 -14.17 -22.44 -9.00
N PHE A 99 -15.41 -21.99 -9.19
CA PHE A 99 -16.26 -21.65 -8.06
C PHE A 99 -17.10 -22.85 -7.62
N THR A 100 -16.91 -23.27 -6.37
CA THR A 100 -17.63 -24.41 -5.83
C THR A 100 -19.00 -23.99 -5.30
N GLU A 101 -20.00 -24.83 -5.52
CA GLU A 101 -21.36 -24.55 -5.06
C GLU A 101 -22.01 -25.80 -4.48
N SER A 102 -22.76 -25.62 -3.40
CA SER A 102 -23.44 -26.73 -2.75
C SER A 102 -24.62 -26.23 -1.93
N GLY A 103 -25.74 -26.97 -1.99
CA GLY A 103 -26.92 -26.60 -1.25
C GLY A 103 -27.29 -27.61 -0.19
N PRO A 104 -28.58 -27.65 0.18
CA PRO A 104 -29.09 -28.57 1.19
C PRO A 104 -29.09 -30.02 0.71
N SER A 105 -28.71 -30.94 1.59
CA SER A 105 -28.66 -32.35 1.26
C SER A 105 -28.48 -33.21 2.50
N SER A 106 -28.66 -34.51 2.36
CA SER A 106 -28.53 -35.43 3.47
C SER A 106 -27.07 -35.82 3.69
N GLY A 107 -26.53 -35.43 4.85
CA GLY A 107 -25.14 -35.74 5.15
C GLY A 107 -25.01 -36.86 6.16
N GLY A 1 -0.16 24.87 16.48
CA GLY A 1 -0.61 24.58 15.13
C GLY A 1 0.46 24.82 14.09
N SER A 2 0.87 23.76 13.40
CA SER A 2 1.89 23.86 12.38
C SER A 2 3.07 24.71 12.87
N SER A 3 3.47 24.48 14.11
CA SER A 3 4.57 25.22 14.71
C SER A 3 5.90 24.86 14.03
N GLY A 4 6.08 23.57 13.76
CA GLY A 4 7.30 23.13 13.11
C GLY A 4 7.03 22.42 11.80
N SER A 5 7.32 23.09 10.69
CA SER A 5 7.10 22.52 9.36
C SER A 5 8.36 21.82 8.86
N SER A 6 9.50 22.50 8.99
CA SER A 6 10.77 21.96 8.54
C SER A 6 11.10 20.67 9.29
N GLY A 7 10.94 20.69 10.61
CA GLY A 7 11.21 19.52 11.41
C GLY A 7 10.78 18.23 10.73
N PRO A 8 11.45 17.11 11.07
CA PRO A 8 11.14 15.80 10.50
C PRO A 8 9.80 15.26 10.98
N ALA A 9 9.29 14.24 10.29
CA ALA A 9 8.02 13.63 10.65
C ALA A 9 8.15 12.12 10.78
N ARG A 10 7.47 11.56 11.77
CA ARG A 10 7.51 10.12 12.00
C ARG A 10 6.12 9.51 11.92
N PHE A 11 6.02 8.37 11.25
CA PHE A 11 4.74 7.68 11.09
C PHE A 11 4.18 7.24 12.44
N ILE A 12 3.22 8.00 12.96
CA ILE A 12 2.61 7.68 14.25
C ILE A 12 1.73 6.45 14.15
N GLU A 13 1.13 6.24 12.97
CA GLU A 13 0.27 5.10 12.75
C GLU A 13 0.73 4.29 11.54
N ASP A 14 1.11 3.04 11.78
CA ASP A 14 1.58 2.17 10.71
C ASP A 14 0.41 1.55 9.96
N VAL A 15 0.51 1.51 8.63
CA VAL A 15 -0.55 0.96 7.80
C VAL A 15 -0.85 -0.49 8.20
N LYS A 16 -1.98 -1.00 7.72
CA LYS A 16 -2.38 -2.38 8.02
C LYS A 16 -2.20 -3.27 6.80
N ASN A 17 -1.95 -4.55 7.05
CA ASN A 17 -1.76 -5.52 5.96
C ASN A 17 -2.79 -5.30 4.86
N GLN A 18 -2.42 -5.66 3.64
CA GLN A 18 -3.31 -5.50 2.49
C GLN A 18 -3.71 -6.87 1.93
N GLU A 19 -4.99 -7.20 2.04
CA GLU A 19 -5.50 -8.46 1.54
C GLU A 19 -6.64 -8.25 0.55
N ALA A 20 -6.33 -8.38 -0.74
CA ALA A 20 -7.34 -8.20 -1.79
C ALA A 20 -7.22 -9.29 -2.85
N ARG A 21 -8.36 -9.63 -3.46
CA ARG A 21 -8.39 -10.66 -4.49
C ARG A 21 -7.85 -10.12 -5.82
N GLU A 22 -7.34 -11.01 -6.65
CA GLU A 22 -6.79 -10.62 -7.95
C GLU A 22 -7.81 -9.80 -8.74
N GLY A 23 -7.32 -8.78 -9.44
CA GLY A 23 -8.21 -7.94 -10.22
C GLY A 23 -8.89 -6.88 -9.38
N ALA A 24 -8.24 -6.45 -8.30
CA ALA A 24 -8.80 -5.44 -7.42
C ALA A 24 -7.83 -4.27 -7.25
N THR A 25 -8.19 -3.33 -6.38
CA THR A 25 -7.37 -2.17 -6.12
C THR A 25 -7.04 -2.04 -4.64
N ALA A 26 -5.80 -2.33 -4.28
CA ALA A 26 -5.36 -2.25 -2.89
C ALA A 26 -5.47 -0.82 -2.37
N VAL A 27 -5.33 -0.66 -1.06
CA VAL A 27 -5.40 0.65 -0.43
C VAL A 27 -4.53 0.72 0.82
N LEU A 28 -3.48 1.53 0.76
CA LEU A 28 -2.57 1.69 1.89
C LEU A 28 -2.67 3.09 2.47
N GLN A 29 -3.25 3.19 3.67
CA GLN A 29 -3.41 4.47 4.34
C GLN A 29 -2.51 4.55 5.58
N CYS A 30 -1.91 5.71 5.78
CA CYS A 30 -1.03 5.92 6.93
C CYS A 30 -1.20 7.32 7.50
N GLU A 31 -0.62 7.55 8.67
CA GLU A 31 -0.71 8.85 9.33
C GLU A 31 0.66 9.33 9.78
N LEU A 32 0.82 10.64 9.87
CA LEU A 32 2.10 11.23 10.29
C LEU A 32 1.90 12.14 11.49
N ASN A 33 2.96 12.29 12.29
CA ASN A 33 2.90 13.14 13.48
C ASN A 33 2.79 14.61 13.10
N SER A 34 3.18 14.92 11.86
CA SER A 34 3.13 16.30 11.36
C SER A 34 3.06 16.33 9.85
N ALA A 35 2.34 17.30 9.31
CA ALA A 35 2.19 17.45 7.87
C ALA A 35 3.53 17.24 7.16
N ALA A 36 3.61 16.22 6.32
CA ALA A 36 4.82 15.92 5.58
C ALA A 36 4.55 14.96 4.43
N PRO A 37 5.37 15.06 3.37
CA PRO A 37 5.24 14.21 2.18
C PRO A 37 5.62 12.76 2.47
N VAL A 38 5.45 11.89 1.48
CA VAL A 38 5.77 10.48 1.62
C VAL A 38 6.16 9.86 0.28
N GLU A 39 6.65 8.63 0.32
CA GLU A 39 7.06 7.94 -0.89
C GLU A 39 6.80 6.43 -0.77
N TRP A 40 5.78 5.97 -1.48
CA TRP A 40 5.41 4.55 -1.45
C TRP A 40 6.41 3.72 -2.25
N ARG A 41 7.05 2.77 -1.58
CA ARG A 41 8.03 1.90 -2.23
C ARG A 41 7.52 0.46 -2.32
N LYS A 42 8.34 -0.42 -2.87
CA LYS A 42 7.97 -1.82 -3.01
C LYS A 42 9.21 -2.68 -3.26
N GLY A 43 9.36 -3.74 -2.46
CA GLY A 43 10.49 -4.63 -2.62
C GLY A 43 11.74 -3.90 -3.08
N SER A 44 12.13 -2.88 -2.33
CA SER A 44 13.31 -2.09 -2.67
C SER A 44 13.11 -1.36 -3.99
N GLU A 45 12.01 -0.61 -4.10
CA GLU A 45 11.72 0.13 -5.31
C GLU A 45 10.81 1.32 -5.00
N THR A 46 11.10 2.46 -5.63
CA THR A 46 10.32 3.67 -5.43
C THR A 46 9.17 3.76 -6.42
N LEU A 47 7.97 4.01 -5.90
CA LEU A 47 6.78 4.10 -6.74
C LEU A 47 6.42 5.57 -6.98
N ARG A 48 5.45 5.79 -7.87
CA ARG A 48 5.01 7.14 -8.19
C ARG A 48 3.56 7.15 -8.66
N ASP A 49 2.84 8.21 -8.34
CA ASP A 49 1.45 8.34 -8.73
C ASP A 49 1.31 8.39 -10.25
N GLY A 50 0.31 7.67 -10.77
CA GLY A 50 0.09 7.64 -12.21
C GLY A 50 -1.23 7.02 -12.58
N ASP A 51 -1.20 6.04 -13.48
CA ASP A 51 -2.42 5.37 -13.92
C ASP A 51 -2.77 4.22 -12.98
N ARG A 52 -1.83 3.30 -12.78
CA ARG A 52 -2.04 2.17 -11.90
C ARG A 52 -1.97 2.58 -10.43
N TYR A 53 -0.98 3.40 -10.10
CA TYR A 53 -0.80 3.88 -8.73
C TYR A 53 -1.51 5.21 -8.52
N SER A 54 -2.14 5.36 -7.36
CA SER A 54 -2.85 6.58 -7.03
C SER A 54 -2.53 7.03 -5.61
N LEU A 55 -1.60 7.98 -5.50
CA LEU A 55 -1.20 8.51 -4.21
C LEU A 55 -1.98 9.78 -3.87
N ARG A 56 -2.68 9.75 -2.75
CA ARG A 56 -3.47 10.89 -2.30
C ARG A 56 -3.16 11.23 -0.84
N GLN A 57 -2.65 12.44 -0.63
CA GLN A 57 -2.31 12.88 0.72
C GLN A 57 -3.22 14.02 1.16
N ASP A 58 -3.58 14.03 2.43
CA ASP A 58 -4.46 15.06 2.98
C ASP A 58 -3.93 15.57 4.32
N GLY A 59 -2.88 16.40 4.26
CA GLY A 59 -2.30 16.94 5.47
C GLY A 59 -1.31 15.98 6.11
N THR A 60 -1.81 15.15 7.02
CA THR A 60 -0.96 14.18 7.71
C THR A 60 -1.27 12.76 7.26
N LYS A 61 -2.48 12.56 6.75
CA LYS A 61 -2.90 11.23 6.28
C LYS A 61 -2.48 11.02 4.84
N CYS A 62 -2.19 9.76 4.49
CA CYS A 62 -1.78 9.41 3.14
C CYS A 62 -2.60 8.25 2.59
N GLU A 63 -2.44 7.98 1.31
CA GLU A 63 -3.19 6.89 0.67
C GLU A 63 -2.54 6.51 -0.66
N LEU A 64 -2.38 5.20 -0.87
CA LEU A 64 -1.78 4.70 -2.10
C LEU A 64 -2.56 3.52 -2.65
N GLN A 65 -3.23 3.73 -3.79
CA GLN A 65 -4.04 2.69 -4.41
C GLN A 65 -3.24 1.99 -5.52
N ILE A 66 -3.49 0.70 -5.70
CA ILE A 66 -2.81 -0.08 -6.73
C ILE A 66 -3.80 -0.77 -7.66
N ARG A 67 -4.01 -0.18 -8.83
CA ARG A 67 -4.93 -0.74 -9.81
C ARG A 67 -4.24 -1.80 -10.66
N GLY A 68 -4.80 -3.01 -10.67
CA GLY A 68 -4.22 -4.09 -11.45
C GLY A 68 -3.50 -5.11 -10.60
N LEU A 69 -4.13 -5.53 -9.51
CA LEU A 69 -3.54 -6.51 -8.61
C LEU A 69 -3.36 -7.85 -9.31
N ALA A 70 -2.26 -8.53 -8.99
CA ALA A 70 -1.96 -9.82 -9.58
C ALA A 70 -0.92 -10.58 -8.75
N MET A 71 -0.89 -11.90 -8.90
CA MET A 71 0.07 -12.73 -8.17
C MET A 71 1.45 -12.09 -8.17
N ALA A 72 1.77 -11.36 -9.24
CA ALA A 72 3.06 -10.70 -9.35
C ALA A 72 3.14 -9.50 -8.42
N ASP A 73 2.08 -8.70 -8.40
CA ASP A 73 2.03 -7.51 -7.55
C ASP A 73 2.33 -7.87 -6.10
N THR A 74 1.94 -9.07 -5.69
CA THR A 74 2.17 -9.54 -4.33
C THR A 74 3.61 -9.27 -3.90
N GLY A 75 3.77 -8.44 -2.87
CA GLY A 75 5.10 -8.12 -2.38
C GLY A 75 5.06 -7.39 -1.05
N GLU A 76 5.91 -6.39 -0.90
CA GLU A 76 5.98 -5.61 0.33
C GLU A 76 6.09 -4.11 0.03
N TYR A 77 5.10 -3.35 0.48
CA TYR A 77 5.09 -1.92 0.26
C TYR A 77 5.55 -1.17 1.51
N SER A 78 6.36 -0.13 1.30
CA SER A 78 6.87 0.68 2.41
C SER A 78 6.70 2.17 2.13
N CYS A 79 5.98 2.84 3.02
CA CYS A 79 5.74 4.27 2.87
C CYS A 79 6.78 5.08 3.64
N VAL A 80 7.72 5.67 2.91
CA VAL A 80 8.77 6.47 3.53
C VAL A 80 8.39 7.95 3.56
N CYS A 81 8.62 8.58 4.70
CA CYS A 81 8.30 10.00 4.87
C CYS A 81 9.56 10.84 4.90
N GLY A 82 10.60 10.33 5.56
CA GLY A 82 11.86 11.05 5.65
C GLY A 82 12.90 10.31 6.46
N GLN A 83 12.62 10.12 7.75
CA GLN A 83 13.53 9.43 8.65
C GLN A 83 13.05 8.01 8.92
N GLU A 84 11.74 7.86 9.09
CA GLU A 84 11.15 6.56 9.36
C GLU A 84 10.18 6.15 8.26
N ARG A 85 9.73 4.90 8.29
CA ARG A 85 8.80 4.40 7.30
C ARG A 85 8.04 3.17 7.83
N THR A 86 6.98 2.80 7.13
CA THR A 86 6.17 1.65 7.54
C THR A 86 6.21 0.55 6.48
N SER A 87 5.45 -0.51 6.71
CA SER A 87 5.39 -1.63 5.78
C SER A 87 4.12 -2.43 5.97
N ALA A 88 3.63 -3.03 4.88
CA ALA A 88 2.42 -3.83 4.93
C ALA A 88 2.34 -4.79 3.74
N MET A 89 2.60 -6.07 4.01
CA MET A 89 2.56 -7.08 2.96
C MET A 89 1.20 -7.10 2.27
N LEU A 90 1.22 -7.05 0.95
CA LEU A 90 -0.02 -7.07 0.17
C LEU A 90 -0.23 -8.43 -0.48
N THR A 91 -1.09 -9.24 0.12
CA THR A 91 -1.38 -10.57 -0.41
C THR A 91 -2.52 -10.52 -1.42
N VAL A 92 -2.20 -10.78 -2.69
CA VAL A 92 -3.19 -10.76 -3.74
C VAL A 92 -3.85 -12.12 -3.90
N ARG A 93 -4.93 -12.34 -3.16
CA ARG A 93 -5.66 -13.61 -3.22
C ARG A 93 -6.09 -13.92 -4.65
N ALA A 94 -5.47 -14.95 -5.24
CA ALA A 94 -5.81 -15.35 -6.60
C ALA A 94 -7.28 -15.72 -6.72
N LEU A 95 -7.92 -15.23 -7.78
CA LEU A 95 -9.33 -15.51 -8.02
C LEU A 95 -9.54 -16.97 -8.36
N PRO A 96 -10.74 -17.49 -8.03
CA PRO A 96 -11.10 -18.89 -8.30
C PRO A 96 -11.28 -19.16 -9.78
N ILE A 97 -10.31 -19.84 -10.38
CA ILE A 97 -10.37 -20.16 -11.79
C ILE A 97 -11.53 -21.11 -12.10
N LYS A 98 -12.24 -20.83 -13.18
CA LYS A 98 -13.37 -21.66 -13.58
C LYS A 98 -12.99 -23.13 -13.63
N PHE A 99 -11.93 -23.43 -14.38
CA PHE A 99 -11.45 -24.81 -14.51
C PHE A 99 -12.42 -25.64 -15.35
N THR A 100 -12.87 -25.08 -16.47
CA THR A 100 -13.79 -25.76 -17.35
C THR A 100 -13.25 -27.13 -17.76
N GLU A 101 -11.93 -27.25 -17.78
CA GLU A 101 -11.29 -28.51 -18.16
C GLU A 101 -12.10 -29.24 -19.24
N SER A 102 -12.50 -28.50 -20.26
CA SER A 102 -13.28 -29.06 -21.36
C SER A 102 -12.37 -29.71 -22.40
N GLY A 103 -11.43 -28.92 -22.92
CA GLY A 103 -10.51 -29.43 -23.93
C GLY A 103 -9.07 -29.32 -23.50
N PRO A 104 -8.24 -30.31 -23.87
CA PRO A 104 -6.82 -30.34 -23.53
C PRO A 104 -6.03 -29.27 -24.28
N SER A 105 -5.72 -28.18 -23.58
CA SER A 105 -4.97 -27.08 -24.18
C SER A 105 -3.55 -27.53 -24.53
N SER A 106 -2.91 -26.78 -25.43
CA SER A 106 -1.55 -27.10 -25.85
C SER A 106 -0.55 -26.80 -24.72
N GLY A 107 0.58 -27.49 -24.75
CA GLY A 107 1.60 -27.29 -23.73
C GLY A 107 1.48 -28.28 -22.60
N GLY A 1 13.37 12.15 27.80
CA GLY A 1 12.81 13.49 27.85
C GLY A 1 13.40 14.40 26.78
N SER A 2 13.29 13.99 25.53
CA SER A 2 13.82 14.76 24.41
C SER A 2 12.75 15.71 23.86
N SER A 3 13.00 17.00 23.98
CA SER A 3 12.05 18.01 23.49
C SER A 3 12.36 18.37 22.04
N GLY A 4 11.35 18.89 21.34
CA GLY A 4 11.54 19.28 19.96
C GLY A 4 10.63 18.52 19.02
N SER A 5 9.49 19.12 18.67
CA SER A 5 8.54 18.48 17.77
C SER A 5 8.31 19.34 16.53
N SER A 6 9.38 19.89 15.99
CA SER A 6 9.30 20.73 14.81
C SER A 6 10.38 20.35 13.80
N GLY A 7 9.97 20.14 12.55
CA GLY A 7 10.91 19.78 11.51
C GLY A 7 10.51 18.49 10.80
N PRO A 8 11.21 17.39 11.14
CA PRO A 8 10.95 16.08 10.54
C PRO A 8 9.61 15.49 10.99
N ALA A 9 9.09 14.55 10.20
CA ALA A 9 7.82 13.92 10.51
C ALA A 9 8.00 12.40 10.69
N ARG A 10 7.39 11.85 11.74
CA ARG A 10 7.48 10.43 12.01
C ARG A 10 6.12 9.76 11.87
N PHE A 11 6.09 8.63 11.19
CA PHE A 11 4.84 7.89 10.98
C PHE A 11 4.24 7.45 12.32
N ILE A 12 3.35 8.28 12.85
CA ILE A 12 2.71 7.97 14.12
C ILE A 12 1.91 6.67 14.04
N GLU A 13 1.45 6.34 12.83
CA GLU A 13 0.68 5.12 12.62
C GLU A 13 1.25 4.31 11.46
N ASP A 14 1.33 3.00 11.63
CA ASP A 14 1.86 2.12 10.60
C ASP A 14 0.73 1.38 9.89
N VAL A 15 0.70 1.47 8.56
CA VAL A 15 -0.33 0.82 7.77
C VAL A 15 -0.50 -0.63 8.19
N LYS A 16 -1.60 -1.24 7.75
CA LYS A 16 -1.87 -2.64 8.08
C LYS A 16 -1.65 -3.55 6.87
N ASN A 17 -1.96 -4.83 7.03
CA ASN A 17 -1.78 -5.80 5.95
C ASN A 17 -2.80 -5.54 4.83
N GLN A 18 -2.32 -5.64 3.60
CA GLN A 18 -3.18 -5.42 2.44
C GLN A 18 -3.62 -6.75 1.82
N GLU A 19 -4.91 -6.89 1.58
CA GLU A 19 -5.45 -8.12 1.00
C GLU A 19 -6.57 -7.80 0.00
N ALA A 20 -6.48 -8.37 -1.19
CA ALA A 20 -7.48 -8.16 -2.22
C ALA A 20 -7.39 -9.23 -3.32
N ARG A 21 -8.54 -9.61 -3.86
CA ARG A 21 -8.59 -10.62 -4.91
C ARG A 21 -8.07 -10.06 -6.23
N GLU A 22 -7.39 -10.90 -6.99
CA GLU A 22 -6.83 -10.49 -8.28
C GLU A 22 -7.82 -9.59 -9.03
N GLY A 23 -7.29 -8.56 -9.67
CA GLY A 23 -8.14 -7.65 -10.43
C GLY A 23 -8.79 -6.60 -9.54
N ALA A 24 -8.15 -6.31 -8.41
CA ALA A 24 -8.67 -5.32 -7.47
C ALA A 24 -7.71 -4.15 -7.32
N THR A 25 -8.06 -3.22 -6.44
CA THR A 25 -7.23 -2.04 -6.19
C THR A 25 -6.90 -1.90 -4.71
N ALA A 26 -5.69 -2.29 -4.34
CA ALA A 26 -5.25 -2.19 -2.96
C ALA A 26 -5.36 -0.76 -2.44
N VAL A 27 -5.38 -0.61 -1.11
CA VAL A 27 -5.46 0.70 -0.50
C VAL A 27 -4.67 0.77 0.80
N LEU A 28 -3.54 1.46 0.77
CA LEU A 28 -2.69 1.59 1.94
C LEU A 28 -2.82 2.98 2.56
N GLN A 29 -3.30 3.02 3.79
CA GLN A 29 -3.48 4.28 4.50
C GLN A 29 -2.54 4.38 5.69
N CYS A 30 -2.01 5.57 5.93
CA CYS A 30 -1.09 5.80 7.04
C CYS A 30 -1.26 7.20 7.61
N GLU A 31 -0.51 7.50 8.67
CA GLU A 31 -0.58 8.81 9.31
C GLU A 31 0.81 9.33 9.64
N LEU A 32 0.92 10.64 9.83
CA LEU A 32 2.20 11.27 10.14
C LEU A 32 2.09 12.13 11.38
N ASN A 33 3.21 12.30 12.08
CA ASN A 33 3.23 13.11 13.30
C ASN A 33 3.15 14.60 12.96
N SER A 34 3.11 14.91 11.67
CA SER A 34 3.04 16.29 11.21
C SER A 34 2.87 16.35 9.69
N ALA A 35 2.21 17.40 9.23
CA ALA A 35 1.98 17.59 7.80
C ALA A 35 3.28 17.45 7.01
N ALA A 36 3.37 16.41 6.19
CA ALA A 36 4.56 16.17 5.38
C ALA A 36 4.29 15.11 4.32
N PRO A 37 4.99 15.22 3.18
CA PRO A 37 4.85 14.27 2.07
C PRO A 37 5.41 12.89 2.40
N VAL A 38 5.25 11.96 1.47
CA VAL A 38 5.74 10.61 1.66
C VAL A 38 5.99 9.91 0.32
N GLU A 39 6.38 8.64 0.39
CA GLU A 39 6.64 7.87 -0.83
C GLU A 39 6.39 6.38 -0.59
N TRP A 40 5.54 5.79 -1.44
CA TRP A 40 5.22 4.38 -1.32
C TRP A 40 6.18 3.52 -2.14
N ARG A 41 6.95 2.69 -1.45
CA ARG A 41 7.92 1.81 -2.12
C ARG A 41 7.37 0.39 -2.23
N LYS A 42 8.22 -0.52 -2.70
CA LYS A 42 7.82 -1.92 -2.85
C LYS A 42 9.03 -2.78 -3.18
N GLY A 43 9.24 -3.83 -2.39
CA GLY A 43 10.36 -4.72 -2.62
C GLY A 43 11.60 -3.99 -3.09
N SER A 44 12.02 -2.98 -2.33
CA SER A 44 13.18 -2.20 -2.68
C SER A 44 12.97 -1.44 -3.99
N GLU A 45 11.84 -0.74 -4.07
CA GLU A 45 11.50 0.02 -5.27
C GLU A 45 10.63 1.21 -4.93
N THR A 46 10.89 2.35 -5.56
CA THR A 46 10.12 3.56 -5.32
C THR A 46 8.97 3.69 -6.31
N LEU A 47 7.75 3.74 -5.79
CA LEU A 47 6.56 3.86 -6.62
C LEU A 47 6.23 5.32 -6.90
N ARG A 48 5.38 5.56 -7.89
CA ARG A 48 4.98 6.91 -8.25
C ARG A 48 3.51 6.96 -8.66
N ASP A 49 2.87 8.10 -8.42
CA ASP A 49 1.47 8.27 -8.76
C ASP A 49 1.27 8.32 -10.26
N GLY A 50 0.35 7.50 -10.77
CA GLY A 50 0.09 7.47 -12.20
C GLY A 50 -1.27 6.90 -12.52
N ASP A 51 -1.35 6.14 -13.61
CA ASP A 51 -2.60 5.54 -14.03
C ASP A 51 -2.98 4.36 -13.13
N ARG A 52 -2.03 3.45 -12.94
CA ARG A 52 -2.25 2.28 -12.09
C ARG A 52 -2.08 2.63 -10.63
N TYR A 53 -1.05 3.43 -10.32
CA TYR A 53 -0.77 3.84 -8.95
C TYR A 53 -1.41 5.20 -8.65
N SER A 54 -1.74 5.41 -7.38
CA SER A 54 -2.35 6.65 -6.95
C SER A 54 -1.91 7.02 -5.54
N LEU A 55 -1.03 8.02 -5.45
CA LEU A 55 -0.52 8.47 -4.15
C LEU A 55 -1.20 9.76 -3.73
N ARG A 56 -2.15 9.65 -2.80
CA ARG A 56 -2.87 10.81 -2.31
C ARG A 56 -2.45 11.15 -0.88
N GLN A 57 -2.98 12.25 -0.35
CA GLN A 57 -2.66 12.69 1.00
C GLN A 57 -3.57 13.82 1.45
N ASP A 58 -3.89 13.84 2.73
CA ASP A 58 -4.77 14.87 3.29
C ASP A 58 -4.18 15.45 4.58
N GLY A 59 -3.14 16.26 4.43
CA GLY A 59 -2.51 16.86 5.58
C GLY A 59 -1.42 15.99 6.17
N THR A 60 -1.80 15.10 7.09
CA THR A 60 -0.85 14.20 7.73
C THR A 60 -1.08 12.76 7.29
N LYS A 61 -2.31 12.46 6.88
CA LYS A 61 -2.66 11.11 6.43
C LYS A 61 -2.28 10.91 4.97
N CYS A 62 -2.07 9.66 4.58
CA CYS A 62 -1.70 9.32 3.21
C CYS A 62 -2.57 8.19 2.67
N GLU A 63 -2.41 7.90 1.38
CA GLU A 63 -3.19 6.85 0.75
C GLU A 63 -2.56 6.44 -0.58
N LEU A 64 -2.37 5.13 -0.77
CA LEU A 64 -1.78 4.61 -1.99
C LEU A 64 -2.64 3.49 -2.58
N GLN A 65 -3.12 3.71 -3.80
CA GLN A 65 -3.96 2.72 -4.47
C GLN A 65 -3.18 2.01 -5.58
N ILE A 66 -3.39 0.71 -5.69
CA ILE A 66 -2.70 -0.08 -6.71
C ILE A 66 -3.70 -0.78 -7.64
N ARG A 67 -3.98 -0.15 -8.77
CA ARG A 67 -4.92 -0.70 -9.75
C ARG A 67 -4.25 -1.76 -10.60
N GLY A 68 -4.87 -2.93 -10.69
CA GLY A 68 -4.32 -4.01 -11.48
C GLY A 68 -3.56 -5.02 -10.65
N LEU A 69 -4.13 -5.39 -9.51
CA LEU A 69 -3.50 -6.35 -8.61
C LEU A 69 -3.32 -7.70 -9.30
N ALA A 70 -2.20 -8.37 -9.01
CA ALA A 70 -1.92 -9.67 -9.59
C ALA A 70 -0.87 -10.41 -8.77
N MET A 71 -0.82 -11.74 -8.95
CA MET A 71 0.13 -12.56 -8.22
C MET A 71 1.48 -11.85 -8.08
N ALA A 72 1.95 -11.26 -9.17
CA ALA A 72 3.22 -10.54 -9.16
C ALA A 72 3.21 -9.42 -8.14
N ASP A 73 2.10 -8.68 -8.10
CA ASP A 73 1.96 -7.57 -7.16
C ASP A 73 2.18 -8.03 -5.73
N THR A 74 1.81 -9.29 -5.45
CA THR A 74 1.96 -9.85 -4.12
C THR A 74 3.38 -9.63 -3.58
N GLY A 75 3.52 -8.68 -2.66
CA GLY A 75 4.81 -8.38 -2.09
C GLY A 75 4.72 -7.54 -0.83
N GLU A 76 5.65 -6.61 -0.67
CA GLU A 76 5.66 -5.74 0.50
C GLU A 76 5.80 -4.28 0.09
N TYR A 77 5.10 -3.40 0.81
CA TYR A 77 5.14 -1.98 0.52
C TYR A 77 5.54 -1.18 1.75
N SER A 78 6.38 -0.16 1.56
CA SER A 78 6.84 0.68 2.64
C SER A 78 6.67 2.16 2.31
N CYS A 79 5.92 2.87 3.14
CA CYS A 79 5.69 4.29 2.94
C CYS A 79 6.71 5.14 3.68
N VAL A 80 7.66 5.71 2.94
CA VAL A 80 8.69 6.54 3.54
C VAL A 80 8.29 8.01 3.54
N CYS A 81 8.65 8.71 4.61
CA CYS A 81 8.33 10.13 4.73
C CYS A 81 9.60 10.97 4.84
N GLY A 82 10.64 10.38 5.43
CA GLY A 82 11.89 11.10 5.58
C GLY A 82 12.91 10.31 6.39
N GLN A 83 12.66 10.20 7.69
CA GLN A 83 13.56 9.47 8.58
C GLN A 83 12.98 8.11 8.95
N GLU A 84 11.65 8.05 9.06
CA GLU A 84 10.98 6.81 9.41
C GLU A 84 10.06 6.35 8.28
N ARG A 85 9.66 5.09 8.32
CA ARG A 85 8.78 4.53 7.30
C ARG A 85 8.07 3.28 7.82
N THR A 86 6.94 2.95 7.21
CA THR A 86 6.16 1.79 7.61
C THR A 86 6.33 0.64 6.62
N SER A 87 5.63 -0.46 6.86
CA SER A 87 5.71 -1.63 5.99
C SER A 87 4.51 -2.54 6.20
N ALA A 88 4.04 -3.15 5.12
CA ALA A 88 2.90 -4.05 5.18
C ALA A 88 2.79 -4.89 3.91
N MET A 89 2.80 -6.20 4.08
CA MET A 89 2.71 -7.13 2.95
C MET A 89 1.33 -7.04 2.29
N LEU A 90 1.29 -7.25 0.98
CA LEU A 90 0.04 -7.19 0.23
C LEU A 90 -0.25 -8.53 -0.44
N THR A 91 -1.25 -9.24 0.08
CA THR A 91 -1.62 -10.54 -0.48
C THR A 91 -2.69 -10.39 -1.56
N VAL A 92 -2.42 -10.97 -2.72
CA VAL A 92 -3.36 -10.90 -3.84
C VAL A 92 -4.02 -12.24 -4.10
N ARG A 93 -5.11 -12.51 -3.38
CA ARG A 93 -5.83 -13.76 -3.52
C ARG A 93 -6.28 -13.98 -4.97
N ALA A 94 -5.57 -14.85 -5.68
CA ALA A 94 -5.89 -15.13 -7.06
C ALA A 94 -7.38 -15.45 -7.23
N LEU A 95 -7.95 -15.00 -8.34
CA LEU A 95 -9.37 -15.23 -8.62
C LEU A 95 -9.61 -16.68 -9.04
N PRO A 96 -10.81 -17.18 -8.73
CA PRO A 96 -11.20 -18.57 -9.06
C PRO A 96 -11.41 -18.76 -10.56
N ILE A 97 -10.44 -19.42 -11.20
CA ILE A 97 -10.52 -19.67 -12.64
C ILE A 97 -11.71 -20.56 -12.97
N LYS A 98 -11.66 -21.80 -12.48
CA LYS A 98 -12.73 -22.76 -12.73
C LYS A 98 -12.65 -23.93 -11.75
N PHE A 99 -13.78 -24.26 -11.12
CA PHE A 99 -13.83 -25.35 -10.16
C PHE A 99 -13.06 -26.56 -10.69
N THR A 100 -11.92 -26.84 -10.06
CA THR A 100 -11.09 -27.96 -10.45
C THR A 100 -11.87 -29.28 -10.38
N GLU A 101 -11.95 -29.98 -11.51
CA GLU A 101 -12.66 -31.25 -11.59
C GLU A 101 -11.69 -32.42 -11.65
N SER A 102 -11.18 -32.82 -10.49
CA SER A 102 -10.23 -33.93 -10.41
C SER A 102 -10.48 -34.77 -9.17
N GLY A 103 -10.21 -36.07 -9.27
CA GLY A 103 -10.41 -36.95 -8.14
C GLY A 103 -9.10 -37.33 -7.46
N PRO A 104 -8.74 -36.60 -6.41
CA PRO A 104 -7.51 -36.84 -5.65
C PRO A 104 -7.57 -38.14 -4.85
N SER A 105 -8.73 -38.78 -4.85
CA SER A 105 -8.91 -40.04 -4.13
C SER A 105 -8.39 -41.21 -4.95
N SER A 106 -8.38 -42.40 -4.34
CA SER A 106 -7.91 -43.60 -5.00
C SER A 106 -8.51 -43.72 -6.40
N GLY A 107 -9.85 -43.68 -6.47
CA GLY A 107 -10.52 -43.79 -7.75
C GLY A 107 -10.48 -42.51 -8.54
N GLY A 1 19.48 31.86 0.01
CA GLY A 1 18.99 30.50 0.19
C GLY A 1 18.21 30.34 1.48
N SER A 2 16.95 30.75 1.46
CA SER A 2 16.09 30.66 2.65
C SER A 2 15.07 29.54 2.47
N SER A 3 15.28 28.44 3.18
CA SER A 3 14.38 27.30 3.11
C SER A 3 13.91 26.89 4.50
N GLY A 4 12.62 27.07 4.77
CA GLY A 4 12.07 26.71 6.06
C GLY A 4 11.41 25.35 6.05
N SER A 5 11.49 24.65 7.18
CA SER A 5 10.90 23.32 7.30
C SER A 5 10.12 23.19 8.60
N SER A 6 9.04 22.40 8.57
CA SER A 6 8.21 22.19 9.75
C SER A 6 8.71 21.00 10.56
N GLY A 7 10.02 20.90 10.71
CA GLY A 7 10.61 19.80 11.45
C GLY A 7 10.30 18.44 10.84
N PRO A 8 11.01 17.41 11.30
CA PRO A 8 10.82 16.05 10.80
C PRO A 8 9.49 15.45 11.23
N ALA A 9 9.05 14.42 10.51
CA ALA A 9 7.79 13.76 10.81
C ALA A 9 7.96 12.24 10.85
N ARG A 10 7.39 11.61 11.87
CA ARG A 10 7.48 10.16 12.03
C ARG A 10 6.10 9.52 11.99
N PHE A 11 5.92 8.55 11.11
CA PHE A 11 4.65 7.85 10.98
C PHE A 11 4.14 7.39 12.34
N ILE A 12 3.26 8.19 12.93
CA ILE A 12 2.70 7.86 14.24
C ILE A 12 1.85 6.59 14.16
N GLU A 13 1.22 6.36 13.01
CA GLU A 13 0.39 5.18 12.82
C GLU A 13 0.88 4.36 11.62
N ASP A 14 1.07 3.07 11.85
CA ASP A 14 1.53 2.18 10.79
C ASP A 14 0.36 1.57 10.03
N VAL A 15 0.46 1.57 8.70
CA VAL A 15 -0.60 1.02 7.86
C VAL A 15 -0.91 -0.41 8.24
N LYS A 16 -2.07 -0.90 7.78
CA LYS A 16 -2.49 -2.27 8.07
C LYS A 16 -2.25 -3.17 6.86
N ASN A 17 -2.01 -4.45 7.12
CA ASN A 17 -1.77 -5.43 6.07
C ASN A 17 -2.74 -5.21 4.91
N GLN A 18 -2.40 -5.76 3.75
CA GLN A 18 -3.23 -5.63 2.56
C GLN A 18 -3.55 -7.00 1.97
N GLU A 19 -4.83 -7.22 1.66
CA GLU A 19 -5.26 -8.49 1.10
C GLU A 19 -6.42 -8.28 0.13
N ALA A 20 -6.35 -8.92 -1.03
CA ALA A 20 -7.39 -8.80 -2.04
C ALA A 20 -7.17 -9.80 -3.17
N ARG A 21 -8.27 -10.20 -3.82
CA ARG A 21 -8.19 -11.15 -4.92
C ARG A 21 -7.73 -10.48 -6.20
N GLU A 22 -7.07 -11.23 -7.07
CA GLU A 22 -6.58 -10.70 -8.34
C GLU A 22 -7.63 -9.83 -9.00
N GLY A 23 -7.18 -8.77 -9.68
CA GLY A 23 -8.10 -7.88 -10.36
C GLY A 23 -8.80 -6.93 -9.40
N ALA A 24 -8.12 -6.60 -8.31
CA ALA A 24 -8.68 -5.70 -7.31
C ALA A 24 -7.82 -4.45 -7.15
N THR A 25 -8.17 -3.60 -6.20
CA THR A 25 -7.44 -2.37 -5.95
C THR A 25 -7.07 -2.24 -4.48
N ALA A 26 -5.79 -2.43 -4.17
CA ALA A 26 -5.31 -2.33 -2.80
C ALA A 26 -5.34 -0.88 -2.31
N VAL A 27 -5.43 -0.71 -1.00
CA VAL A 27 -5.47 0.62 -0.41
C VAL A 27 -4.62 0.68 0.85
N LEU A 28 -3.60 1.54 0.84
CA LEU A 28 -2.71 1.70 1.98
C LEU A 28 -2.78 3.11 2.54
N GLN A 29 -3.31 3.24 3.75
CA GLN A 29 -3.44 4.55 4.40
C GLN A 29 -2.55 4.63 5.63
N CYS A 30 -2.01 5.81 5.88
CA CYS A 30 -1.13 6.02 7.03
C CYS A 30 -1.29 7.44 7.57
N GLU A 31 -0.70 7.69 8.75
CA GLU A 31 -0.78 9.00 9.37
C GLU A 31 0.60 9.47 9.84
N LEU A 32 0.81 10.78 9.81
CA LEU A 32 2.09 11.34 10.23
C LEU A 32 1.91 12.31 11.39
N ASN A 33 2.90 12.38 12.27
CA ASN A 33 2.85 13.26 13.43
C ASN A 33 2.67 14.71 12.99
N SER A 34 3.06 15.01 11.75
CA SER A 34 2.96 16.36 11.22
C SER A 34 3.06 16.35 9.70
N ALA A 35 2.32 17.24 9.06
CA ALA A 35 2.32 17.35 7.60
C ALA A 35 3.70 17.02 7.04
N ALA A 36 3.77 15.96 6.24
CA ALA A 36 5.03 15.55 5.62
C ALA A 36 4.79 14.66 4.41
N PRO A 37 5.70 14.73 3.43
CA PRO A 37 5.61 13.94 2.20
C PRO A 37 5.84 12.46 2.44
N VAL A 38 5.74 11.67 1.38
CA VAL A 38 5.96 10.23 1.48
C VAL A 38 6.35 9.64 0.12
N GLU A 39 6.96 8.45 0.17
CA GLU A 39 7.38 7.78 -1.05
C GLU A 39 7.00 6.31 -1.03
N TRP A 40 5.78 6.00 -1.44
CA TRP A 40 5.29 4.63 -1.46
C TRP A 40 6.25 3.72 -2.22
N ARG A 41 6.88 2.79 -1.51
CA ARG A 41 7.82 1.86 -2.12
C ARG A 41 7.18 0.49 -2.33
N LYS A 42 7.96 -0.46 -2.82
CA LYS A 42 7.47 -1.81 -3.06
C LYS A 42 8.64 -2.76 -3.36
N GLY A 43 8.65 -3.90 -2.67
CA GLY A 43 9.71 -4.87 -2.88
C GLY A 43 11.03 -4.23 -3.22
N SER A 44 11.40 -3.19 -2.46
CA SER A 44 12.65 -2.47 -2.69
C SER A 44 12.59 -1.67 -3.99
N GLU A 45 11.52 -0.89 -4.14
CA GLU A 45 11.35 -0.07 -5.34
C GLU A 45 10.42 1.12 -5.06
N THR A 46 10.87 2.31 -5.44
CA THR A 46 10.09 3.52 -5.22
C THR A 46 8.94 3.62 -6.22
N LEU A 47 7.76 3.95 -5.72
CA LEU A 47 6.57 4.07 -6.56
C LEU A 47 6.19 5.54 -6.76
N ARG A 48 5.34 5.80 -7.74
CA ARG A 48 4.89 7.15 -8.03
C ARG A 48 3.45 7.16 -8.54
N ASP A 49 2.74 8.25 -8.27
CA ASP A 49 1.35 8.38 -8.70
C ASP A 49 1.26 8.40 -10.23
N GLY A 50 0.27 7.69 -10.77
CA GLY A 50 0.09 7.65 -12.21
C GLY A 50 -1.24 7.05 -12.61
N ASP A 51 -1.20 6.04 -13.47
CA ASP A 51 -2.42 5.38 -13.94
C ASP A 51 -2.80 4.23 -13.00
N ARG A 52 -1.83 3.38 -12.69
CA ARG A 52 -2.06 2.24 -11.82
C ARG A 52 -1.99 2.65 -10.35
N TYR A 53 -1.01 3.50 -10.04
CA TYR A 53 -0.84 3.97 -8.67
C TYR A 53 -1.56 5.31 -8.45
N SER A 54 -2.17 5.46 -7.29
CA SER A 54 -2.90 6.67 -6.96
C SER A 54 -2.56 7.14 -5.54
N LEU A 55 -1.63 8.07 -5.44
CA LEU A 55 -1.21 8.60 -4.15
C LEU A 55 -1.99 9.86 -3.79
N ARG A 56 -2.71 9.82 -2.67
CA ARG A 56 -3.49 10.96 -2.23
C ARG A 56 -3.20 11.30 -0.77
N GLN A 57 -2.59 12.45 -0.55
CA GLN A 57 -2.24 12.89 0.80
C GLN A 57 -3.15 14.02 1.25
N ASP A 58 -3.54 13.99 2.52
CA ASP A 58 -4.41 15.02 3.08
C ASP A 58 -3.83 15.58 4.37
N GLY A 59 -2.84 16.46 4.24
CA GLY A 59 -2.21 17.05 5.40
C GLY A 59 -1.20 16.13 6.05
N THR A 60 -1.66 15.30 6.99
CA THR A 60 -0.78 14.37 7.68
C THR A 60 -1.05 12.93 7.25
N LYS A 61 -2.28 12.68 6.79
CA LYS A 61 -2.66 11.35 6.35
C LYS A 61 -2.24 11.11 4.90
N CYS A 62 -2.05 9.85 4.54
CA CYS A 62 -1.65 9.48 3.19
C CYS A 62 -2.50 8.34 2.65
N GLU A 63 -2.31 8.02 1.37
CA GLU A 63 -3.08 6.95 0.73
C GLU A 63 -2.43 6.54 -0.59
N LEU A 64 -2.40 5.24 -0.84
CA LEU A 64 -1.81 4.71 -2.07
C LEU A 64 -2.60 3.53 -2.59
N GLN A 65 -3.22 3.71 -3.75
CA GLN A 65 -4.03 2.65 -4.36
C GLN A 65 -3.26 1.98 -5.50
N ILE A 66 -3.49 0.68 -5.68
CA ILE A 66 -2.82 -0.09 -6.72
C ILE A 66 -3.83 -0.74 -7.65
N ARG A 67 -4.07 -0.13 -8.80
CA ARG A 67 -5.02 -0.67 -9.77
C ARG A 67 -4.39 -1.79 -10.59
N GLY A 68 -5.00 -2.97 -10.56
CA GLY A 68 -4.48 -4.09 -11.30
C GLY A 68 -3.68 -5.04 -10.43
N LEU A 69 -4.28 -5.51 -9.34
CA LEU A 69 -3.61 -6.42 -8.42
C LEU A 69 -3.36 -7.77 -9.09
N ALA A 70 -2.09 -8.08 -9.32
CA ALA A 70 -1.71 -9.35 -9.94
C ALA A 70 -0.75 -10.13 -9.06
N MET A 71 -0.85 -11.45 -9.11
CA MET A 71 0.01 -12.32 -8.31
C MET A 71 1.43 -11.76 -8.24
N ALA A 72 1.91 -11.23 -9.35
CA ALA A 72 3.24 -10.66 -9.43
C ALA A 72 3.39 -9.47 -8.47
N ASP A 73 2.36 -8.64 -8.42
CA ASP A 73 2.36 -7.47 -7.55
C ASP A 73 2.65 -7.86 -6.11
N THR A 74 2.12 -9.01 -5.70
CA THR A 74 2.31 -9.51 -4.34
C THR A 74 3.73 -9.25 -3.87
N GLY A 75 3.87 -8.40 -2.85
CA GLY A 75 5.18 -8.07 -2.32
C GLY A 75 5.10 -7.34 -1.00
N GLU A 76 5.99 -6.37 -0.80
CA GLU A 76 6.02 -5.59 0.43
C GLU A 76 6.18 -4.11 0.13
N TYR A 77 5.15 -3.33 0.47
CA TYR A 77 5.18 -1.89 0.24
C TYR A 77 5.58 -1.14 1.50
N SER A 78 6.39 -0.09 1.33
CA SER A 78 6.86 0.70 2.46
C SER A 78 6.70 2.19 2.17
N CYS A 79 5.99 2.89 3.05
CA CYS A 79 5.77 4.32 2.90
C CYS A 79 6.82 5.12 3.67
N VAL A 80 7.83 5.62 2.97
CA VAL A 80 8.89 6.39 3.58
C VAL A 80 8.59 7.89 3.49
N CYS A 81 8.85 8.61 4.59
CA CYS A 81 8.61 10.04 4.64
C CYS A 81 9.93 10.81 4.65
N GLY A 82 10.80 10.47 5.59
CA GLY A 82 12.08 11.14 5.68
C GLY A 82 13.10 10.34 6.49
N GLN A 83 12.79 10.10 7.75
CA GLN A 83 13.67 9.36 8.63
C GLN A 83 13.11 7.98 8.94
N GLU A 84 11.78 7.92 9.11
CA GLU A 84 11.11 6.66 9.41
C GLU A 84 10.13 6.29 8.31
N ARG A 85 9.57 5.08 8.40
CA ARG A 85 8.62 4.60 7.41
C ARG A 85 7.87 3.38 7.92
N THR A 86 6.84 2.97 7.18
CA THR A 86 6.04 1.82 7.56
C THR A 86 6.00 0.78 6.45
N SER A 87 5.31 -0.33 6.69
CA SER A 87 5.20 -1.40 5.71
C SER A 87 3.97 -2.26 5.97
N ALA A 88 3.49 -2.92 4.92
CA ALA A 88 2.31 -3.78 5.04
C ALA A 88 2.28 -4.82 3.92
N MET A 89 2.59 -6.07 4.26
CA MET A 89 2.60 -7.15 3.29
C MET A 89 1.28 -7.20 2.53
N LEU A 90 1.36 -7.18 1.20
CA LEU A 90 0.17 -7.24 0.37
C LEU A 90 0.04 -8.59 -0.32
N THR A 91 -1.02 -9.33 0.02
CA THR A 91 -1.26 -10.64 -0.57
C THR A 91 -2.33 -10.58 -1.65
N VAL A 92 -2.00 -11.07 -2.83
CA VAL A 92 -2.94 -11.07 -3.95
C VAL A 92 -3.44 -12.48 -4.24
N ARG A 93 -4.61 -12.79 -3.71
CA ARG A 93 -5.22 -14.10 -3.90
C ARG A 93 -5.70 -14.28 -5.34
N ALA A 94 -5.06 -15.19 -6.06
CA ALA A 94 -5.42 -15.45 -7.46
C ALA A 94 -6.91 -15.72 -7.60
N LEU A 95 -7.48 -15.33 -8.73
CA LEU A 95 -8.90 -15.54 -8.99
C LEU A 95 -9.16 -16.93 -9.57
N PRO A 96 -10.29 -17.53 -9.18
CA PRO A 96 -10.67 -18.86 -9.65
C PRO A 96 -11.06 -18.86 -11.12
N ILE A 97 -10.19 -19.42 -11.97
CA ILE A 97 -10.45 -19.48 -13.40
C ILE A 97 -11.31 -20.68 -13.74
N LYS A 98 -12.27 -20.47 -14.64
CA LYS A 98 -13.18 -21.54 -15.07
C LYS A 98 -12.59 -22.30 -16.26
N PHE A 99 -12.02 -23.46 -15.98
CA PHE A 99 -11.43 -24.28 -17.03
C PHE A 99 -12.06 -25.67 -17.06
N THR A 100 -11.70 -26.47 -18.06
CA THR A 100 -12.23 -27.82 -18.20
C THR A 100 -11.13 -28.82 -18.51
N GLU A 101 -11.30 -30.05 -18.03
CA GLU A 101 -10.32 -31.09 -18.28
C GLU A 101 -11.00 -32.44 -18.54
N SER A 102 -10.30 -33.32 -19.24
CA SER A 102 -10.84 -34.64 -19.58
C SER A 102 -10.21 -35.72 -18.70
N GLY A 103 -11.05 -36.51 -18.04
CA GLY A 103 -10.55 -37.56 -17.18
C GLY A 103 -9.35 -38.27 -17.77
N PRO A 104 -8.16 -38.03 -17.19
CA PRO A 104 -6.92 -38.63 -17.63
C PRO A 104 -6.85 -40.13 -17.36
N SER A 105 -6.03 -40.83 -18.11
CA SER A 105 -5.88 -42.28 -17.94
C SER A 105 -4.93 -42.59 -16.78
N SER A 106 -5.14 -41.92 -15.66
CA SER A 106 -4.31 -42.13 -14.48
C SER A 106 -5.05 -41.73 -13.21
N GLY A 107 -5.40 -42.72 -12.40
CA GLY A 107 -6.11 -42.45 -11.16
C GLY A 107 -6.56 -43.72 -10.47
N GLY A 1 3.36 21.33 26.17
CA GLY A 1 4.67 21.67 26.70
C GLY A 1 5.45 22.57 25.77
N SER A 2 6.43 22.01 25.08
CA SER A 2 7.26 22.77 24.15
C SER A 2 7.16 22.21 22.74
N SER A 3 6.54 22.98 21.85
CA SER A 3 6.36 22.56 20.47
C SER A 3 6.30 23.77 19.53
N GLY A 4 7.06 23.71 18.45
CA GLY A 4 7.08 24.81 17.50
C GLY A 4 8.40 24.91 16.75
N SER A 5 8.61 24.02 15.80
CA SER A 5 9.84 24.01 15.01
C SER A 5 9.71 23.08 13.81
N SER A 6 9.96 23.63 12.62
CA SER A 6 9.87 22.86 11.40
C SER A 6 10.90 21.73 11.39
N GLY A 7 10.43 20.51 11.60
CA GLY A 7 11.32 19.36 11.61
C GLY A 7 10.77 18.19 10.82
N PRO A 8 11.43 17.02 10.95
CA PRO A 8 11.00 15.80 10.26
C PRO A 8 9.70 15.25 10.80
N ALA A 9 9.05 14.41 10.00
CA ALA A 9 7.78 13.79 10.40
C ALA A 9 7.90 12.28 10.48
N ARG A 10 7.39 11.71 11.57
CA ARG A 10 7.44 10.27 11.78
C ARG A 10 6.06 9.64 11.63
N PHE A 11 6.02 8.41 11.14
CA PHE A 11 4.77 7.70 10.95
C PHE A 11 4.18 7.25 12.29
N ILE A 12 3.30 8.09 12.85
CA ILE A 12 2.67 7.78 14.13
C ILE A 12 1.86 6.49 14.04
N GLU A 13 1.30 6.24 12.87
CA GLU A 13 0.50 5.03 12.66
C GLU A 13 1.02 4.23 11.47
N ASP A 14 1.14 2.92 11.66
CA ASP A 14 1.64 2.04 10.61
C ASP A 14 0.49 1.41 9.84
N VAL A 15 0.53 1.51 8.52
CA VAL A 15 -0.51 0.95 7.66
C VAL A 15 -0.85 -0.47 8.08
N LYS A 16 -2.02 -0.95 7.64
CA LYS A 16 -2.47 -2.30 7.96
C LYS A 16 -2.17 -3.26 6.82
N ASN A 17 -2.00 -4.53 7.15
CA ASN A 17 -1.71 -5.55 6.14
C ASN A 17 -2.68 -5.43 4.96
N GLN A 18 -2.12 -5.35 3.76
CA GLN A 18 -2.92 -5.23 2.55
C GLN A 18 -3.29 -6.61 2.00
N GLU A 19 -4.55 -6.78 1.64
CA GLU A 19 -5.04 -8.05 1.11
C GLU A 19 -6.28 -7.84 0.24
N ALA A 20 -6.22 -8.33 -0.99
CA ALA A 20 -7.33 -8.20 -1.92
C ALA A 20 -7.29 -9.28 -2.99
N ARG A 21 -8.46 -9.67 -3.49
CA ARG A 21 -8.55 -10.69 -4.51
C ARG A 21 -8.07 -10.16 -5.87
N GLU A 22 -7.56 -11.06 -6.70
CA GLU A 22 -7.08 -10.68 -8.02
C GLU A 22 -8.12 -9.85 -8.78
N GLY A 23 -7.67 -8.79 -9.44
CA GLY A 23 -8.57 -7.95 -10.19
C GLY A 23 -9.20 -6.87 -9.32
N ALA A 24 -8.44 -6.39 -8.34
CA ALA A 24 -8.93 -5.35 -7.44
C ALA A 24 -7.91 -4.23 -7.29
N THR A 25 -8.24 -3.25 -6.46
CA THR A 25 -7.34 -2.12 -6.23
C THR A 25 -7.07 -1.94 -4.74
N ALA A 26 -5.89 -2.36 -4.31
CA ALA A 26 -5.49 -2.25 -2.91
C ALA A 26 -5.52 -0.80 -2.45
N VAL A 27 -5.56 -0.60 -1.13
CA VAL A 27 -5.59 0.75 -0.57
C VAL A 27 -4.77 0.82 0.72
N LEU A 28 -3.60 1.46 0.63
CA LEU A 28 -2.72 1.60 1.78
C LEU A 28 -2.82 2.99 2.38
N GLN A 29 -3.27 3.08 3.63
CA GLN A 29 -3.42 4.35 4.32
C GLN A 29 -2.48 4.42 5.52
N CYS A 30 -1.97 5.63 5.79
CA CYS A 30 -1.06 5.83 6.92
C CYS A 30 -1.27 7.22 7.52
N GLU A 31 -0.57 7.48 8.63
CA GLU A 31 -0.67 8.77 9.31
C GLU A 31 0.71 9.29 9.69
N LEU A 32 0.79 10.59 9.94
CA LEU A 32 2.06 11.22 10.31
C LEU A 32 1.87 12.14 11.51
N ASN A 33 2.93 12.33 12.28
CA ASN A 33 2.89 13.20 13.46
C ASN A 33 2.67 14.66 13.05
N SER A 34 3.06 14.98 11.82
CA SER A 34 2.92 16.34 11.31
C SER A 34 2.79 16.34 9.79
N ALA A 35 2.11 17.36 9.26
CA ALA A 35 1.90 17.48 7.83
C ALA A 35 3.23 17.33 7.08
N ALA A 36 3.37 16.23 6.34
CA ALA A 36 4.59 15.98 5.58
C ALA A 36 4.33 14.97 4.46
N PRO A 37 5.10 15.09 3.37
CA PRO A 37 4.98 14.21 2.21
C PRO A 37 5.45 12.79 2.51
N VAL A 38 5.29 11.90 1.54
CA VAL A 38 5.70 10.51 1.70
C VAL A 38 6.11 9.90 0.36
N GLU A 39 6.57 8.66 0.40
CA GLU A 39 7.00 7.95 -0.81
C GLU A 39 6.78 6.45 -0.67
N TRP A 40 5.76 5.94 -1.34
CA TRP A 40 5.44 4.51 -1.29
C TRP A 40 6.46 3.71 -2.10
N ARG A 41 7.04 2.69 -1.46
CA ARG A 41 8.03 1.84 -2.11
C ARG A 41 7.47 0.44 -2.34
N LYS A 42 8.20 -0.36 -3.11
CA LYS A 42 7.78 -1.73 -3.42
C LYS A 42 8.96 -2.69 -3.28
N GLY A 43 9.10 -3.27 -2.10
CA GLY A 43 10.18 -4.21 -1.86
C GLY A 43 11.54 -3.55 -1.84
N SER A 44 12.10 -3.31 -3.03
CA SER A 44 13.41 -2.67 -3.14
C SER A 44 13.40 -1.60 -4.21
N GLU A 45 12.24 -0.98 -4.41
CA GLU A 45 12.09 0.07 -5.41
C GLU A 45 11.19 1.19 -4.91
N THR A 46 11.08 2.26 -5.69
CA THR A 46 10.26 3.39 -5.31
C THR A 46 9.09 3.57 -6.28
N LEU A 47 7.92 3.92 -5.74
CA LEU A 47 6.74 4.12 -6.57
C LEU A 47 6.41 5.60 -6.71
N ARG A 48 5.54 5.92 -7.66
CA ARG A 48 5.15 7.31 -7.90
C ARG A 48 3.73 7.37 -8.46
N ASP A 49 2.99 8.39 -8.06
CA ASP A 49 1.62 8.57 -8.52
C ASP A 49 1.57 8.57 -10.05
N GLY A 50 0.79 7.62 -10.60
CA GLY A 50 0.67 7.52 -12.04
C GLY A 50 -0.68 6.97 -12.47
N ASP A 51 -0.66 5.94 -13.30
CA ASP A 51 -1.89 5.33 -13.79
C ASP A 51 -2.36 4.23 -12.84
N ARG A 52 -1.49 3.26 -12.61
CA ARG A 52 -1.81 2.15 -11.72
C ARG A 52 -1.77 2.59 -10.26
N TYR A 53 -0.77 3.38 -9.91
CA TYR A 53 -0.62 3.87 -8.54
C TYR A 53 -1.35 5.19 -8.35
N SER A 54 -2.03 5.33 -7.22
CA SER A 54 -2.77 6.55 -6.92
C SER A 54 -2.48 7.03 -5.50
N LEU A 55 -1.56 7.98 -5.38
CA LEU A 55 -1.19 8.52 -4.08
C LEU A 55 -2.00 9.78 -3.76
N ARG A 56 -2.77 9.73 -2.68
CA ARG A 56 -3.59 10.85 -2.26
C ARG A 56 -3.36 11.18 -0.79
N GLN A 57 -2.71 12.32 -0.54
CA GLN A 57 -2.43 12.75 0.83
C GLN A 57 -3.32 13.91 1.22
N ASP A 58 -3.70 13.96 2.50
CA ASP A 58 -4.55 15.02 3.01
C ASP A 58 -4.00 15.58 4.32
N GLY A 59 -2.89 16.31 4.24
CA GLY A 59 -2.29 16.88 5.43
C GLY A 59 -1.30 15.94 6.09
N THR A 60 -1.81 15.12 7.01
CA THR A 60 -0.96 14.16 7.72
C THR A 60 -1.27 12.73 7.29
N LYS A 61 -2.47 12.51 6.78
CA LYS A 61 -2.89 11.19 6.32
C LYS A 61 -2.48 10.97 4.87
N CYS A 62 -2.25 9.70 4.52
CA CYS A 62 -1.86 9.35 3.16
C CYS A 62 -2.74 8.24 2.61
N GLU A 63 -2.54 7.90 1.33
CA GLU A 63 -3.32 6.85 0.69
C GLU A 63 -2.70 6.45 -0.64
N LEU A 64 -2.39 5.15 -0.77
CA LEU A 64 -1.78 4.63 -1.99
C LEU A 64 -2.57 3.43 -2.52
N GLN A 65 -3.11 3.58 -3.72
CA GLN A 65 -3.89 2.51 -4.34
C GLN A 65 -3.10 1.86 -5.47
N ILE A 66 -3.35 0.57 -5.69
CA ILE A 66 -2.67 -0.17 -6.74
C ILE A 66 -3.66 -0.82 -7.69
N ARG A 67 -3.95 -0.14 -8.79
CA ARG A 67 -4.89 -0.65 -9.78
C ARG A 67 -4.26 -1.75 -10.62
N GLY A 68 -4.92 -2.90 -10.67
CA GLY A 68 -4.41 -4.03 -11.44
C GLY A 68 -3.69 -5.03 -10.56
N LEU A 69 -4.35 -5.50 -9.52
CA LEU A 69 -3.76 -6.47 -8.60
C LEU A 69 -3.60 -7.82 -9.28
N ALA A 70 -2.52 -8.53 -8.94
CA ALA A 70 -2.25 -9.83 -9.52
C ALA A 70 -1.23 -10.60 -8.68
N MET A 71 -1.04 -11.87 -9.01
CA MET A 71 -0.09 -12.71 -8.29
C MET A 71 1.29 -12.06 -8.24
N ALA A 72 1.68 -11.43 -9.34
CA ALA A 72 2.97 -10.77 -9.43
C ALA A 72 3.05 -9.58 -8.48
N ASP A 73 1.97 -8.80 -8.44
CA ASP A 73 1.91 -7.62 -7.58
C ASP A 73 2.22 -8.00 -6.13
N THR A 74 1.77 -9.18 -5.73
CA THR A 74 1.99 -9.66 -4.37
C THR A 74 3.43 -9.40 -3.92
N GLY A 75 3.60 -8.41 -3.05
CA GLY A 75 4.92 -8.07 -2.56
C GLY A 75 4.88 -7.30 -1.25
N GLU A 76 5.81 -6.38 -1.08
CA GLU A 76 5.88 -5.57 0.13
C GLU A 76 6.02 -4.08 -0.20
N TYR A 77 5.23 -3.26 0.46
CA TYR A 77 5.25 -1.82 0.22
C TYR A 77 5.66 -1.07 1.50
N SER A 78 6.43 -0.01 1.33
CA SER A 78 6.88 0.79 2.47
C SER A 78 6.72 2.28 2.19
N CYS A 79 5.91 2.95 3.02
CA CYS A 79 5.67 4.38 2.85
C CYS A 79 6.73 5.20 3.59
N VAL A 80 7.72 5.67 2.84
CA VAL A 80 8.79 6.47 3.42
C VAL A 80 8.42 7.94 3.46
N CYS A 81 8.67 8.58 4.60
CA CYS A 81 8.36 9.99 4.77
C CYS A 81 9.64 10.83 4.87
N GLY A 82 10.65 10.28 5.53
CA GLY A 82 11.91 10.97 5.67
C GLY A 82 12.94 10.16 6.43
N GLN A 83 12.79 10.11 7.75
CA GLN A 83 13.72 9.37 8.60
C GLN A 83 13.17 7.98 8.91
N GLU A 84 11.86 7.88 9.00
CA GLU A 84 11.20 6.60 9.30
C GLU A 84 10.25 6.21 8.18
N ARG A 85 9.79 4.96 8.21
CA ARG A 85 8.87 4.46 7.21
C ARG A 85 8.12 3.23 7.71
N THR A 86 6.98 2.94 7.10
CA THR A 86 6.18 1.78 7.49
C THR A 86 6.25 0.68 6.44
N SER A 87 5.60 -0.44 6.72
CA SER A 87 5.59 -1.57 5.80
C SER A 87 4.36 -2.45 6.03
N ALA A 88 3.88 -3.07 4.96
CA ALA A 88 2.71 -3.94 5.04
C ALA A 88 2.68 -4.93 3.87
N MET A 89 2.80 -6.21 4.19
CA MET A 89 2.77 -7.25 3.17
C MET A 89 1.43 -7.27 2.43
N LEU A 90 1.48 -7.10 1.12
CA LEU A 90 0.27 -7.09 0.31
C LEU A 90 0.05 -8.45 -0.35
N THR A 91 -0.99 -9.16 0.10
CA THR A 91 -1.31 -10.47 -0.44
C THR A 91 -2.45 -10.38 -1.43
N VAL A 92 -2.24 -10.97 -2.61
CA VAL A 92 -3.26 -10.96 -3.66
C VAL A 92 -3.88 -12.34 -3.83
N ARG A 93 -5.03 -12.55 -3.19
CA ARG A 93 -5.72 -13.83 -3.26
C ARG A 93 -6.26 -14.06 -4.67
N ALA A 94 -5.71 -15.06 -5.35
CA ALA A 94 -6.14 -15.40 -6.71
C ALA A 94 -7.62 -15.73 -6.75
N LEU A 95 -8.34 -15.14 -7.71
CA LEU A 95 -9.76 -15.38 -7.85
C LEU A 95 -10.09 -16.86 -7.70
N PRO A 96 -11.28 -17.16 -7.16
CA PRO A 96 -11.74 -18.53 -6.95
C PRO A 96 -12.05 -19.25 -8.27
N ILE A 97 -11.13 -20.12 -8.68
CA ILE A 97 -11.30 -20.87 -9.92
C ILE A 97 -12.50 -21.81 -9.84
N LYS A 98 -13.27 -21.89 -10.92
CA LYS A 98 -14.45 -22.73 -10.97
C LYS A 98 -14.06 -24.18 -11.25
N PHE A 99 -13.00 -24.64 -10.60
CA PHE A 99 -12.52 -26.01 -10.78
C PHE A 99 -12.16 -26.64 -9.44
N THR A 100 -13.02 -27.55 -8.97
CA THR A 100 -12.79 -28.21 -7.70
C THR A 100 -12.74 -29.73 -7.88
N GLU A 101 -11.75 -30.37 -7.25
CA GLU A 101 -11.60 -31.81 -7.34
C GLU A 101 -11.90 -32.48 -6.01
N SER A 102 -11.18 -32.07 -4.97
CA SER A 102 -11.37 -32.63 -3.63
C SER A 102 -11.90 -31.58 -2.68
N GLY A 103 -12.53 -32.03 -1.60
CA GLY A 103 -13.08 -31.12 -0.62
C GLY A 103 -12.04 -30.65 0.39
N PRO A 104 -11.66 -31.53 1.31
CA PRO A 104 -10.67 -31.22 2.35
C PRO A 104 -9.26 -31.08 1.77
N SER A 105 -8.57 -30.02 2.17
CA SER A 105 -7.21 -29.77 1.70
C SER A 105 -6.27 -30.91 2.12
N SER A 106 -6.38 -31.31 3.38
CA SER A 106 -5.54 -32.38 3.91
C SER A 106 -5.96 -33.74 3.35
N GLY A 107 -5.05 -34.38 2.64
CA GLY A 107 -5.34 -35.69 2.06
C GLY A 107 -4.87 -36.82 2.93
N GLY A 1 6.91 34.23 1.91
CA GLY A 1 7.48 33.79 3.17
C GLY A 1 7.38 32.28 3.35
N SER A 2 7.61 31.83 4.58
CA SER A 2 7.56 30.40 4.88
C SER A 2 7.39 30.17 6.38
N SER A 3 7.27 28.90 6.76
CA SER A 3 7.11 28.54 8.16
C SER A 3 7.54 27.11 8.42
N GLY A 4 7.64 26.74 9.69
CA GLY A 4 8.05 25.39 10.04
C GLY A 4 9.53 25.31 10.38
N SER A 5 9.84 24.74 11.55
CA SER A 5 11.23 24.61 11.98
C SER A 5 11.80 23.26 11.55
N SER A 6 13.11 23.11 11.68
CA SER A 6 13.78 21.88 11.30
C SER A 6 13.27 20.71 12.13
N GLY A 7 12.93 19.61 11.45
CA GLY A 7 12.43 18.44 12.15
C GLY A 7 11.70 17.49 11.23
N PRO A 8 12.18 16.24 11.15
CA PRO A 8 11.58 15.21 10.30
C PRO A 8 10.22 14.76 10.81
N ALA A 9 9.49 14.02 9.97
CA ALA A 9 8.17 13.52 10.34
C ALA A 9 8.24 12.04 10.73
N ARG A 10 7.48 11.67 11.74
CA ARG A 10 7.44 10.29 12.20
C ARG A 10 6.04 9.69 12.05
N PHE A 11 5.98 8.48 11.51
CA PHE A 11 4.70 7.81 11.31
C PHE A 11 4.06 7.45 12.65
N ILE A 12 3.04 8.22 13.03
CA ILE A 12 2.34 7.98 14.29
C ILE A 12 1.51 6.70 14.22
N GLU A 13 1.00 6.40 13.03
CA GLU A 13 0.18 5.22 12.83
C GLU A 13 0.70 4.39 11.66
N ASP A 14 0.85 3.09 11.88
CA ASP A 14 1.34 2.18 10.85
C ASP A 14 0.18 1.59 10.05
N VAL A 15 0.32 1.55 8.73
CA VAL A 15 -0.71 1.01 7.86
C VAL A 15 -1.06 -0.42 8.25
N LYS A 16 -2.20 -0.90 7.76
CA LYS A 16 -2.65 -2.25 8.05
C LYS A 16 -2.41 -3.17 6.87
N ASN A 17 -2.12 -4.44 7.15
CA ASN A 17 -1.87 -5.43 6.11
C ASN A 17 -2.82 -5.23 4.93
N GLN A 18 -2.37 -5.63 3.75
CA GLN A 18 -3.19 -5.49 2.54
C GLN A 18 -3.56 -6.87 1.98
N GLU A 19 -4.85 -7.04 1.68
CA GLU A 19 -5.34 -8.31 1.14
C GLU A 19 -6.51 -8.07 0.20
N ALA A 20 -6.42 -8.64 -1.00
CA ALA A 20 -7.48 -8.50 -2.00
C ALA A 20 -7.30 -9.51 -3.12
N ARG A 21 -8.42 -9.91 -3.72
CA ARG A 21 -8.40 -10.88 -4.82
C ARG A 21 -7.88 -10.25 -6.10
N GLU A 22 -7.21 -11.05 -6.91
CA GLU A 22 -6.66 -10.56 -8.17
C GLU A 22 -7.67 -9.68 -8.91
N GLY A 23 -7.16 -8.67 -9.61
CA GLY A 23 -8.03 -7.77 -10.34
C GLY A 23 -8.72 -6.77 -9.45
N ALA A 24 -8.06 -6.39 -8.35
CA ALA A 24 -8.62 -5.44 -7.41
C ALA A 24 -7.70 -4.23 -7.25
N THR A 25 -8.11 -3.29 -6.40
CA THR A 25 -7.33 -2.08 -6.16
C THR A 25 -6.97 -1.95 -4.69
N ALA A 26 -5.73 -2.28 -4.34
CA ALA A 26 -5.26 -2.20 -2.97
C ALA A 26 -5.42 -0.78 -2.42
N VAL A 27 -5.25 -0.64 -1.11
CA VAL A 27 -5.37 0.67 -0.46
C VAL A 27 -4.54 0.72 0.81
N LEU A 28 -3.46 1.49 0.77
CA LEU A 28 -2.57 1.63 1.93
C LEU A 28 -2.65 3.05 2.49
N GLN A 29 -3.28 3.18 3.66
CA GLN A 29 -3.42 4.48 4.31
C GLN A 29 -2.54 4.57 5.55
N CYS A 30 -2.01 5.75 5.80
CA CYS A 30 -1.14 5.97 6.97
C CYS A 30 -1.32 7.38 7.51
N GLU A 31 -0.68 7.64 8.65
CA GLU A 31 -0.76 8.96 9.28
C GLU A 31 0.62 9.44 9.72
N LEU A 32 0.81 10.75 9.73
CA LEU A 32 2.08 11.34 10.13
C LEU A 32 1.90 12.26 11.33
N ASN A 33 2.95 12.37 12.15
CA ASN A 33 2.90 13.22 13.33
C ASN A 33 2.84 14.69 12.94
N SER A 34 3.26 14.99 11.72
CA SER A 34 3.26 16.36 11.22
C SER A 34 3.12 16.39 9.70
N ALA A 35 2.44 17.40 9.19
CA ALA A 35 2.23 17.54 7.75
C ALA A 35 3.55 17.40 6.99
N ALA A 36 3.65 16.36 6.18
CA ALA A 36 4.86 16.11 5.40
C ALA A 36 4.60 15.07 4.32
N PRO A 37 5.36 15.17 3.22
CA PRO A 37 5.24 14.24 2.09
C PRO A 37 5.75 12.84 2.43
N VAL A 38 5.49 11.88 1.54
CA VAL A 38 5.92 10.50 1.74
C VAL A 38 6.22 9.83 0.41
N GLU A 39 6.66 8.57 0.49
CA GLU A 39 6.99 7.81 -0.72
C GLU A 39 6.64 6.34 -0.53
N TRP A 40 5.85 5.81 -1.45
CA TRP A 40 5.43 4.41 -1.39
C TRP A 40 6.39 3.53 -2.19
N ARG A 41 7.11 2.66 -1.47
CA ARG A 41 8.07 1.77 -2.11
C ARG A 41 7.48 0.37 -2.26
N LYS A 42 8.27 -0.54 -2.80
CA LYS A 42 7.84 -1.93 -3.01
C LYS A 42 8.99 -2.81 -3.45
N GLY A 43 9.38 -3.75 -2.60
CA GLY A 43 10.47 -4.64 -2.93
C GLY A 43 11.73 -3.91 -3.35
N SER A 44 12.04 -2.82 -2.63
CA SER A 44 13.22 -2.02 -2.93
C SER A 44 13.02 -1.23 -4.23
N GLU A 45 11.88 -0.55 -4.34
CA GLU A 45 11.58 0.24 -5.51
C GLU A 45 10.64 1.40 -5.17
N THR A 46 11.02 2.60 -5.59
CA THR A 46 10.22 3.78 -5.32
C THR A 46 9.05 3.89 -6.29
N LEU A 47 7.85 3.99 -5.75
CA LEU A 47 6.65 4.10 -6.57
C LEU A 47 6.18 5.55 -6.67
N ARG A 48 5.37 5.84 -7.69
CA ARG A 48 4.87 7.19 -7.90
C ARG A 48 3.39 7.15 -8.31
N ASP A 49 2.76 8.32 -8.31
CA ASP A 49 1.35 8.43 -8.67
C ASP A 49 1.18 8.48 -10.19
N GLY A 50 0.33 7.62 -10.72
CA GLY A 50 0.10 7.59 -12.15
C GLY A 50 -1.25 6.98 -12.50
N ASP A 51 -1.24 6.02 -13.42
CA ASP A 51 -2.47 5.35 -13.85
C ASP A 51 -2.82 4.21 -12.91
N ARG A 52 -1.88 3.28 -12.75
CA ARG A 52 -2.10 2.13 -11.87
C ARG A 52 -1.96 2.53 -10.40
N TYR A 53 -0.95 3.34 -10.11
CA TYR A 53 -0.70 3.79 -8.74
C TYR A 53 -1.39 5.13 -8.48
N SER A 54 -1.93 5.28 -7.27
CA SER A 54 -2.62 6.51 -6.90
C SER A 54 -2.23 6.94 -5.49
N LEU A 55 -1.34 7.93 -5.41
CA LEU A 55 -0.88 8.43 -4.12
C LEU A 55 -1.65 9.70 -3.73
N ARG A 56 -2.36 9.62 -2.59
CA ARG A 56 -3.13 10.76 -2.11
C ARG A 56 -2.61 11.23 -0.75
N GLN A 57 -3.21 12.29 -0.22
CA GLN A 57 -2.81 12.84 1.06
C GLN A 57 -3.79 13.91 1.52
N ASP A 58 -4.18 13.85 2.79
CA ASP A 58 -5.11 14.82 3.36
C ASP A 58 -4.52 15.47 4.60
N GLY A 59 -3.48 16.28 4.41
CA GLY A 59 -2.84 16.95 5.53
C GLY A 59 -1.70 16.16 6.11
N THR A 60 -2.02 15.23 7.02
CA THR A 60 -1.01 14.40 7.65
C THR A 60 -1.16 12.94 7.24
N LYS A 61 -2.36 12.57 6.80
CA LYS A 61 -2.63 11.21 6.37
C LYS A 61 -2.26 11.02 4.89
N CYS A 62 -1.85 9.81 4.55
CA CYS A 62 -1.47 9.50 3.17
C CYS A 62 -2.20 8.26 2.67
N GLU A 63 -2.16 8.03 1.36
CA GLU A 63 -2.82 6.88 0.76
C GLU A 63 -2.12 6.48 -0.54
N LEU A 64 -2.22 5.20 -0.88
CA LEU A 64 -1.60 4.68 -2.09
C LEU A 64 -2.38 3.47 -2.62
N GLN A 65 -3.02 3.65 -3.77
CA GLN A 65 -3.79 2.58 -4.38
C GLN A 65 -2.97 1.87 -5.45
N ILE A 66 -3.24 0.58 -5.65
CA ILE A 66 -2.54 -0.22 -6.64
C ILE A 66 -3.51 -0.94 -7.56
N ARG A 67 -3.82 -0.31 -8.69
CA ARG A 67 -4.75 -0.89 -9.66
C ARG A 67 -4.06 -2.01 -10.46
N GLY A 68 -4.77 -3.12 -10.61
CA GLY A 68 -4.22 -4.25 -11.36
C GLY A 68 -3.52 -5.24 -10.46
N LEU A 69 -4.12 -5.55 -9.32
CA LEU A 69 -3.55 -6.49 -8.36
C LEU A 69 -3.41 -7.87 -8.99
N ALA A 70 -2.17 -8.30 -9.22
CA ALA A 70 -1.90 -9.60 -9.81
C ALA A 70 -0.89 -10.38 -8.98
N MET A 71 -0.83 -11.69 -9.19
CA MET A 71 0.10 -12.54 -8.47
C MET A 71 1.47 -11.89 -8.37
N ALA A 72 1.86 -11.16 -9.40
CA ALA A 72 3.14 -10.48 -9.42
C ALA A 72 3.18 -9.32 -8.42
N ASP A 73 2.10 -8.55 -8.38
CA ASP A 73 2.00 -7.42 -7.47
C ASP A 73 2.24 -7.85 -6.03
N THR A 74 1.82 -9.08 -5.72
CA THR A 74 1.98 -9.61 -4.37
C THR A 74 3.39 -9.37 -3.85
N GLY A 75 3.52 -8.42 -2.93
CA GLY A 75 4.82 -8.11 -2.37
C GLY A 75 4.73 -7.31 -1.08
N GLU A 76 5.76 -6.52 -0.79
CA GLU A 76 5.78 -5.71 0.42
C GLU A 76 6.00 -4.24 0.08
N TYR A 77 5.13 -3.38 0.62
CA TYR A 77 5.23 -1.95 0.37
C TYR A 77 5.61 -1.20 1.65
N SER A 78 6.43 -0.17 1.49
CA SER A 78 6.88 0.63 2.63
C SER A 78 6.74 2.12 2.33
N CYS A 79 5.97 2.81 3.16
CA CYS A 79 5.75 4.24 3.00
C CYS A 79 6.78 5.05 3.78
N VAL A 80 7.73 5.65 3.07
CA VAL A 80 8.77 6.45 3.70
C VAL A 80 8.38 7.92 3.75
N CYS A 81 8.77 8.59 4.83
CA CYS A 81 8.46 10.01 5.00
C CYS A 81 9.70 10.79 5.42
N GLY A 82 10.84 10.44 4.83
CA GLY A 82 12.09 11.11 5.14
C GLY A 82 13.13 10.17 5.72
N GLN A 83 12.97 9.82 6.98
CA GLN A 83 13.92 8.91 7.65
C GLN A 83 13.23 7.61 8.04
N GLU A 84 12.05 7.71 8.62
CA GLU A 84 11.29 6.53 9.04
C GLU A 84 10.28 6.13 7.98
N ARG A 85 9.73 4.93 8.11
CA ARG A 85 8.75 4.42 7.16
C ARG A 85 8.00 3.23 7.74
N THR A 86 6.90 2.86 7.10
CA THR A 86 6.09 1.73 7.55
C THR A 86 6.13 0.59 6.55
N SER A 87 5.34 -0.46 6.81
CA SER A 87 5.30 -1.62 5.93
C SER A 87 4.03 -2.43 6.16
N ALA A 88 3.51 -3.02 5.10
CA ALA A 88 2.29 -3.84 5.19
C ALA A 88 2.23 -4.85 4.06
N MET A 89 2.48 -6.12 4.39
CA MET A 89 2.45 -7.19 3.41
C MET A 89 1.15 -7.16 2.61
N LEU A 90 1.26 -7.29 1.29
CA LEU A 90 0.09 -7.28 0.42
C LEU A 90 -0.09 -8.63 -0.27
N THR A 91 -1.20 -9.29 0.01
CA THR A 91 -1.49 -10.59 -0.58
C THR A 91 -2.56 -10.47 -1.66
N VAL A 92 -2.28 -11.04 -2.84
CA VAL A 92 -3.23 -11.00 -3.94
C VAL A 92 -3.87 -12.37 -4.17
N ARG A 93 -5.00 -12.60 -3.51
CA ARG A 93 -5.71 -13.87 -3.64
C ARG A 93 -6.12 -14.12 -5.09
N ALA A 94 -5.45 -15.05 -5.75
CA ALA A 94 -5.74 -15.38 -7.13
C ALA A 94 -7.21 -15.75 -7.31
N LEU A 95 -7.87 -15.11 -8.27
CA LEU A 95 -9.28 -15.38 -8.53
C LEU A 95 -9.57 -16.87 -8.50
N PRO A 96 -10.78 -17.24 -8.05
CA PRO A 96 -11.20 -18.64 -7.96
C PRO A 96 -11.42 -19.27 -9.33
N ILE A 97 -10.48 -20.10 -9.75
CA ILE A 97 -10.57 -20.77 -11.05
C ILE A 97 -11.83 -21.64 -11.12
N LYS A 98 -12.41 -21.72 -12.32
CA LYS A 98 -13.61 -22.53 -12.53
C LYS A 98 -13.31 -23.72 -13.43
N PHE A 99 -13.47 -24.92 -12.88
CA PHE A 99 -13.22 -26.14 -13.64
C PHE A 99 -13.62 -27.37 -12.83
N THR A 100 -14.54 -28.16 -13.39
CA THR A 100 -15.02 -29.37 -12.72
C THR A 100 -14.07 -30.54 -12.97
N GLU A 101 -13.54 -31.10 -11.89
CA GLU A 101 -12.62 -32.23 -11.98
C GLU A 101 -13.07 -33.20 -13.07
N SER A 102 -14.26 -33.76 -12.89
CA SER A 102 -14.82 -34.71 -13.85
C SER A 102 -13.89 -35.93 -13.99
N GLY A 103 -13.27 -36.33 -12.89
CA GLY A 103 -12.38 -37.47 -12.92
C GLY A 103 -13.08 -38.76 -12.62
N PRO A 104 -13.50 -38.95 -11.36
CA PRO A 104 -14.20 -40.16 -10.91
C PRO A 104 -15.61 -40.25 -11.48
N SER A 105 -15.97 -39.29 -12.33
CA SER A 105 -17.30 -39.26 -12.94
C SER A 105 -17.19 -39.45 -14.45
N SER A 106 -18.26 -39.96 -15.05
CA SER A 106 -18.29 -40.20 -16.48
C SER A 106 -19.74 -40.16 -17.00
N GLY A 107 -19.87 -40.14 -18.33
CA GLY A 107 -21.19 -40.10 -18.93
C GLY A 107 -21.46 -38.79 -19.64
N GLY A 1 23.20 29.46 2.22
CA GLY A 1 21.93 29.03 1.69
C GLY A 1 21.29 27.94 2.53
N SER A 2 20.74 28.34 3.68
CA SER A 2 20.09 27.39 4.58
C SER A 2 18.77 27.94 5.08
N SER A 3 17.70 27.19 4.86
CA SER A 3 16.36 27.60 5.28
C SER A 3 15.36 26.45 5.16
N GLY A 4 14.42 26.40 6.08
CA GLY A 4 13.41 25.34 6.05
C GLY A 4 12.88 25.02 7.43
N SER A 5 11.60 25.34 7.66
CA SER A 5 10.97 25.08 8.95
C SER A 5 10.46 23.64 9.03
N SER A 6 9.72 23.23 8.00
CA SER A 6 9.16 21.89 7.95
C SER A 6 10.26 20.84 8.06
N GLY A 7 10.46 20.33 9.27
CA GLY A 7 11.49 19.32 9.49
C GLY A 7 11.01 17.91 9.18
N PRO A 8 11.67 16.91 9.76
CA PRO A 8 11.32 15.50 9.56
C PRO A 8 10.00 15.14 10.22
N ALA A 9 9.39 14.05 9.76
CA ALA A 9 8.12 13.59 10.31
C ALA A 9 8.18 12.11 10.66
N ARG A 10 7.53 11.73 11.75
CA ARG A 10 7.51 10.34 12.19
C ARG A 10 6.13 9.74 12.00
N PHE A 11 6.09 8.49 11.53
CA PHE A 11 4.83 7.79 11.30
C PHE A 11 4.20 7.35 12.62
N ILE A 12 3.21 8.12 13.08
CA ILE A 12 2.54 7.82 14.33
C ILE A 12 1.64 6.59 14.18
N GLU A 13 1.16 6.35 12.97
CA GLU A 13 0.29 5.22 12.69
C GLU A 13 0.85 4.38 11.54
N ASP A 14 0.97 3.07 11.76
CA ASP A 14 1.48 2.17 10.74
C ASP A 14 0.34 1.56 9.94
N VAL A 15 0.52 1.46 8.63
CA VAL A 15 -0.49 0.89 7.74
C VAL A 15 -0.81 -0.54 8.14
N LYS A 16 -1.98 -1.03 7.72
CA LYS A 16 -2.39 -2.39 8.02
C LYS A 16 -2.01 -3.33 6.89
N ASN A 17 -2.10 -4.63 7.16
CA ASN A 17 -1.76 -5.65 6.16
C ASN A 17 -2.70 -5.59 4.97
N GLN A 18 -2.15 -5.48 3.78
CA GLN A 18 -2.94 -5.42 2.56
C GLN A 18 -3.34 -6.81 2.09
N GLU A 19 -4.62 -6.99 1.76
CA GLU A 19 -5.13 -8.27 1.30
C GLU A 19 -6.33 -8.09 0.39
N ALA A 20 -6.15 -8.32 -0.90
CA ALA A 20 -7.23 -8.18 -1.87
C ALA A 20 -7.14 -9.25 -2.95
N ARG A 21 -8.22 -9.43 -3.69
CA ARG A 21 -8.27 -10.42 -4.75
C ARG A 21 -7.64 -9.88 -6.03
N GLU A 22 -7.17 -10.80 -6.89
CA GLU A 22 -6.54 -10.41 -8.15
C GLU A 22 -7.48 -9.54 -8.98
N GLY A 23 -6.92 -8.51 -9.61
CA GLY A 23 -7.72 -7.62 -10.43
C GLY A 23 -8.36 -6.51 -9.62
N ALA A 24 -8.12 -6.51 -8.32
CA ALA A 24 -8.67 -5.49 -7.43
C ALA A 24 -7.70 -4.35 -7.23
N THR A 25 -8.11 -3.35 -6.45
CA THR A 25 -7.26 -2.19 -6.18
C THR A 25 -6.93 -2.09 -4.70
N ALA A 26 -5.66 -2.31 -4.37
CA ALA A 26 -5.22 -2.24 -2.98
C ALA A 26 -5.30 -0.82 -2.45
N VAL A 27 -5.33 -0.68 -1.13
CA VAL A 27 -5.42 0.63 -0.49
C VAL A 27 -4.58 0.67 0.78
N LEU A 28 -3.51 1.45 0.76
CA LEU A 28 -2.64 1.59 1.91
C LEU A 28 -2.75 2.98 2.53
N GLN A 29 -3.27 3.04 3.76
CA GLN A 29 -3.44 4.31 4.45
C GLN A 29 -2.49 4.40 5.64
N CYS A 30 -2.09 5.63 5.98
CA CYS A 30 -1.19 5.85 7.10
C CYS A 30 -1.37 7.25 7.68
N GLU A 31 -0.60 7.56 8.72
CA GLU A 31 -0.69 8.86 9.37
C GLU A 31 0.69 9.35 9.80
N LEU A 32 0.88 10.67 9.81
CA LEU A 32 2.15 11.26 10.21
C LEU A 32 1.97 12.21 11.38
N ASN A 33 3.02 12.35 12.18
CA ASN A 33 2.98 13.23 13.34
C ASN A 33 2.97 14.70 12.92
N SER A 34 3.22 14.94 11.64
CA SER A 34 3.24 16.29 11.10
C SER A 34 3.13 16.28 9.58
N ALA A 35 2.38 17.23 9.04
CA ALA A 35 2.19 17.34 7.60
C ALA A 35 3.51 17.14 6.85
N ALA A 36 3.57 16.11 6.02
CA ALA A 36 4.77 15.81 5.25
C ALA A 36 4.47 14.81 4.13
N PRO A 37 5.26 14.89 3.05
CA PRO A 37 5.10 14.01 1.89
C PRO A 37 5.51 12.57 2.20
N VAL A 38 5.35 11.68 1.22
CA VAL A 38 5.70 10.28 1.39
C VAL A 38 6.11 9.65 0.07
N GLU A 39 6.75 8.49 0.14
CA GLU A 39 7.20 7.79 -1.07
C GLU A 39 6.86 6.31 -0.98
N TRP A 40 5.71 5.93 -1.53
CA TRP A 40 5.27 4.54 -1.51
C TRP A 40 6.22 3.66 -2.31
N ARG A 41 6.85 2.70 -1.65
CA ARG A 41 7.79 1.80 -2.30
C ARG A 41 7.17 0.41 -2.48
N LYS A 42 7.97 -0.53 -2.97
CA LYS A 42 7.51 -1.90 -3.19
C LYS A 42 8.68 -2.83 -3.49
N GLY A 43 8.70 -3.98 -2.82
CA GLY A 43 9.77 -4.93 -3.04
C GLY A 43 11.09 -4.26 -3.36
N SER A 44 11.48 -3.29 -2.54
CA SER A 44 12.73 -2.58 -2.73
C SER A 44 12.67 -1.74 -4.01
N GLU A 45 11.63 -0.94 -4.14
CA GLU A 45 11.46 -0.09 -5.32
C GLU A 45 10.57 1.11 -5.01
N THR A 46 10.91 2.26 -5.58
CA THR A 46 10.14 3.48 -5.36
C THR A 46 9.02 3.61 -6.38
N LEU A 47 7.81 3.89 -5.89
CA LEU A 47 6.65 4.05 -6.77
C LEU A 47 6.33 5.52 -7.00
N ARG A 48 5.48 5.80 -7.98
CA ARG A 48 5.09 7.17 -8.30
C ARG A 48 3.62 7.24 -8.67
N ASP A 49 3.01 8.40 -8.45
CA ASP A 49 1.61 8.61 -8.76
C ASP A 49 1.39 8.69 -10.27
N GLY A 50 0.62 7.75 -10.80
CA GLY A 50 0.34 7.74 -12.23
C GLY A 50 -1.05 7.24 -12.55
N ASP A 51 -1.17 6.44 -13.60
CA ASP A 51 -2.46 5.90 -14.02
C ASP A 51 -2.89 4.75 -13.10
N ARG A 52 -2.01 3.76 -12.96
CA ARG A 52 -2.30 2.61 -12.12
C ARG A 52 -2.17 2.96 -10.64
N TYR A 53 -1.13 3.72 -10.31
CA TYR A 53 -0.90 4.14 -8.93
C TYR A 53 -1.59 5.46 -8.64
N SER A 54 -2.16 5.57 -7.44
CA SER A 54 -2.86 6.79 -7.03
C SER A 54 -2.46 7.18 -5.61
N LEU A 55 -1.75 8.30 -5.50
CA LEU A 55 -1.31 8.79 -4.19
C LEU A 55 -2.16 9.97 -3.75
N ARG A 56 -2.93 9.77 -2.68
CA ARG A 56 -3.79 10.82 -2.14
C ARG A 56 -3.42 11.15 -0.69
N GLN A 57 -3.05 12.40 -0.45
CA GLN A 57 -2.68 12.83 0.89
C GLN A 57 -3.62 13.92 1.40
N ASP A 58 -3.88 13.91 2.70
CA ASP A 58 -4.76 14.90 3.30
C ASP A 58 -4.13 15.50 4.56
N GLY A 59 -3.06 16.26 4.37
CA GLY A 59 -2.38 16.87 5.48
C GLY A 59 -1.33 15.97 6.11
N THR A 60 -1.77 15.06 6.97
CA THR A 60 -0.87 14.14 7.64
C THR A 60 -1.18 12.70 7.24
N LYS A 61 -2.37 12.48 6.70
CA LYS A 61 -2.79 11.14 6.28
C LYS A 61 -2.37 10.87 4.84
N CYS A 62 -2.05 9.62 4.55
CA CYS A 62 -1.65 9.23 3.19
C CYS A 62 -2.50 8.08 2.69
N GLU A 63 -2.48 7.88 1.36
CA GLU A 63 -3.26 6.80 0.75
C GLU A 63 -2.69 6.45 -0.62
N LEU A 64 -2.37 5.16 -0.80
CA LEU A 64 -1.81 4.69 -2.06
C LEU A 64 -2.66 3.55 -2.62
N GLN A 65 -3.21 3.77 -3.81
CA GLN A 65 -4.03 2.76 -4.46
C GLN A 65 -3.30 2.13 -5.65
N ILE A 66 -3.35 0.81 -5.74
CA ILE A 66 -2.69 0.08 -6.82
C ILE A 66 -3.71 -0.58 -7.74
N ARG A 67 -3.99 0.07 -8.87
CA ARG A 67 -4.95 -0.46 -9.83
C ARG A 67 -4.32 -1.57 -10.67
N GLY A 68 -4.96 -2.74 -10.66
CA GLY A 68 -4.44 -3.86 -11.41
C GLY A 68 -3.64 -4.82 -10.56
N LEU A 69 -4.23 -5.27 -9.47
CA LEU A 69 -3.55 -6.20 -8.56
C LEU A 69 -3.34 -7.56 -9.23
N ALA A 70 -2.16 -8.13 -9.01
CA ALA A 70 -1.83 -9.44 -9.59
C ALA A 70 -0.90 -10.22 -8.67
N MET A 71 -0.66 -11.49 -9.01
CA MET A 71 0.22 -12.34 -8.22
C MET A 71 1.61 -11.71 -8.08
N ALA A 72 2.11 -11.16 -9.19
CA ALA A 72 3.43 -10.52 -9.18
C ALA A 72 3.48 -9.39 -8.17
N ASP A 73 2.38 -8.66 -8.04
CA ASP A 73 2.31 -7.54 -7.10
C ASP A 73 2.51 -8.01 -5.67
N THR A 74 2.11 -9.26 -5.41
CA THR A 74 2.23 -9.84 -4.08
C THR A 74 3.67 -9.73 -3.56
N GLY A 75 3.86 -8.89 -2.54
CA GLY A 75 5.18 -8.71 -1.97
C GLY A 75 5.16 -7.91 -0.68
N GLU A 76 5.94 -6.84 -0.64
CA GLU A 76 6.00 -6.00 0.56
C GLU A 76 6.19 -4.53 0.17
N TYR A 77 5.28 -3.68 0.63
CA TYR A 77 5.34 -2.25 0.33
C TYR A 77 5.76 -1.46 1.57
N SER A 78 6.44 -0.34 1.35
CA SER A 78 6.89 0.51 2.44
C SER A 78 6.70 1.98 2.09
N CYS A 79 6.06 2.71 3.00
CA CYS A 79 5.79 4.13 2.79
C CYS A 79 6.77 4.98 3.61
N VAL A 80 7.74 5.57 2.91
CA VAL A 80 8.74 6.41 3.57
C VAL A 80 8.32 7.87 3.56
N CYS A 81 8.73 8.61 4.59
CA CYS A 81 8.40 10.03 4.69
C CYS A 81 9.66 10.88 4.80
N GLY A 82 10.63 10.38 5.57
CA GLY A 82 11.88 11.12 5.74
C GLY A 82 12.91 10.30 6.49
N GLN A 83 12.69 10.13 7.79
CA GLN A 83 13.62 9.37 8.62
C GLN A 83 13.11 7.96 8.87
N GLU A 84 11.80 7.83 9.08
CA GLU A 84 11.19 6.53 9.32
C GLU A 84 10.18 6.19 8.23
N ARG A 85 9.63 4.98 8.30
CA ARG A 85 8.65 4.54 7.31
C ARG A 85 7.86 3.35 7.84
N THR A 86 6.81 2.97 7.11
CA THR A 86 5.97 1.84 7.50
C THR A 86 5.82 0.84 6.36
N SER A 87 5.44 -0.39 6.70
CA SER A 87 5.26 -1.44 5.70
C SER A 87 4.07 -2.31 6.05
N ALA A 88 3.55 -3.02 5.05
CA ALA A 88 2.41 -3.90 5.25
C ALA A 88 2.36 -4.99 4.18
N MET A 89 2.69 -6.21 4.56
CA MET A 89 2.68 -7.33 3.63
C MET A 89 1.37 -7.37 2.84
N LEU A 90 1.48 -7.27 1.52
CA LEU A 90 0.31 -7.30 0.65
C LEU A 90 0.13 -8.68 0.03
N THR A 91 -1.04 -9.29 0.27
CA THR A 91 -1.34 -10.59 -0.27
C THR A 91 -2.47 -10.52 -1.30
N VAL A 92 -2.16 -10.92 -2.53
CA VAL A 92 -3.14 -10.90 -3.61
C VAL A 92 -3.80 -12.26 -3.77
N ARG A 93 -5.03 -12.39 -3.28
CA ARG A 93 -5.78 -13.64 -3.37
C ARG A 93 -6.18 -13.92 -4.81
N ALA A 94 -5.48 -14.85 -5.45
CA ALA A 94 -5.77 -15.21 -6.83
C ALA A 94 -7.24 -15.58 -7.01
N LEU A 95 -7.90 -14.94 -7.97
CA LEU A 95 -9.31 -15.20 -8.24
C LEU A 95 -9.55 -16.68 -8.49
N PRO A 96 -10.79 -17.13 -8.25
CA PRO A 96 -11.19 -18.53 -8.45
C PRO A 96 -11.23 -18.91 -9.91
N ILE A 97 -10.15 -19.54 -10.38
CA ILE A 97 -10.07 -19.97 -11.77
C ILE A 97 -11.18 -20.96 -12.12
N LYS A 98 -11.07 -22.17 -11.58
CA LYS A 98 -12.06 -23.21 -11.83
C LYS A 98 -13.47 -22.68 -11.57
N PHE A 99 -14.45 -23.27 -12.26
CA PHE A 99 -15.84 -22.86 -12.10
C PHE A 99 -16.76 -24.07 -12.01
N THR A 100 -18.01 -23.84 -11.62
CA THR A 100 -18.98 -24.91 -11.49
C THR A 100 -18.41 -26.08 -10.71
N GLU A 101 -17.66 -25.78 -9.66
CA GLU A 101 -17.04 -26.81 -8.83
C GLU A 101 -18.10 -27.81 -8.33
N SER A 102 -17.64 -28.91 -7.75
CA SER A 102 -18.53 -29.94 -7.24
C SER A 102 -18.04 -30.47 -5.90
N GLY A 103 -18.86 -30.31 -4.88
CA GLY A 103 -18.49 -30.79 -3.55
C GLY A 103 -19.40 -30.25 -2.46
N PRO A 104 -19.83 -31.14 -1.56
CA PRO A 104 -20.72 -30.77 -0.45
C PRO A 104 -20.02 -29.90 0.59
N SER A 105 -20.05 -28.58 0.37
CA SER A 105 -19.40 -27.64 1.29
C SER A 105 -19.82 -27.93 2.73
N SER A 106 -18.93 -28.58 3.48
CA SER A 106 -19.21 -28.91 4.87
C SER A 106 -18.07 -28.43 5.77
N GLY A 107 -18.42 -28.06 7.00
CA GLY A 107 -17.42 -27.59 7.94
C GLY A 107 -18.04 -27.07 9.23
N GLY A 1 11.92 30.36 21.59
CA GLY A 1 13.29 30.22 22.04
C GLY A 1 14.09 29.25 21.20
N SER A 2 14.21 28.02 21.69
CA SER A 2 14.96 26.99 20.97
C SER A 2 14.25 26.59 19.69
N SER A 3 12.96 26.29 19.81
CA SER A 3 12.15 25.88 18.66
C SER A 3 12.40 26.81 17.48
N GLY A 4 12.40 26.24 16.28
CA GLY A 4 12.62 27.02 15.07
C GLY A 4 11.75 26.57 13.92
N SER A 5 11.80 25.28 13.61
CA SER A 5 11.02 24.73 12.51
C SER A 5 10.40 23.39 12.91
N SER A 6 9.32 23.03 12.22
CA SER A 6 8.63 21.77 12.51
C SER A 6 9.62 20.61 12.55
N GLY A 7 10.41 20.47 11.49
CA GLY A 7 11.37 19.39 11.43
C GLY A 7 10.85 18.17 10.69
N PRO A 8 11.50 17.02 10.92
CA PRO A 8 11.11 15.76 10.28
C PRO A 8 9.78 15.23 10.82
N ALA A 9 9.16 14.33 10.06
CA ALA A 9 7.88 13.74 10.46
C ALA A 9 8.01 12.24 10.62
N ARG A 10 7.39 11.71 11.68
CA ARG A 10 7.43 10.27 11.95
C ARG A 10 6.04 9.65 11.83
N PHE A 11 5.99 8.43 11.33
CA PHE A 11 4.72 7.73 11.16
C PHE A 11 4.12 7.34 12.51
N ILE A 12 3.13 8.10 12.96
CA ILE A 12 2.48 7.83 14.23
C ILE A 12 1.61 6.58 14.16
N GLU A 13 1.08 6.31 12.97
CA GLU A 13 0.23 5.14 12.76
C GLU A 13 0.75 4.29 11.62
N ASP A 14 0.90 2.99 11.87
CA ASP A 14 1.39 2.06 10.86
C ASP A 14 0.23 1.45 10.07
N VAL A 15 0.35 1.47 8.74
CA VAL A 15 -0.69 0.92 7.88
C VAL A 15 -0.99 -0.53 8.24
N LYS A 16 -2.17 -1.00 7.84
CA LYS A 16 -2.58 -2.37 8.12
C LYS A 16 -2.31 -3.27 6.92
N ASN A 17 -2.06 -4.55 7.19
CA ASN A 17 -1.80 -5.52 6.13
C ASN A 17 -2.79 -5.36 4.98
N GLN A 18 -2.29 -5.47 3.76
CA GLN A 18 -3.13 -5.34 2.57
C GLN A 18 -3.52 -6.71 2.02
N GLU A 19 -4.78 -6.86 1.66
CA GLU A 19 -5.28 -8.12 1.12
C GLU A 19 -6.46 -7.89 0.18
N ALA A 20 -6.30 -8.29 -1.08
CA ALA A 20 -7.35 -8.12 -2.07
C ALA A 20 -7.25 -9.19 -3.16
N ARG A 21 -8.39 -9.62 -3.68
CA ARG A 21 -8.43 -10.63 -4.72
C ARG A 21 -7.89 -10.07 -6.03
N GLU A 22 -7.23 -10.93 -6.80
CA GLU A 22 -6.65 -10.53 -8.08
C GLU A 22 -7.61 -9.61 -8.84
N GLY A 23 -7.05 -8.70 -9.63
CA GLY A 23 -7.86 -7.78 -10.39
C GLY A 23 -8.54 -6.74 -9.52
N ALA A 24 -7.89 -6.38 -8.42
CA ALA A 24 -8.43 -5.39 -7.49
C ALA A 24 -7.48 -4.22 -7.31
N THR A 25 -7.88 -3.25 -6.49
CA THR A 25 -7.05 -2.07 -6.24
C THR A 25 -6.76 -1.93 -4.75
N ALA A 26 -5.55 -2.30 -4.35
CA ALA A 26 -5.15 -2.20 -2.95
C ALA A 26 -5.24 -0.77 -2.45
N VAL A 27 -5.31 -0.61 -1.13
CA VAL A 27 -5.40 0.71 -0.52
C VAL A 27 -4.60 0.77 0.78
N LEU A 28 -3.51 1.53 0.75
CA LEU A 28 -2.66 1.68 1.93
C LEU A 28 -2.79 3.06 2.53
N GLN A 29 -3.37 3.13 3.73
CA GLN A 29 -3.56 4.40 4.41
C GLN A 29 -2.66 4.50 5.65
N CYS A 30 -2.10 5.68 5.87
CA CYS A 30 -1.22 5.90 7.02
C CYS A 30 -1.40 7.30 7.57
N GLU A 31 -0.77 7.57 8.72
CA GLU A 31 -0.86 8.88 9.35
C GLU A 31 0.52 9.35 9.82
N LEU A 32 0.71 10.66 9.83
CA LEU A 32 1.98 11.24 10.25
C LEU A 32 1.77 12.21 11.41
N ASN A 33 2.79 12.35 12.25
CA ASN A 33 2.72 13.24 13.41
C ASN A 33 2.62 14.70 12.96
N SER A 34 3.09 14.97 11.75
CA SER A 34 3.06 16.33 11.20
C SER A 34 2.95 16.28 9.67
N ALA A 35 2.18 17.22 9.12
CA ALA A 35 2.00 17.30 7.68
C ALA A 35 3.33 17.21 6.95
N ALA A 36 3.49 16.16 6.15
CA ALA A 36 4.71 15.94 5.40
C ALA A 36 4.50 14.92 4.28
N PRO A 37 5.33 15.01 3.23
CA PRO A 37 5.26 14.11 2.08
C PRO A 37 5.70 12.70 2.42
N VAL A 38 5.61 11.79 1.45
CA VAL A 38 5.99 10.41 1.66
C VAL A 38 6.39 9.74 0.34
N GLU A 39 6.74 8.47 0.41
CA GLU A 39 7.14 7.73 -0.79
C GLU A 39 6.84 6.23 -0.62
N TRP A 40 5.82 5.77 -1.33
CA TRP A 40 5.43 4.36 -1.26
C TRP A 40 6.39 3.48 -2.04
N ARG A 41 7.04 2.55 -1.36
CA ARG A 41 8.00 1.65 -1.99
C ARG A 41 7.44 0.24 -2.08
N LYS A 42 8.19 -0.65 -2.72
CA LYS A 42 7.76 -2.04 -2.87
C LYS A 42 8.91 -2.90 -3.40
N GLY A 43 9.49 -3.70 -2.52
CA GLY A 43 10.59 -4.57 -2.90
C GLY A 43 11.85 -3.79 -3.23
N SER A 44 12.22 -2.88 -2.34
CA SER A 44 13.42 -2.06 -2.53
C SER A 44 13.26 -1.17 -3.77
N GLU A 45 12.03 -0.80 -4.07
CA GLU A 45 11.75 0.04 -5.23
C GLU A 45 11.04 1.33 -4.80
N THR A 46 10.80 2.22 -5.76
CA THR A 46 10.14 3.48 -5.48
C THR A 46 8.91 3.66 -6.37
N LEU A 47 7.73 3.61 -5.76
CA LEU A 47 6.48 3.77 -6.50
C LEU A 47 6.26 5.23 -6.88
N ARG A 48 5.32 5.45 -7.81
CA ARG A 48 5.01 6.80 -8.26
C ARG A 48 3.55 6.91 -8.68
N ASP A 49 2.97 8.09 -8.51
CA ASP A 49 1.57 8.32 -8.88
C ASP A 49 1.42 8.45 -10.38
N GLY A 50 0.37 7.85 -10.92
CA GLY A 50 0.13 7.90 -12.36
C GLY A 50 -1.30 7.51 -12.72
N ASP A 51 -1.42 6.45 -13.50
CA ASP A 51 -2.74 5.96 -13.93
C ASP A 51 -3.21 4.82 -13.04
N ARG A 52 -2.49 3.70 -13.10
CA ARG A 52 -2.83 2.53 -12.30
C ARG A 52 -2.67 2.82 -10.80
N TYR A 53 -1.71 3.68 -10.48
CA TYR A 53 -1.44 4.04 -9.09
C TYR A 53 -2.07 5.37 -8.75
N SER A 54 -2.21 5.64 -7.45
CA SER A 54 -2.81 6.89 -6.99
C SER A 54 -2.32 7.23 -5.58
N LEU A 55 -1.42 8.21 -5.50
CA LEU A 55 -0.88 8.63 -4.22
C LEU A 55 -1.55 9.92 -3.73
N ARG A 56 -2.48 9.78 -2.79
CA ARG A 56 -3.19 10.93 -2.26
C ARG A 56 -2.66 11.29 -0.87
N GLN A 57 -3.17 12.38 -0.31
CA GLN A 57 -2.75 12.84 1.01
C GLN A 57 -3.67 13.94 1.53
N ASP A 58 -4.00 13.88 2.82
CA ASP A 58 -4.87 14.88 3.43
C ASP A 58 -4.24 15.42 4.71
N GLY A 59 -3.27 16.32 4.55
CA GLY A 59 -2.61 16.90 5.72
C GLY A 59 -1.49 16.03 6.24
N THR A 60 -1.82 15.10 7.12
CA THR A 60 -0.83 14.20 7.69
C THR A 60 -1.07 12.76 7.25
N LYS A 61 -2.29 12.46 6.85
CA LYS A 61 -2.65 11.12 6.40
C LYS A 61 -2.34 10.95 4.92
N CYS A 62 -1.98 9.72 4.54
CA CYS A 62 -1.67 9.41 3.15
C CYS A 62 -2.49 8.24 2.63
N GLU A 63 -2.44 8.01 1.33
CA GLU A 63 -3.18 6.92 0.72
C GLU A 63 -2.59 6.54 -0.64
N LEU A 64 -2.32 5.25 -0.82
CA LEU A 64 -1.74 4.76 -2.07
C LEU A 64 -2.56 3.60 -2.62
N GLN A 65 -3.10 3.77 -3.82
CA GLN A 65 -3.90 2.73 -4.46
C GLN A 65 -3.15 2.11 -5.63
N ILE A 66 -3.21 0.79 -5.72
CA ILE A 66 -2.54 0.07 -6.79
C ILE A 66 -3.53 -0.70 -7.66
N ARG A 67 -3.95 -0.07 -8.74
CA ARG A 67 -4.91 -0.69 -9.66
C ARG A 67 -4.22 -1.73 -10.53
N GLY A 68 -4.85 -2.89 -10.66
CA GLY A 68 -4.29 -3.95 -11.47
C GLY A 68 -3.51 -4.96 -10.65
N LEU A 69 -4.06 -5.36 -9.52
CA LEU A 69 -3.40 -6.32 -8.63
C LEU A 69 -3.25 -7.68 -9.32
N ALA A 70 -2.18 -8.38 -8.99
CA ALA A 70 -1.92 -9.69 -9.57
C ALA A 70 -0.95 -10.50 -8.69
N MET A 71 -0.77 -11.77 -9.03
CA MET A 71 0.13 -12.64 -8.29
C MET A 71 1.52 -12.03 -8.19
N ALA A 72 1.90 -11.26 -9.21
CA ALA A 72 3.21 -10.62 -9.23
C ALA A 72 3.27 -9.47 -8.23
N ASP A 73 2.19 -8.69 -8.17
CA ASP A 73 2.12 -7.55 -7.26
C ASP A 73 2.38 -7.99 -5.82
N THR A 74 1.93 -9.21 -5.49
CA THR A 74 2.11 -9.74 -4.15
C THR A 74 3.53 -9.50 -3.65
N GLY A 75 3.68 -8.54 -2.74
CA GLY A 75 5.00 -8.23 -2.20
C GLY A 75 4.91 -7.45 -0.91
N GLU A 76 5.96 -6.67 -0.63
CA GLU A 76 6.00 -5.86 0.58
C GLU A 76 6.21 -4.38 0.24
N TYR A 77 5.32 -3.54 0.75
CA TYR A 77 5.41 -2.10 0.50
C TYR A 77 5.84 -1.35 1.76
N SER A 78 6.52 -0.23 1.57
CA SER A 78 6.98 0.58 2.69
C SER A 78 6.79 2.07 2.40
N CYS A 79 6.03 2.73 3.25
CA CYS A 79 5.77 4.16 3.10
C CYS A 79 6.84 4.99 3.80
N VAL A 80 7.78 5.50 3.01
CA VAL A 80 8.87 6.32 3.55
C VAL A 80 8.48 7.79 3.58
N CYS A 81 8.80 8.45 4.69
CA CYS A 81 8.49 9.86 4.85
C CYS A 81 9.75 10.68 5.08
N GLY A 82 10.88 10.18 4.58
CA GLY A 82 12.14 10.87 4.76
C GLY A 82 13.15 10.05 5.53
N GLN A 83 12.92 9.91 6.83
CA GLN A 83 13.83 9.15 7.68
C GLN A 83 13.18 7.83 8.13
N GLU A 84 11.91 7.91 8.52
CA GLU A 84 11.18 6.73 8.97
C GLU A 84 10.25 6.22 7.87
N ARG A 85 9.71 5.02 8.06
CA ARG A 85 8.82 4.42 7.09
C ARG A 85 8.10 3.21 7.68
N THR A 86 6.94 2.88 7.14
CA THR A 86 6.15 1.75 7.61
C THR A 86 6.21 0.59 6.63
N SER A 87 5.44 -0.46 6.90
CA SER A 87 5.41 -1.64 6.04
C SER A 87 4.13 -2.44 6.26
N ALA A 88 3.66 -3.10 5.21
CA ALA A 88 2.45 -3.90 5.28
C ALA A 88 2.39 -4.91 4.15
N MET A 89 2.56 -6.19 4.48
CA MET A 89 2.52 -7.25 3.48
C MET A 89 1.22 -7.20 2.68
N LEU A 90 1.34 -7.28 1.36
CA LEU A 90 0.18 -7.24 0.48
C LEU A 90 -0.04 -8.59 -0.19
N THR A 91 -1.13 -9.25 0.15
CA THR A 91 -1.45 -10.55 -0.43
C THR A 91 -2.53 -10.43 -1.50
N VAL A 92 -2.26 -10.97 -2.68
CA VAL A 92 -3.20 -10.92 -3.78
C VAL A 92 -3.84 -12.29 -4.02
N ARG A 93 -4.94 -12.55 -3.33
CA ARG A 93 -5.65 -13.82 -3.46
C ARG A 93 -6.08 -14.05 -4.91
N ALA A 94 -5.44 -15.02 -5.56
CA ALA A 94 -5.74 -15.34 -6.95
C ALA A 94 -7.22 -15.70 -7.11
N LEU A 95 -7.88 -15.08 -8.08
CA LEU A 95 -9.29 -15.32 -8.34
C LEU A 95 -9.49 -16.75 -8.86
N PRO A 96 -10.61 -17.37 -8.43
CA PRO A 96 -10.95 -18.74 -8.85
C PRO A 96 -11.34 -18.81 -10.32
N ILE A 97 -10.46 -19.37 -11.14
CA ILE A 97 -10.71 -19.51 -12.56
C ILE A 97 -11.64 -20.68 -12.84
N LYS A 98 -12.71 -20.78 -12.07
CA LYS A 98 -13.69 -21.85 -12.22
C LYS A 98 -15.05 -21.43 -11.70
N PHE A 99 -16.09 -21.72 -12.47
CA PHE A 99 -17.46 -21.38 -12.09
C PHE A 99 -17.91 -22.19 -10.87
N THR A 100 -18.97 -21.74 -10.23
CA THR A 100 -19.49 -22.43 -9.05
C THR A 100 -19.93 -23.84 -9.40
N GLU A 101 -20.60 -23.99 -10.54
CA GLU A 101 -21.08 -25.31 -10.97
C GLU A 101 -20.02 -26.00 -11.83
N SER A 102 -20.36 -27.18 -12.33
CA SER A 102 -19.45 -27.95 -13.16
C SER A 102 -18.20 -28.36 -12.37
N GLY A 103 -18.41 -28.84 -11.15
CA GLY A 103 -17.30 -29.25 -10.31
C GLY A 103 -17.45 -30.67 -9.81
N PRO A 104 -16.32 -31.38 -9.69
CA PRO A 104 -16.31 -32.77 -9.21
C PRO A 104 -16.65 -32.88 -7.73
N SER A 105 -16.90 -31.74 -7.10
CA SER A 105 -17.24 -31.70 -5.68
C SER A 105 -18.29 -32.75 -5.35
N SER A 106 -18.61 -32.88 -4.06
CA SER A 106 -19.59 -33.85 -3.61
C SER A 106 -20.76 -33.93 -4.59
N GLY A 107 -21.44 -32.81 -4.79
CA GLY A 107 -22.57 -32.78 -5.70
C GLY A 107 -23.89 -32.59 -4.99
N GLY A 1 8.39 15.62 19.53
CA GLY A 1 9.64 15.22 20.15
C GLY A 1 10.00 16.08 21.35
N SER A 2 10.58 17.24 21.09
CA SER A 2 10.97 18.15 22.16
C SER A 2 10.36 19.53 21.95
N SER A 3 10.01 20.18 23.06
CA SER A 3 9.40 21.50 23.00
C SER A 3 10.19 22.43 22.07
N GLY A 4 9.64 22.68 20.89
CA GLY A 4 10.29 23.55 19.93
C GLY A 4 10.24 22.99 18.53
N SER A 5 11.38 23.00 17.84
CA SER A 5 11.45 22.51 16.47
C SER A 5 11.22 21.00 16.43
N SER A 6 10.81 20.50 15.26
CA SER A 6 10.55 19.08 15.09
C SER A 6 11.47 18.48 14.02
N GLY A 7 11.60 19.19 12.90
CA GLY A 7 12.45 18.72 11.83
C GLY A 7 11.76 17.68 10.97
N PRO A 8 12.30 16.44 10.99
CA PRO A 8 11.74 15.32 10.22
C PRO A 8 10.40 14.86 10.76
N ALA A 9 9.65 14.15 9.92
CA ALA A 9 8.34 13.65 10.30
C ALA A 9 8.40 12.15 10.59
N ARG A 10 7.58 11.71 11.55
CA ARG A 10 7.54 10.29 11.92
C ARG A 10 6.14 9.72 11.73
N PHE A 11 6.06 8.49 11.25
CA PHE A 11 4.79 7.83 11.02
C PHE A 11 4.14 7.42 12.34
N ILE A 12 3.30 8.29 12.88
CA ILE A 12 2.62 8.01 14.14
C ILE A 12 1.75 6.75 14.03
N GLU A 13 1.23 6.50 12.84
CA GLU A 13 0.39 5.34 12.60
C GLU A 13 0.97 4.45 11.51
N ASP A 14 1.02 3.15 11.78
CA ASP A 14 1.56 2.19 10.81
C ASP A 14 0.44 1.46 10.08
N VAL A 15 0.50 1.47 8.76
CA VAL A 15 -0.52 0.80 7.95
C VAL A 15 -0.70 -0.65 8.37
N LYS A 16 -1.73 -1.30 7.83
CA LYS A 16 -2.01 -2.69 8.16
C LYS A 16 -1.77 -3.59 6.96
N ASN A 17 -2.02 -4.88 7.12
CA ASN A 17 -1.82 -5.85 6.05
C ASN A 17 -2.79 -5.59 4.90
N GLN A 18 -2.31 -5.76 3.68
CA GLN A 18 -3.15 -5.54 2.50
C GLN A 18 -3.59 -6.87 1.90
N GLU A 19 -4.88 -6.97 1.58
CA GLU A 19 -5.43 -8.20 1.01
C GLU A 19 -6.55 -7.87 0.02
N ALA A 20 -6.43 -8.40 -1.20
CA ALA A 20 -7.43 -8.16 -2.23
C ALA A 20 -7.34 -9.21 -3.33
N ARG A 21 -8.49 -9.71 -3.77
CA ARG A 21 -8.54 -10.72 -4.82
C ARG A 21 -8.03 -10.16 -6.14
N GLU A 22 -7.34 -11.00 -6.90
CA GLU A 22 -6.79 -10.58 -8.19
C GLU A 22 -7.78 -9.69 -8.94
N GLY A 23 -7.25 -8.78 -9.75
CA GLY A 23 -8.10 -7.87 -10.50
C GLY A 23 -8.73 -6.80 -9.63
N ALA A 24 -8.11 -6.53 -8.49
CA ALA A 24 -8.61 -5.52 -7.57
C ALA A 24 -7.60 -4.39 -7.39
N THR A 25 -7.92 -3.46 -6.50
CA THR A 25 -7.05 -2.32 -6.22
C THR A 25 -6.77 -2.19 -4.73
N ALA A 26 -5.54 -2.52 -4.34
CA ALA A 26 -5.14 -2.43 -2.94
C ALA A 26 -5.24 -1.00 -2.42
N VAL A 27 -5.34 -0.86 -1.11
CA VAL A 27 -5.44 0.46 -0.49
C VAL A 27 -4.62 0.53 0.80
N LEU A 28 -3.62 1.40 0.81
CA LEU A 28 -2.76 1.57 1.96
C LEU A 28 -2.89 2.97 2.55
N GLN A 29 -3.33 3.05 3.81
CA GLN A 29 -3.50 4.32 4.48
C GLN A 29 -2.59 4.42 5.70
N CYS A 30 -2.05 5.62 5.92
CA CYS A 30 -1.16 5.85 7.06
C CYS A 30 -1.28 7.29 7.56
N GLU A 31 -0.66 7.56 8.71
CA GLU A 31 -0.71 8.90 9.29
C GLU A 31 0.70 9.40 9.59
N LEU A 32 0.83 10.72 9.73
CA LEU A 32 2.13 11.33 10.00
C LEU A 32 2.04 12.26 11.21
N ASN A 33 3.11 12.33 11.98
CA ASN A 33 3.16 13.18 13.16
C ASN A 33 3.04 14.66 12.77
N SER A 34 3.26 14.94 11.49
CA SER A 34 3.18 16.31 10.98
C SER A 34 3.05 16.32 9.47
N ALA A 35 2.37 17.35 8.95
CA ALA A 35 2.16 17.48 7.51
C ALA A 35 3.47 17.34 6.76
N ALA A 36 3.64 16.21 6.06
CA ALA A 36 4.85 15.96 5.30
C ALA A 36 4.60 14.97 4.18
N PRO A 37 5.39 15.05 3.11
CA PRO A 37 5.26 14.17 1.94
C PRO A 37 5.69 12.74 2.26
N VAL A 38 5.53 11.85 1.29
CA VAL A 38 5.90 10.44 1.46
C VAL A 38 6.29 9.81 0.13
N GLU A 39 6.91 8.64 0.21
CA GLU A 39 7.34 7.93 -0.99
C GLU A 39 6.98 6.44 -0.91
N TRP A 40 5.81 6.10 -1.42
CA TRP A 40 5.35 4.71 -1.40
C TRP A 40 6.31 3.81 -2.17
N ARG A 41 6.97 2.91 -1.45
CA ARG A 41 7.92 1.98 -2.06
C ARG A 41 7.30 0.60 -2.22
N LYS A 42 8.09 -0.34 -2.72
CA LYS A 42 7.62 -1.70 -2.92
C LYS A 42 8.78 -2.64 -3.26
N GLY A 43 8.78 -3.82 -2.67
CA GLY A 43 9.84 -4.78 -2.92
C GLY A 43 11.18 -4.12 -3.13
N SER A 44 11.46 -3.09 -2.36
CA SER A 44 12.73 -2.36 -2.47
C SER A 44 12.74 -1.48 -3.72
N GLU A 45 11.62 -0.82 -3.98
CA GLU A 45 11.50 0.06 -5.13
C GLU A 45 10.64 1.29 -4.81
N THR A 46 10.86 2.36 -5.56
CA THR A 46 10.11 3.59 -5.36
C THR A 46 8.98 3.73 -6.36
N LEU A 47 7.77 3.99 -5.86
CA LEU A 47 6.61 4.15 -6.71
C LEU A 47 6.24 5.62 -6.87
N ARG A 48 5.33 5.90 -7.80
CA ARG A 48 4.89 7.26 -8.06
C ARG A 48 3.43 7.29 -8.53
N ASP A 49 2.72 8.34 -8.16
CA ASP A 49 1.32 8.48 -8.54
C ASP A 49 1.18 8.57 -10.05
N GLY A 50 0.21 7.86 -10.60
CA GLY A 50 -0.02 7.87 -12.04
C GLY A 50 -1.32 7.20 -12.42
N ASP A 51 -1.25 6.28 -13.38
CA ASP A 51 -2.43 5.57 -13.85
C ASP A 51 -2.75 4.39 -12.94
N ARG A 52 -1.78 3.52 -12.75
CA ARG A 52 -1.95 2.34 -11.90
C ARG A 52 -1.89 2.72 -10.42
N TYR A 53 -0.92 3.56 -10.08
CA TYR A 53 -0.75 4.00 -8.70
C TYR A 53 -1.52 5.29 -8.44
N SER A 54 -2.13 5.37 -7.26
CA SER A 54 -2.90 6.55 -6.89
C SER A 54 -2.57 6.99 -5.46
N LEU A 55 -1.70 7.98 -5.34
CA LEU A 55 -1.30 8.50 -4.04
C LEU A 55 -2.09 9.76 -3.68
N ARG A 56 -2.78 9.71 -2.54
CA ARG A 56 -3.58 10.85 -2.10
C ARG A 56 -3.23 11.21 -0.65
N GLN A 57 -2.88 12.47 -0.44
CA GLN A 57 -2.51 12.94 0.89
C GLN A 57 -3.35 14.17 1.28
N ASP A 58 -3.72 14.24 2.55
CA ASP A 58 -4.53 15.36 3.05
C ASP A 58 -3.97 15.88 4.36
N GLY A 59 -2.75 16.41 4.33
CA GLY A 59 -2.14 16.92 5.53
C GLY A 59 -1.22 15.91 6.19
N THR A 60 -1.76 15.15 7.14
CA THR A 60 -0.99 14.15 7.86
C THR A 60 -1.35 12.74 7.39
N LYS A 61 -2.52 12.61 6.78
CA LYS A 61 -2.99 11.32 6.29
C LYS A 61 -2.44 11.04 4.90
N CYS A 62 -2.23 9.77 4.59
CA CYS A 62 -1.70 9.38 3.29
C CYS A 62 -2.42 8.13 2.78
N GLU A 63 -2.55 8.04 1.45
CA GLU A 63 -3.22 6.90 0.83
C GLU A 63 -2.54 6.52 -0.49
N LEU A 64 -2.48 5.22 -0.75
CA LEU A 64 -1.86 4.72 -1.98
C LEU A 64 -2.60 3.50 -2.51
N GLN A 65 -3.19 3.65 -3.69
CA GLN A 65 -3.93 2.55 -4.32
C GLN A 65 -3.13 1.93 -5.45
N ILE A 66 -3.33 0.64 -5.67
CA ILE A 66 -2.63 -0.08 -6.73
C ILE A 66 -3.60 -0.75 -7.68
N ARG A 67 -3.87 -0.11 -8.82
CA ARG A 67 -4.78 -0.66 -9.81
C ARG A 67 -4.09 -1.71 -10.66
N GLY A 68 -4.65 -2.92 -10.67
CA GLY A 68 -4.08 -4.00 -11.45
C GLY A 68 -3.36 -5.01 -10.58
N LEU A 69 -4.03 -5.50 -9.55
CA LEU A 69 -3.44 -6.48 -8.64
C LEU A 69 -3.27 -7.83 -9.34
N ALA A 70 -2.15 -8.50 -9.06
CA ALA A 70 -1.87 -9.80 -9.65
C ALA A 70 -0.84 -10.56 -8.82
N MET A 71 -0.82 -11.88 -9.01
CA MET A 71 0.12 -12.73 -8.27
C MET A 71 1.50 -12.09 -8.19
N ALA A 72 1.86 -11.34 -9.22
CA ALA A 72 3.15 -10.67 -9.27
C ALA A 72 3.19 -9.49 -8.29
N ASP A 73 2.12 -8.70 -8.30
CA ASP A 73 2.04 -7.54 -7.41
C ASP A 73 2.25 -7.96 -5.96
N THR A 74 1.89 -9.19 -5.63
CA THR A 74 2.04 -9.70 -4.28
C THR A 74 3.46 -9.48 -3.76
N GLY A 75 3.61 -8.54 -2.83
CA GLY A 75 4.91 -8.24 -2.27
C GLY A 75 4.82 -7.44 -0.99
N GLU A 76 5.76 -6.52 -0.80
CA GLU A 76 5.78 -5.70 0.40
C GLU A 76 5.95 -4.22 0.05
N TYR A 77 5.12 -3.37 0.66
CA TYR A 77 5.18 -1.94 0.39
C TYR A 77 5.60 -1.18 1.65
N SER A 78 6.43 -0.15 1.46
CA SER A 78 6.91 0.66 2.57
C SER A 78 6.73 2.15 2.27
N CYS A 79 5.97 2.83 3.12
CA CYS A 79 5.72 4.26 2.95
C CYS A 79 6.73 5.08 3.75
N VAL A 80 7.69 5.67 3.03
CA VAL A 80 8.73 6.48 3.66
C VAL A 80 8.33 7.95 3.68
N CYS A 81 8.72 8.65 4.74
CA CYS A 81 8.39 10.07 4.89
C CYS A 81 9.68 10.91 4.94
N GLY A 82 10.69 10.37 5.60
CA GLY A 82 11.96 11.08 5.71
C GLY A 82 12.95 10.35 6.59
N GLN A 83 12.61 10.17 7.86
CA GLN A 83 13.49 9.48 8.80
C GLN A 83 12.97 8.08 9.09
N GLU A 84 11.66 7.94 9.18
CA GLU A 84 11.05 6.65 9.46
C GLU A 84 10.10 6.24 8.34
N ARG A 85 9.65 4.99 8.37
CA ARG A 85 8.75 4.47 7.35
C ARG A 85 8.00 3.24 7.86
N THR A 86 6.91 2.90 7.18
CA THR A 86 6.10 1.75 7.57
C THR A 86 6.24 0.62 6.55
N SER A 87 5.54 -0.48 6.81
CA SER A 87 5.59 -1.64 5.92
C SER A 87 4.38 -2.54 6.14
N ALA A 88 3.89 -3.15 5.06
CA ALA A 88 2.74 -4.04 5.14
C ALA A 88 2.67 -4.95 3.91
N MET A 89 2.77 -6.25 4.14
CA MET A 89 2.71 -7.22 3.06
C MET A 89 1.34 -7.20 2.38
N LEU A 90 1.34 -7.28 1.05
CA LEU A 90 0.10 -7.27 0.29
C LEU A 90 -0.14 -8.62 -0.38
N THR A 91 -1.15 -9.35 0.10
CA THR A 91 -1.48 -10.66 -0.45
C THR A 91 -2.56 -10.54 -1.51
N VAL A 92 -2.29 -11.09 -2.70
CA VAL A 92 -3.24 -11.06 -3.80
C VAL A 92 -3.90 -12.42 -4.00
N ARG A 93 -5.02 -12.63 -3.33
CA ARG A 93 -5.75 -13.90 -3.45
C ARG A 93 -6.25 -14.11 -4.87
N ALA A 94 -5.60 -15.02 -5.59
CA ALA A 94 -5.99 -15.32 -6.96
C ALA A 94 -7.49 -15.55 -7.08
N LEU A 95 -8.07 -15.08 -8.18
CA LEU A 95 -9.50 -15.24 -8.41
C LEU A 95 -9.83 -16.64 -8.93
N PRO A 96 -10.97 -17.18 -8.50
CA PRO A 96 -11.42 -18.51 -8.91
C PRO A 96 -11.85 -18.55 -10.36
N ILE A 97 -10.99 -19.12 -11.21
CA ILE A 97 -11.29 -19.23 -12.64
C ILE A 97 -12.56 -20.04 -12.88
N LYS A 98 -12.54 -21.30 -12.48
CA LYS A 98 -13.70 -22.16 -12.66
C LYS A 98 -14.94 -21.55 -12.03
N PHE A 99 -16.10 -21.77 -12.67
CA PHE A 99 -17.36 -21.23 -12.17
C PHE A 99 -18.17 -22.31 -11.46
N THR A 100 -19.33 -21.93 -10.96
CA THR A 100 -20.20 -22.86 -10.25
C THR A 100 -19.39 -23.77 -9.33
N GLU A 101 -18.41 -23.20 -8.66
CA GLU A 101 -17.56 -23.97 -7.75
C GLU A 101 -17.48 -23.30 -6.38
N SER A 102 -17.08 -24.07 -5.38
CA SER A 102 -16.96 -23.55 -4.02
C SER A 102 -16.03 -24.42 -3.19
N GLY A 103 -15.00 -23.80 -2.61
CA GLY A 103 -14.04 -24.53 -1.80
C GLY A 103 -12.63 -24.39 -2.30
N PRO A 104 -11.67 -24.32 -1.36
CA PRO A 104 -10.24 -24.18 -1.69
C PRO A 104 -9.67 -25.44 -2.33
N SER A 105 -10.15 -26.59 -1.87
CA SER A 105 -9.68 -27.87 -2.39
C SER A 105 -10.51 -28.31 -3.59
N SER A 106 -9.82 -28.79 -4.62
CA SER A 106 -10.50 -29.24 -5.84
C SER A 106 -9.54 -30.00 -6.75
N GLY A 107 -9.93 -31.21 -7.13
CA GLY A 107 -9.08 -32.02 -8.00
C GLY A 107 -9.65 -33.40 -8.22
N GLY A 1 0.95 30.44 20.26
CA GLY A 1 1.17 30.87 18.89
C GLY A 1 0.85 29.78 17.88
N SER A 2 1.88 29.22 17.27
CA SER A 2 1.70 28.16 16.28
C SER A 2 2.52 26.93 16.65
N SER A 3 2.25 25.82 15.97
CA SER A 3 2.95 24.57 16.23
C SER A 3 3.60 24.03 14.95
N GLY A 4 4.45 23.03 15.10
CA GLY A 4 5.12 22.45 13.95
C GLY A 4 6.28 21.55 14.35
N SER A 5 6.07 20.24 14.20
CA SER A 5 7.11 19.27 14.55
C SER A 5 8.49 19.76 14.13
N SER A 6 9.44 19.66 15.04
CA SER A 6 10.81 20.10 14.76
C SER A 6 11.61 18.99 14.08
N GLY A 7 11.91 19.19 12.80
CA GLY A 7 12.67 18.21 12.06
C GLY A 7 11.79 17.39 11.13
N PRO A 8 12.25 16.17 10.82
CA PRO A 8 11.52 15.26 9.92
C PRO A 8 10.24 14.72 10.57
N ALA A 9 9.31 14.27 9.73
CA ALA A 9 8.04 13.74 10.22
C ALA A 9 8.18 12.26 10.61
N ARG A 10 7.42 11.86 11.62
CA ARG A 10 7.47 10.48 12.09
C ARG A 10 6.10 9.81 11.93
N PHE A 11 6.10 8.60 11.39
CA PHE A 11 4.86 7.85 11.18
C PHE A 11 4.27 7.41 12.50
N ILE A 12 3.30 8.18 12.99
CA ILE A 12 2.64 7.86 14.26
C ILE A 12 1.83 6.57 14.15
N GLU A 13 1.32 6.30 12.96
CA GLU A 13 0.52 5.11 12.73
C GLU A 13 1.02 4.35 11.49
N ASP A 14 1.24 3.06 11.65
CA ASP A 14 1.71 2.23 10.54
C ASP A 14 0.54 1.60 9.80
N VAL A 15 0.64 1.58 8.47
CA VAL A 15 -0.41 1.01 7.64
C VAL A 15 -0.71 -0.44 8.03
N LYS A 16 -1.90 -0.91 7.69
CA LYS A 16 -2.30 -2.27 8.01
C LYS A 16 -2.05 -3.20 6.82
N ASN A 17 -1.86 -4.49 7.11
CA ASN A 17 -1.61 -5.48 6.05
C ASN A 17 -2.61 -5.31 4.92
N GLN A 18 -2.14 -5.53 3.69
CA GLN A 18 -2.99 -5.41 2.51
C GLN A 18 -3.36 -6.79 1.97
N GLU A 19 -4.59 -6.91 1.49
CA GLU A 19 -5.07 -8.17 0.94
C GLU A 19 -6.27 -7.95 0.02
N ALA A 20 -6.27 -8.62 -1.12
CA ALA A 20 -7.36 -8.50 -2.09
C ALA A 20 -7.22 -9.52 -3.20
N ARG A 21 -8.36 -9.93 -3.77
CA ARG A 21 -8.36 -10.90 -4.85
C ARG A 21 -7.82 -10.29 -6.15
N GLU A 22 -7.11 -11.10 -6.92
CA GLU A 22 -6.54 -10.63 -8.18
C GLU A 22 -7.54 -9.79 -8.96
N GLY A 23 -7.04 -8.74 -9.60
CA GLY A 23 -7.91 -7.87 -10.37
C GLY A 23 -8.65 -6.85 -9.50
N ALA A 24 -8.01 -6.47 -8.40
CA ALA A 24 -8.61 -5.51 -7.48
C ALA A 24 -7.70 -4.29 -7.29
N THR A 25 -8.17 -3.33 -6.50
CA THR A 25 -7.40 -2.12 -6.24
C THR A 25 -7.02 -2.01 -4.76
N ALA A 26 -5.75 -2.21 -4.47
CA ALA A 26 -5.27 -2.12 -3.09
C ALA A 26 -5.40 -0.71 -2.54
N VAL A 27 -5.29 -0.58 -1.23
CA VAL A 27 -5.41 0.73 -0.57
C VAL A 27 -4.57 0.77 0.70
N LEU A 28 -3.54 1.60 0.70
CA LEU A 28 -2.67 1.75 1.86
C LEU A 28 -2.79 3.14 2.46
N GLN A 29 -3.26 3.21 3.71
CA GLN A 29 -3.42 4.48 4.39
C GLN A 29 -2.50 4.56 5.61
N CYS A 30 -1.97 5.75 5.87
CA CYS A 30 -1.07 5.96 7.00
C CYS A 30 -1.27 7.35 7.61
N GLU A 31 -0.67 7.57 8.77
CA GLU A 31 -0.78 8.86 9.45
C GLU A 31 0.59 9.35 9.91
N LEU A 32 0.81 10.66 9.82
CA LEU A 32 2.07 11.25 10.23
C LEU A 32 1.86 12.21 11.40
N ASN A 33 2.87 12.31 12.27
CA ASN A 33 2.81 13.20 13.43
C ASN A 33 2.66 14.64 12.99
N SER A 34 3.08 14.93 11.76
CA SER A 34 3.00 16.29 11.23
C SER A 34 3.07 16.28 9.70
N ALA A 35 2.28 17.15 9.08
CA ALA A 35 2.26 17.24 7.62
C ALA A 35 3.63 16.94 7.02
N ALA A 36 3.69 15.93 6.15
CA ALA A 36 4.94 15.55 5.51
C ALA A 36 4.68 14.63 4.32
N PRO A 37 5.57 14.70 3.32
CA PRO A 37 5.46 13.88 2.11
C PRO A 37 5.74 12.41 2.38
N VAL A 38 5.61 11.58 1.34
CA VAL A 38 5.84 10.14 1.48
C VAL A 38 6.21 9.53 0.13
N GLU A 39 6.87 8.38 0.18
CA GLU A 39 7.28 7.69 -1.04
C GLU A 39 6.93 6.20 -0.96
N TRP A 40 5.68 5.87 -1.30
CA TRP A 40 5.22 4.49 -1.29
C TRP A 40 6.15 3.59 -2.08
N ARG A 41 6.77 2.63 -1.42
CA ARG A 41 7.68 1.70 -2.08
C ARG A 41 7.03 0.35 -2.29
N LYS A 42 7.77 -0.59 -2.85
CA LYS A 42 7.26 -1.93 -3.10
C LYS A 42 8.40 -2.91 -3.39
N GLY A 43 8.40 -4.03 -2.67
CA GLY A 43 9.44 -5.03 -2.86
C GLY A 43 10.79 -4.40 -3.14
N SER A 44 11.15 -3.39 -2.37
CA SER A 44 12.43 -2.70 -2.55
C SER A 44 12.42 -1.86 -3.82
N GLU A 45 11.39 -1.04 -3.96
CA GLU A 45 11.25 -0.18 -5.13
C GLU A 45 10.37 1.04 -4.82
N THR A 46 10.65 2.15 -5.48
CA THR A 46 9.87 3.37 -5.28
C THR A 46 8.70 3.46 -6.25
N LEU A 47 7.53 3.79 -5.73
CA LEU A 47 6.34 3.90 -6.56
C LEU A 47 6.06 5.36 -6.92
N ARG A 48 5.11 5.57 -7.83
CA ARG A 48 4.75 6.91 -8.27
C ARG A 48 3.28 6.98 -8.68
N ASP A 49 2.66 8.13 -8.45
CA ASP A 49 1.26 8.32 -8.79
C ASP A 49 1.09 8.52 -10.30
N GLY A 50 0.40 7.58 -10.94
CA GLY A 50 0.18 7.66 -12.36
C GLY A 50 -1.24 7.32 -12.75
N ASP A 51 -1.39 6.39 -13.69
CA ASP A 51 -2.71 5.97 -14.16
C ASP A 51 -3.27 4.87 -13.27
N ARG A 52 -2.48 3.82 -13.07
CA ARG A 52 -2.90 2.70 -12.24
C ARG A 52 -2.73 3.03 -10.75
N TYR A 53 -1.61 3.66 -10.41
CA TYR A 53 -1.33 4.01 -9.03
C TYR A 53 -1.97 5.35 -8.68
N SER A 54 -2.13 5.60 -7.38
CA SER A 54 -2.74 6.83 -6.91
C SER A 54 -2.25 7.18 -5.51
N LEU A 55 -1.36 8.17 -5.42
CA LEU A 55 -0.81 8.60 -4.14
C LEU A 55 -1.45 9.91 -3.69
N ARG A 56 -2.40 9.80 -2.77
CA ARG A 56 -3.08 10.98 -2.24
C ARG A 56 -2.57 11.35 -0.86
N GLN A 57 -3.08 12.43 -0.30
CA GLN A 57 -2.67 12.90 1.02
C GLN A 57 -3.56 14.03 1.51
N ASP A 58 -3.93 13.98 2.79
CA ASP A 58 -4.78 15.00 3.37
C ASP A 58 -4.16 15.54 4.66
N GLY A 59 -3.14 16.37 4.52
CA GLY A 59 -2.48 16.95 5.69
C GLY A 59 -1.40 16.03 6.24
N THR A 60 -1.79 15.15 7.16
CA THR A 60 -0.84 14.23 7.77
C THR A 60 -1.10 12.80 7.31
N LYS A 61 -2.31 12.53 6.88
CA LYS A 61 -2.70 11.20 6.42
C LYS A 61 -2.35 11.02 4.95
N CYS A 62 -1.99 9.81 4.56
CA CYS A 62 -1.63 9.51 3.18
C CYS A 62 -2.48 8.36 2.64
N GLU A 63 -2.36 8.11 1.34
CA GLU A 63 -3.12 7.03 0.70
C GLU A 63 -2.46 6.61 -0.61
N LEU A 64 -2.40 5.30 -0.84
CA LEU A 64 -1.79 4.77 -2.06
C LEU A 64 -2.62 3.62 -2.62
N GLN A 65 -3.14 3.81 -3.83
CA GLN A 65 -3.94 2.77 -4.47
C GLN A 65 -3.18 2.12 -5.63
N ILE A 66 -3.32 0.81 -5.75
CA ILE A 66 -2.64 0.07 -6.80
C ILE A 66 -3.65 -0.67 -7.69
N ARG A 67 -3.68 -0.30 -8.96
CA ARG A 67 -4.58 -0.92 -9.92
C ARG A 67 -3.91 -2.09 -10.63
N GLY A 68 -4.63 -3.20 -10.76
CA GLY A 68 -4.08 -4.36 -11.42
C GLY A 68 -3.36 -5.29 -10.46
N LEU A 69 -4.02 -5.64 -9.36
CA LEU A 69 -3.42 -6.53 -8.37
C LEU A 69 -3.22 -7.94 -8.94
N ALA A 70 -1.97 -8.28 -9.20
CA ALA A 70 -1.64 -9.60 -9.74
C ALA A 70 -0.62 -10.31 -8.86
N MET A 71 -0.48 -11.61 -9.08
CA MET A 71 0.47 -12.41 -8.30
C MET A 71 1.82 -11.70 -8.19
N ALA A 72 2.15 -10.92 -9.21
CA ALA A 72 3.41 -10.19 -9.22
C ALA A 72 3.42 -9.08 -8.18
N ASP A 73 2.30 -8.34 -8.10
CA ASP A 73 2.18 -7.25 -7.14
C ASP A 73 2.49 -7.73 -5.73
N THR A 74 2.13 -8.98 -5.44
CA THR A 74 2.37 -9.56 -4.13
C THR A 74 3.80 -9.32 -3.67
N GLY A 75 3.95 -8.57 -2.57
CA GLY A 75 5.27 -8.29 -2.04
C GLY A 75 5.22 -7.54 -0.73
N GLU A 76 6.03 -6.49 -0.60
CA GLU A 76 6.07 -5.70 0.62
C GLU A 76 6.22 -4.21 0.29
N TYR A 77 5.21 -3.43 0.65
CA TYR A 77 5.23 -2.00 0.40
C TYR A 77 5.63 -1.22 1.65
N SER A 78 6.40 -0.17 1.46
CA SER A 78 6.87 0.65 2.57
C SER A 78 6.70 2.14 2.26
N CYS A 79 6.00 2.86 3.13
CA CYS A 79 5.77 4.28 2.94
C CYS A 79 6.81 5.10 3.69
N VAL A 80 7.81 5.58 2.97
CA VAL A 80 8.88 6.38 3.56
C VAL A 80 8.55 7.87 3.50
N CYS A 81 8.77 8.57 4.61
CA CYS A 81 8.50 10.00 4.68
C CYS A 81 9.80 10.80 4.69
N GLY A 82 10.75 10.37 5.52
CA GLY A 82 12.02 11.06 5.62
C GLY A 82 13.05 10.26 6.40
N GLN A 83 12.80 10.07 7.69
CA GLN A 83 13.71 9.33 8.55
C GLN A 83 13.16 7.94 8.85
N GLU A 84 11.85 7.85 9.08
CA GLU A 84 11.21 6.58 9.38
C GLU A 84 10.18 6.22 8.31
N ARG A 85 9.68 5.00 8.36
CA ARG A 85 8.68 4.54 7.40
C ARG A 85 7.94 3.31 7.93
N THR A 86 6.86 2.94 7.25
CA THR A 86 6.06 1.79 7.65
C THR A 86 6.05 0.72 6.57
N SER A 87 5.31 -0.35 6.81
CA SER A 87 5.23 -1.45 5.85
C SER A 87 3.99 -2.30 6.11
N ALA A 88 3.47 -2.93 5.06
CA ALA A 88 2.29 -3.77 5.17
C ALA A 88 2.25 -4.82 4.07
N MET A 89 2.55 -6.06 4.43
CA MET A 89 2.56 -7.16 3.46
C MET A 89 1.26 -7.18 2.67
N LEU A 90 1.38 -7.23 1.34
CA LEU A 90 0.21 -7.26 0.46
C LEU A 90 0.04 -8.65 -0.16
N THR A 91 -1.10 -9.27 0.11
CA THR A 91 -1.39 -10.60 -0.42
C THR A 91 -2.45 -10.52 -1.52
N VAL A 92 -2.08 -10.95 -2.72
CA VAL A 92 -3.00 -10.94 -3.86
C VAL A 92 -3.55 -12.33 -4.13
N ARG A 93 -4.66 -12.66 -3.47
CA ARG A 93 -5.30 -13.97 -3.64
C ARG A 93 -5.70 -14.19 -5.09
N ALA A 94 -4.98 -15.05 -5.78
CA ALA A 94 -5.28 -15.35 -7.18
C ALA A 94 -6.72 -15.80 -7.35
N LEU A 95 -7.33 -15.38 -8.46
CA LEU A 95 -8.72 -15.74 -8.75
C LEU A 95 -8.83 -17.20 -9.16
N PRO A 96 -9.98 -17.82 -8.81
CA PRO A 96 -10.24 -19.23 -9.13
C PRO A 96 -10.45 -19.45 -10.62
N ILE A 97 -9.45 -20.02 -11.28
CA ILE A 97 -9.53 -20.29 -12.72
C ILE A 97 -10.68 -21.23 -13.03
N LYS A 98 -10.78 -22.33 -12.29
CA LYS A 98 -11.83 -23.30 -12.49
C LYS A 98 -12.15 -24.05 -11.19
N PHE A 99 -13.41 -24.05 -10.80
CA PHE A 99 -13.84 -24.72 -9.58
C PHE A 99 -14.23 -26.17 -9.87
N THR A 100 -13.22 -27.03 -10.01
CA THR A 100 -13.45 -28.44 -10.28
C THR A 100 -14.68 -28.64 -11.16
N GLU A 101 -14.87 -27.73 -12.11
CA GLU A 101 -16.02 -27.80 -13.01
C GLU A 101 -15.94 -29.05 -13.89
N SER A 102 -14.77 -29.31 -14.43
CA SER A 102 -14.55 -30.47 -15.29
C SER A 102 -13.48 -31.40 -14.71
N GLY A 103 -13.81 -32.68 -14.61
CA GLY A 103 -12.87 -33.65 -14.07
C GLY A 103 -13.39 -35.06 -14.13
N PRO A 104 -13.98 -35.53 -13.03
CA PRO A 104 -14.54 -36.88 -12.93
C PRO A 104 -15.79 -37.06 -13.78
N SER A 105 -16.36 -38.26 -13.75
CA SER A 105 -17.56 -38.55 -14.53
C SER A 105 -18.51 -39.44 -13.73
N SER A 106 -19.78 -39.45 -14.15
CA SER A 106 -20.79 -40.26 -13.47
C SER A 106 -20.57 -41.75 -13.74
N GLY A 107 -20.50 -42.53 -12.67
CA GLY A 107 -20.30 -43.96 -12.82
C GLY A 107 -21.10 -44.55 -13.96
#